data_1EGR
#
_entry.id   1EGR
#
_cell.length_a   1.000
_cell.length_b   1.000
_cell.length_c   1.000
_cell.angle_alpha   90.00
_cell.angle_beta   90.00
_cell.angle_gamma   90.00
#
_symmetry.space_group_name_H-M   'P 1'
#
_entity_poly.entity_id   1
_entity_poly.type   'polypeptide(L)'
_entity_poly.pdbx_seq_one_letter_code
;MQTVIFGRSGCPYCVRAKDLAEKLSNERDDFQYQYVDIRAEGITKEDLQQKAGKPVETVPQIFVDQQHIGGYTDFAAWVK
ENLDA
;
_entity_poly.pdbx_strand_id   A
#
# COMPACT_ATOMS: atom_id res chain seq x y z
N MET A 1 11.52 -0.74 -5.96
CA MET A 1 11.62 -0.38 -4.52
C MET A 1 10.70 -1.30 -3.71
N GLN A 2 10.44 -0.96 -2.47
CA GLN A 2 9.59 -1.80 -1.61
C GLN A 2 8.21 -1.16 -1.38
N THR A 3 7.25 -1.67 -2.08
CA THR A 3 5.86 -1.14 -1.93
C THR A 3 5.16 -2.03 -0.91
N VAL A 4 4.54 -1.42 0.05
CA VAL A 4 3.85 -2.22 1.09
C VAL A 4 2.36 -1.89 1.11
N ILE A 5 1.56 -2.93 1.16
CA ILE A 5 0.09 -2.76 1.22
C ILE A 5 -0.28 -3.14 2.66
N PHE A 6 -0.89 -2.22 3.36
CA PHE A 6 -1.34 -2.49 4.76
C PHE A 6 -2.86 -2.41 4.65
N GLY A 7 -3.48 -3.53 4.40
CA GLY A 7 -4.96 -3.50 4.23
C GLY A 7 -5.72 -4.50 5.09
N ARG A 8 -6.97 -4.65 4.75
CA ARG A 8 -7.86 -5.57 5.51
C ARG A 8 -8.26 -6.78 4.65
N SER A 9 -7.51 -7.85 4.80
CA SER A 9 -7.84 -9.09 4.03
C SER A 9 -9.30 -9.43 4.27
N GLY A 10 -9.97 -9.93 3.28
CA GLY A 10 -11.42 -10.26 3.44
C GLY A 10 -12.20 -9.30 2.56
N CYS A 11 -11.70 -8.10 2.48
CA CYS A 11 -12.37 -7.08 1.62
C CYS A 11 -11.63 -7.02 0.27
N PRO A 12 -12.37 -7.03 -0.83
CA PRO A 12 -11.78 -6.79 -2.18
C PRO A 12 -11.35 -5.32 -2.35
N TYR A 13 -10.58 -4.87 -1.41
CA TYR A 13 -10.09 -3.45 -1.46
C TYR A 13 -8.59 -3.49 -1.70
N CYS A 14 -7.87 -4.03 -0.74
CA CYS A 14 -6.39 -4.12 -0.84
C CYS A 14 -6.02 -4.84 -2.14
N VAL A 15 -6.91 -5.71 -2.53
CA VAL A 15 -6.71 -6.49 -3.79
C VAL A 15 -6.18 -5.56 -4.89
N ARG A 16 -6.76 -4.39 -5.00
CA ARG A 16 -6.29 -3.46 -6.07
C ARG A 16 -4.83 -3.04 -5.84
N ALA A 17 -4.54 -2.58 -4.66
CA ALA A 17 -3.14 -2.15 -4.36
C ALA A 17 -2.17 -3.32 -4.55
N LYS A 18 -2.54 -4.46 -4.03
CA LYS A 18 -1.65 -5.66 -4.18
C LYS A 18 -1.47 -5.95 -5.66
N ASP A 19 -2.57 -6.08 -6.36
CA ASP A 19 -2.50 -6.36 -7.82
C ASP A 19 -1.61 -5.33 -8.50
N LEU A 20 -1.91 -4.08 -8.29
CA LEU A 20 -1.09 -3.01 -8.92
C LEU A 20 0.37 -3.21 -8.51
N ALA A 21 0.65 -3.04 -7.24
CA ALA A 21 2.04 -3.20 -6.78
C ALA A 21 2.67 -4.48 -7.36
N GLU A 22 1.94 -5.54 -7.30
CA GLU A 22 2.43 -6.85 -7.82
C GLU A 22 2.78 -6.75 -9.30
N LYS A 23 1.80 -6.31 -10.03
CA LYS A 23 1.98 -6.18 -11.48
C LYS A 23 3.22 -5.33 -11.70
N LEU A 24 3.28 -4.22 -11.04
CA LEU A 24 4.48 -3.37 -11.18
C LEU A 24 5.70 -4.23 -10.88
N SER A 25 5.65 -4.91 -9.77
CA SER A 25 6.73 -5.84 -9.34
C SER A 25 7.24 -6.73 -10.49
N ASN A 26 6.39 -6.92 -11.46
CA ASN A 26 6.75 -7.77 -12.65
C ASN A 26 6.99 -6.90 -13.89
N GLU A 27 6.30 -5.79 -13.98
CA GLU A 27 6.47 -4.89 -15.16
C GLU A 27 7.86 -4.23 -15.05
N ARG A 28 8.25 -3.93 -13.84
CA ARG A 28 9.58 -3.30 -13.61
C ARG A 28 10.43 -4.22 -12.71
N ASP A 29 11.52 -4.66 -13.27
CA ASP A 29 12.45 -5.61 -12.55
C ASP A 29 13.10 -5.00 -11.30
N ASP A 30 12.73 -3.80 -10.96
CA ASP A 30 13.31 -3.13 -9.73
C ASP A 30 12.20 -2.92 -8.71
N PHE A 31 11.04 -3.47 -8.99
CA PHE A 31 9.88 -3.28 -8.09
C PHE A 31 9.51 -4.56 -7.32
N GLN A 32 9.38 -4.43 -6.02
CA GLN A 32 8.98 -5.59 -5.16
C GLN A 32 7.81 -5.11 -4.29
N TYR A 33 6.92 -5.98 -3.89
CA TYR A 33 5.79 -5.50 -3.04
C TYR A 33 5.57 -6.44 -1.85
N GLN A 34 4.92 -5.93 -0.84
CA GLN A 34 4.65 -6.76 0.38
C GLN A 34 3.19 -6.60 0.80
N TYR A 35 2.55 -7.69 1.12
CA TYR A 35 1.14 -7.60 1.60
C TYR A 35 1.17 -7.90 3.08
N VAL A 36 0.93 -6.90 3.86
CA VAL A 36 0.94 -7.08 5.32
C VAL A 36 -0.49 -6.77 5.80
N ASP A 37 -0.94 -7.52 6.75
CA ASP A 37 -2.32 -7.31 7.24
C ASP A 37 -2.31 -6.73 8.64
N ILE A 38 -3.37 -6.05 8.96
CA ILE A 38 -3.41 -5.45 10.32
C ILE A 38 -3.90 -6.42 11.38
N ARG A 39 -4.81 -7.30 11.03
CA ARG A 39 -5.27 -8.24 12.08
C ARG A 39 -4.54 -9.55 11.92
N ALA A 40 -4.67 -10.14 10.75
CA ALA A 40 -4.01 -11.45 10.47
C ALA A 40 -2.63 -11.52 11.08
N GLU A 41 -1.89 -10.43 11.02
CA GLU A 41 -0.52 -10.49 11.62
C GLU A 41 -0.49 -9.82 13.00
N GLY A 42 -1.24 -8.75 13.17
CA GLY A 42 -1.25 -8.11 14.52
C GLY A 42 -0.55 -6.75 14.54
N ILE A 43 -1.16 -5.79 13.93
CA ILE A 43 -0.58 -4.42 13.90
C ILE A 43 -1.57 -3.53 14.67
N THR A 44 -1.11 -2.42 15.19
CA THR A 44 -2.05 -1.53 15.94
C THR A 44 -2.37 -0.28 15.12
N LYS A 45 -3.63 0.09 15.11
CA LYS A 45 -4.02 1.32 14.36
C LYS A 45 -3.16 2.47 14.87
N GLU A 46 -2.81 2.40 16.12
CA GLU A 46 -1.95 3.46 16.72
C GLU A 46 -0.62 3.53 15.95
N ASP A 47 0.16 2.47 16.03
CA ASP A 47 1.47 2.42 15.30
C ASP A 47 1.33 2.86 13.85
N LEU A 48 0.37 2.28 13.20
CA LEU A 48 0.13 2.63 11.78
C LEU A 48 -0.22 4.12 11.68
N GLN A 49 -1.21 4.51 12.42
CA GLN A 49 -1.64 5.95 12.43
C GLN A 49 -0.38 6.81 12.52
N GLN A 50 0.48 6.41 13.40
CA GLN A 50 1.77 7.11 13.61
C GLN A 50 2.61 7.10 12.32
N LYS A 51 2.91 5.93 11.84
CA LYS A 51 3.76 5.80 10.60
C LYS A 51 3.10 6.25 9.31
N ALA A 52 1.80 6.36 9.31
CA ALA A 52 1.11 6.78 8.06
C ALA A 52 0.95 8.29 8.01
N GLY A 53 0.67 8.89 9.13
CA GLY A 53 0.49 10.37 9.14
C GLY A 53 -0.96 10.67 9.46
N LYS A 54 -1.38 10.16 10.61
CA LYS A 54 -2.80 10.34 11.10
C LYS A 54 -3.81 10.27 9.93
N PRO A 55 -4.07 9.05 9.46
CA PRO A 55 -5.18 8.78 8.52
C PRO A 55 -6.46 8.40 9.29
N VAL A 56 -6.59 9.02 10.43
CA VAL A 56 -7.78 8.83 11.32
C VAL A 56 -8.38 7.40 11.26
N GLU A 57 -9.47 7.25 10.56
CA GLU A 57 -10.15 5.91 10.48
C GLU A 57 -10.33 5.50 9.02
N THR A 58 -9.30 5.66 8.23
CA THR A 58 -9.42 5.29 6.78
C THR A 58 -8.46 4.17 6.33
N VAL A 59 -9.02 3.11 5.76
CA VAL A 59 -8.20 1.98 5.24
C VAL A 59 -8.73 1.63 3.85
N PRO A 60 -8.00 0.85 3.05
CA PRO A 60 -6.61 0.38 3.35
C PRO A 60 -5.59 1.46 3.04
N GLN A 61 -4.35 1.24 3.42
CA GLN A 61 -3.28 2.25 3.16
C GLN A 61 -2.07 1.62 2.47
N ILE A 62 -1.40 2.41 1.68
CA ILE A 62 -0.20 1.91 0.94
C ILE A 62 1.04 2.71 1.35
N PHE A 63 2.13 2.02 1.47
CA PHE A 63 3.42 2.65 1.85
C PHE A 63 4.43 2.40 0.75
N VAL A 64 5.39 3.29 0.66
CA VAL A 64 6.47 3.17 -0.36
C VAL A 64 7.80 3.34 0.39
N ASP A 65 8.44 2.24 0.66
CA ASP A 65 9.75 2.23 1.39
C ASP A 65 9.67 2.97 2.74
N GLN A 66 9.72 4.27 2.64
CA GLN A 66 9.68 5.14 3.85
C GLN A 66 8.49 6.12 3.84
N GLN A 67 7.97 6.45 2.68
CA GLN A 67 6.86 7.43 2.63
C GLN A 67 5.49 6.73 2.60
N HIS A 68 4.48 7.44 3.06
CA HIS A 68 3.10 6.88 3.05
C HIS A 68 2.40 7.55 1.87
N ILE A 69 1.61 6.82 1.14
CA ILE A 69 0.95 7.46 -0.04
C ILE A 69 -0.51 7.77 0.26
N GLY A 70 -1.17 6.87 0.89
CA GLY A 70 -2.61 7.09 1.21
C GLY A 70 -3.41 5.83 0.89
N GLY A 71 -4.47 5.98 0.14
CA GLY A 71 -5.32 4.80 -0.19
C GLY A 71 -5.06 4.36 -1.63
N TYR A 72 -5.72 3.30 -2.02
CA TYR A 72 -5.53 2.80 -3.41
C TYR A 72 -5.56 3.94 -4.44
N THR A 73 -6.38 4.93 -4.21
CA THR A 73 -6.44 6.08 -5.16
C THR A 73 -5.06 6.73 -5.26
N ASP A 74 -4.61 7.23 -4.14
CA ASP A 74 -3.28 7.89 -4.10
C ASP A 74 -2.23 6.94 -4.67
N PHE A 75 -2.36 5.69 -4.34
CA PHE A 75 -1.38 4.69 -4.87
C PHE A 75 -1.45 4.67 -6.40
N ALA A 76 -2.61 4.42 -6.94
CA ALA A 76 -2.75 4.38 -8.43
C ALA A 76 -2.21 5.68 -9.04
N ALA A 77 -2.67 6.80 -8.52
CA ALA A 77 -2.20 8.11 -9.05
C ALA A 77 -0.67 8.21 -8.89
N TRP A 78 -0.22 8.00 -7.68
CA TRP A 78 1.26 8.06 -7.43
C TRP A 78 1.97 7.24 -8.50
N VAL A 79 1.53 6.01 -8.62
CA VAL A 79 2.12 5.10 -9.63
C VAL A 79 2.12 5.79 -10.98
N LYS A 80 0.94 6.13 -11.44
CA LYS A 80 0.81 6.79 -12.77
C LYS A 80 1.86 7.90 -12.99
N GLU A 81 1.96 8.82 -12.06
CA GLU A 81 2.95 9.94 -12.27
C GLU A 81 4.35 9.63 -11.74
N ASN A 82 4.64 8.39 -11.47
CA ASN A 82 6.01 8.04 -10.97
C ASN A 82 6.62 6.93 -11.81
N LEU A 83 5.82 5.94 -12.10
CA LEU A 83 6.34 4.78 -12.90
C LEU A 83 5.88 4.87 -14.34
N ASP A 84 5.82 6.06 -14.84
CA ASP A 84 5.40 6.22 -16.26
C ASP A 84 6.69 6.15 -17.09
N ALA A 85 7.38 5.06 -16.85
CA ALA A 85 8.70 4.69 -17.48
C ALA A 85 9.47 3.83 -16.47
N MET A 1 10.72 0.06 -6.38
CA MET A 1 11.22 -0.11 -4.99
C MET A 1 10.29 -1.10 -4.25
N GLN A 2 10.40 -1.09 -2.94
CA GLN A 2 9.61 -1.96 -2.05
C GLN A 2 8.25 -1.29 -1.76
N THR A 3 7.19 -1.86 -2.27
CA THR A 3 5.84 -1.28 -2.02
C THR A 3 5.10 -2.14 -0.98
N VAL A 4 4.67 -1.54 0.11
CA VAL A 4 3.96 -2.34 1.15
C VAL A 4 2.51 -1.86 1.29
N ILE A 5 1.59 -2.78 1.26
CA ILE A 5 0.16 -2.42 1.41
C ILE A 5 -0.24 -2.86 2.82
N PHE A 6 -0.88 -1.99 3.54
CA PHE A 6 -1.36 -2.33 4.92
C PHE A 6 -2.86 -2.23 4.88
N GLY A 7 -3.51 -3.36 4.94
CA GLY A 7 -5.00 -3.36 4.87
C GLY A 7 -5.57 -4.46 5.76
N ARG A 8 -6.79 -4.81 5.49
CA ARG A 8 -7.43 -5.89 6.29
C ARG A 8 -7.66 -7.11 5.39
N SER A 9 -8.53 -7.96 5.86
CA SER A 9 -8.86 -9.20 5.11
C SER A 9 -10.38 -9.32 4.98
N GLY A 10 -10.84 -10.01 3.96
CA GLY A 10 -12.33 -10.19 3.81
C GLY A 10 -12.90 -9.56 2.54
N CYS A 11 -12.51 -8.35 2.21
CA CYS A 11 -13.09 -7.71 1.00
C CYS A 11 -12.09 -7.67 -0.18
N PRO A 12 -12.62 -7.78 -1.38
CA PRO A 12 -11.80 -7.64 -2.60
C PRO A 12 -11.60 -6.17 -2.97
N TYR A 13 -10.90 -5.47 -2.12
CA TYR A 13 -10.62 -4.02 -2.39
C TYR A 13 -9.12 -3.88 -2.63
N CYS A 14 -8.34 -3.98 -1.57
CA CYS A 14 -6.86 -3.87 -1.71
C CYS A 14 -6.40 -4.87 -2.76
N VAL A 15 -7.19 -5.90 -2.93
CA VAL A 15 -6.89 -6.94 -3.95
C VAL A 15 -6.39 -6.28 -5.24
N ARG A 16 -6.99 -5.18 -5.60
CA ARG A 16 -6.57 -4.51 -6.83
C ARG A 16 -5.24 -3.78 -6.61
N ALA A 17 -5.16 -2.98 -5.57
CA ALA A 17 -3.85 -2.27 -5.32
C ALA A 17 -2.73 -3.31 -5.30
N LYS A 18 -3.05 -4.47 -4.79
CA LYS A 18 -2.04 -5.57 -4.75
C LYS A 18 -1.77 -5.99 -6.19
N ASP A 19 -2.79 -6.41 -6.89
CA ASP A 19 -2.60 -6.82 -8.31
C ASP A 19 -1.74 -5.77 -9.03
N LEU A 20 -2.03 -4.53 -8.75
CA LEU A 20 -1.26 -3.40 -9.36
C LEU A 20 0.19 -3.51 -8.89
N ALA A 21 0.38 -3.36 -7.61
CA ALA A 21 1.77 -3.45 -7.04
C ALA A 21 2.50 -4.66 -7.64
N GLU A 22 1.80 -5.75 -7.66
CA GLU A 22 2.34 -7.03 -8.19
C GLU A 22 2.62 -6.88 -9.71
N LYS A 23 1.67 -6.28 -10.39
CA LYS A 23 1.84 -6.08 -11.86
C LYS A 23 3.12 -5.29 -12.06
N LEU A 24 3.16 -4.18 -11.39
CA LEU A 24 4.35 -3.30 -11.47
C LEU A 24 5.58 -4.15 -11.14
N SER A 25 5.43 -4.93 -10.10
CA SER A 25 6.55 -5.81 -9.69
C SER A 25 7.01 -6.72 -10.84
N ASN A 26 6.11 -6.98 -11.75
CA ASN A 26 6.43 -7.86 -12.92
C ASN A 26 6.60 -6.98 -14.19
N GLU A 27 6.63 -5.68 -13.98
CA GLU A 27 6.79 -4.70 -15.11
C GLU A 27 8.10 -3.89 -14.94
N ARG A 28 8.46 -3.64 -13.72
CA ARG A 28 9.71 -2.88 -13.43
C ARG A 28 10.74 -3.83 -12.81
N ASP A 29 12.00 -3.50 -12.99
CA ASP A 29 13.08 -4.37 -12.44
C ASP A 29 13.38 -4.00 -10.99
N ASP A 30 13.12 -2.77 -10.63
CA ASP A 30 13.39 -2.34 -9.22
C ASP A 30 12.10 -2.40 -8.39
N PHE A 31 11.09 -3.06 -8.91
CA PHE A 31 9.79 -3.10 -8.16
C PHE A 31 9.40 -4.49 -7.60
N GLN A 32 9.17 -4.47 -6.32
CA GLN A 32 8.72 -5.69 -5.56
C GLN A 32 7.74 -5.16 -4.51
N TYR A 33 6.85 -5.98 -4.01
CA TYR A 33 5.91 -5.44 -2.98
C TYR A 33 5.61 -6.48 -1.89
N GLN A 34 4.95 -5.98 -0.89
CA GLN A 34 4.55 -6.81 0.28
C GLN A 34 3.10 -6.44 0.69
N TYR A 35 2.36 -7.40 1.14
CA TYR A 35 0.97 -7.10 1.58
C TYR A 35 0.88 -7.56 3.03
N VAL A 36 0.55 -6.66 3.90
CA VAL A 36 0.45 -7.04 5.33
C VAL A 36 -0.99 -6.76 5.78
N ASP A 37 -1.53 -7.68 6.53
CA ASP A 37 -2.92 -7.52 7.04
C ASP A 37 -2.85 -7.08 8.51
N ILE A 38 -3.57 -6.04 8.82
CA ILE A 38 -3.55 -5.53 10.21
C ILE A 38 -3.84 -6.63 11.22
N ARG A 39 -4.58 -7.62 10.81
CA ARG A 39 -4.88 -8.72 11.75
C ARG A 39 -3.66 -9.65 11.77
N ALA A 40 -3.07 -9.90 10.62
CA ALA A 40 -1.86 -10.79 10.54
C ALA A 40 -0.94 -10.56 11.74
N GLU A 41 -0.57 -9.31 11.91
CA GLU A 41 0.32 -8.95 13.05
C GLU A 41 -0.44 -8.13 14.08
N GLY A 42 -1.67 -8.54 14.34
CA GLY A 42 -2.57 -7.87 15.34
C GLY A 42 -2.17 -6.43 15.65
N ILE A 43 -2.28 -5.59 14.66
CA ILE A 43 -1.89 -4.16 14.85
C ILE A 43 -3.12 -3.33 15.24
N THR A 44 -2.88 -2.17 15.78
CA THR A 44 -3.99 -1.27 16.21
C THR A 44 -4.03 -0.02 15.31
N LYS A 45 -4.98 0.86 15.54
CA LYS A 45 -5.05 2.09 14.68
C LYS A 45 -3.92 3.05 15.05
N GLU A 46 -3.82 3.38 16.31
CA GLU A 46 -2.74 4.31 16.77
C GLU A 46 -1.40 3.95 16.09
N ASP A 47 -1.01 2.70 16.21
CA ASP A 47 0.28 2.24 15.57
C ASP A 47 0.31 2.67 14.08
N LEU A 48 -0.68 2.22 13.36
CA LEU A 48 -0.80 2.55 11.89
C LEU A 48 -0.75 4.06 11.69
N GLN A 49 -1.48 4.77 12.49
CA GLN A 49 -1.49 6.26 12.38
C GLN A 49 -0.04 6.75 12.28
N GLN A 50 0.74 6.34 13.26
CA GLN A 50 2.19 6.70 13.32
C GLN A 50 2.89 6.44 11.98
N LYS A 51 2.39 5.46 11.28
CA LYS A 51 2.99 5.07 9.95
C LYS A 51 2.48 5.95 8.82
N ALA A 52 1.19 6.13 8.78
CA ALA A 52 0.56 6.93 7.69
C ALA A 52 0.76 8.44 7.82
N GLY A 53 0.54 8.95 8.99
CA GLY A 53 0.67 10.43 9.20
C GLY A 53 -0.73 10.98 9.45
N LYS A 54 -1.66 10.49 8.67
CA LYS A 54 -3.06 10.93 8.84
C LYS A 54 -3.67 10.06 9.96
N PRO A 55 -4.85 10.40 10.44
CA PRO A 55 -5.66 9.42 11.21
C PRO A 55 -5.87 8.17 10.35
N VAL A 56 -6.27 7.09 10.93
CA VAL A 56 -6.49 5.87 10.11
C VAL A 56 -7.92 5.36 10.33
N GLU A 57 -8.81 6.31 10.43
CA GLU A 57 -10.27 6.03 10.62
C GLU A 57 -10.66 4.65 10.05
N THR A 58 -10.51 4.53 8.76
CA THR A 58 -10.87 3.26 8.07
C THR A 58 -9.60 2.64 7.44
N VAL A 59 -9.80 1.86 6.41
CA VAL A 59 -8.66 1.23 5.69
C VAL A 59 -8.82 1.52 4.19
N PRO A 60 -7.86 1.11 3.38
CA PRO A 60 -6.48 0.73 3.78
C PRO A 60 -5.46 1.84 3.43
N GLN A 61 -4.19 1.52 3.57
CA GLN A 61 -3.10 2.51 3.24
C GLN A 61 -1.91 1.81 2.58
N ILE A 62 -1.20 2.54 1.76
CA ILE A 62 -0.02 1.98 1.05
C ILE A 62 1.20 2.85 1.33
N PHE A 63 2.30 2.18 1.47
CA PHE A 63 3.58 2.88 1.77
C PHE A 63 4.65 2.45 0.76
N VAL A 64 5.57 3.34 0.51
CA VAL A 64 6.67 3.04 -0.47
C VAL A 64 7.98 3.17 0.28
N ASP A 65 8.78 2.12 0.24
CA ASP A 65 10.07 2.15 0.98
C ASP A 65 9.77 2.42 2.45
N GLN A 66 9.84 3.67 2.82
CA GLN A 66 9.54 4.06 4.22
C GLN A 66 8.57 5.26 4.26
N GLN A 67 8.14 5.69 3.12
CA GLN A 67 7.22 6.86 3.04
C GLN A 67 5.77 6.36 2.92
N HIS A 68 4.83 7.26 3.11
CA HIS A 68 3.39 6.89 2.99
C HIS A 68 2.86 7.50 1.70
N ILE A 69 2.05 6.78 0.99
CA ILE A 69 1.51 7.34 -0.28
C ILE A 69 0.08 7.79 -0.02
N GLY A 70 -0.64 6.98 0.68
CA GLY A 70 -2.05 7.32 0.98
C GLY A 70 -2.88 6.05 0.88
N GLY A 71 -3.98 6.11 0.19
CA GLY A 71 -4.84 4.90 0.05
C GLY A 71 -4.89 4.46 -1.42
N TYR A 72 -5.69 3.46 -1.70
CA TYR A 72 -5.82 2.95 -3.10
C TYR A 72 -5.65 4.09 -4.13
N THR A 73 -6.45 5.11 -3.95
CA THR A 73 -6.41 6.30 -4.84
C THR A 73 -4.97 6.79 -5.04
N ASP A 74 -4.44 7.30 -3.97
CA ASP A 74 -3.06 7.84 -3.98
C ASP A 74 -2.08 6.82 -4.55
N PHE A 75 -2.27 5.57 -4.24
CA PHE A 75 -1.34 4.54 -4.79
C PHE A 75 -1.48 4.47 -6.31
N ALA A 76 -2.67 4.34 -6.80
CA ALA A 76 -2.86 4.25 -8.28
C ALA A 76 -2.26 5.49 -8.93
N ALA A 77 -2.61 6.63 -8.41
CA ALA A 77 -2.07 7.90 -8.99
C ALA A 77 -0.55 7.92 -8.82
N TRP A 78 -0.12 7.84 -7.59
CA TRP A 78 1.35 7.84 -7.28
C TRP A 78 2.04 6.95 -8.30
N VAL A 79 1.53 5.75 -8.43
CA VAL A 79 2.10 4.80 -9.41
C VAL A 79 2.15 5.49 -10.76
N LYS A 80 1.00 5.80 -11.29
CA LYS A 80 0.92 6.47 -12.63
C LYS A 80 1.83 7.70 -12.78
N GLU A 81 2.11 8.40 -11.72
CA GLU A 81 2.96 9.63 -11.83
C GLU A 81 4.39 9.43 -11.30
N ASN A 82 4.72 8.22 -10.96
CA ASN A 82 6.10 7.94 -10.44
C ASN A 82 6.73 6.78 -11.21
N LEU A 83 5.93 5.83 -11.56
CA LEU A 83 6.45 4.64 -12.29
C LEU A 83 6.04 4.72 -13.77
N ASP A 84 5.84 5.92 -14.23
CA ASP A 84 5.44 6.11 -15.64
C ASP A 84 6.70 6.08 -16.52
N ALA A 85 7.46 5.03 -16.37
CA ALA A 85 8.73 4.89 -17.15
C ALA A 85 8.71 3.56 -17.92
N MET A 1 12.10 -0.32 -6.33
CA MET A 1 12.06 -0.07 -4.86
C MET A 1 11.10 -1.06 -4.21
N GLN A 2 10.83 -0.84 -2.95
CA GLN A 2 9.90 -1.73 -2.20
C GLN A 2 8.59 -1.00 -1.95
N THR A 3 7.52 -1.72 -1.77
CA THR A 3 6.20 -1.10 -1.55
C THR A 3 5.42 -1.97 -0.54
N VAL A 4 4.66 -1.36 0.34
CA VAL A 4 3.93 -2.19 1.36
C VAL A 4 2.42 -1.88 1.40
N ILE A 5 1.60 -2.91 1.27
CA ILE A 5 0.12 -2.70 1.31
C ILE A 5 -0.40 -3.30 2.63
N PHE A 6 -1.17 -2.55 3.36
CA PHE A 6 -1.74 -3.07 4.63
C PHE A 6 -3.22 -3.23 4.37
N GLY A 7 -3.69 -4.45 4.33
CA GLY A 7 -5.13 -4.68 4.06
C GLY A 7 -5.79 -5.60 5.08
N ARG A 8 -6.71 -6.41 4.58
CA ARG A 8 -7.47 -7.37 5.45
C ARG A 8 -7.47 -8.78 4.82
N SER A 9 -8.30 -9.66 5.31
CA SER A 9 -8.34 -11.05 4.75
C SER A 9 -9.29 -11.14 3.55
N GLY A 10 -8.95 -10.45 2.49
CA GLY A 10 -9.82 -10.50 1.26
C GLY A 10 -10.72 -9.26 1.22
N CYS A 11 -10.09 -8.13 1.31
CA CYS A 11 -10.85 -6.86 1.28
C CYS A 11 -10.58 -6.20 -0.09
N PRO A 12 -11.51 -6.38 -1.01
CA PRO A 12 -11.24 -6.20 -2.48
C PRO A 12 -10.43 -4.93 -2.80
N TYR A 13 -10.44 -4.00 -1.90
CA TYR A 13 -9.70 -2.72 -2.15
C TYR A 13 -8.18 -2.90 -2.08
N CYS A 14 -7.70 -3.82 -1.28
CA CYS A 14 -6.22 -3.99 -1.23
C CYS A 14 -5.85 -4.90 -2.40
N VAL A 15 -6.76 -5.78 -2.75
CA VAL A 15 -6.51 -6.69 -3.90
C VAL A 15 -6.04 -5.88 -5.11
N ARG A 16 -6.77 -4.83 -5.41
CA ARG A 16 -6.39 -3.97 -6.58
C ARG A 16 -4.98 -3.40 -6.40
N ALA A 17 -4.73 -2.78 -5.28
CA ALA A 17 -3.35 -2.24 -5.06
C ALA A 17 -2.36 -3.37 -5.29
N LYS A 18 -2.62 -4.48 -4.63
CA LYS A 18 -1.75 -5.69 -4.77
C LYS A 18 -1.54 -5.98 -6.27
N ASP A 19 -2.61 -6.20 -6.99
CA ASP A 19 -2.50 -6.49 -8.45
C ASP A 19 -1.64 -5.43 -9.15
N LEU A 20 -1.99 -4.18 -8.95
CA LEU A 20 -1.22 -3.07 -9.56
C LEU A 20 0.25 -3.24 -9.22
N ALA A 21 0.56 -3.15 -7.96
CA ALA A 21 1.97 -3.30 -7.52
C ALA A 21 2.57 -4.52 -8.18
N GLU A 22 1.85 -5.61 -8.10
CA GLU A 22 2.29 -6.89 -8.73
C GLU A 22 2.58 -6.67 -10.21
N LYS A 23 1.72 -5.94 -10.84
CA LYS A 23 1.92 -5.70 -12.29
C LYS A 23 3.20 -4.92 -12.47
N LEU A 24 3.31 -3.81 -11.81
CA LEU A 24 4.58 -3.04 -11.94
C LEU A 24 5.69 -4.07 -11.72
N SER A 25 5.53 -4.84 -10.67
CA SER A 25 6.52 -5.92 -10.35
C SER A 25 6.85 -6.74 -11.61
N ASN A 26 5.85 -7.15 -12.32
CA ASN A 26 6.08 -7.97 -13.55
C ASN A 26 6.64 -7.13 -14.71
N GLU A 27 6.19 -5.92 -14.83
CA GLU A 27 6.66 -5.04 -15.95
C GLU A 27 8.11 -4.61 -15.75
N ARG A 28 8.48 -4.34 -14.53
CA ARG A 28 9.87 -3.91 -14.26
C ARG A 28 10.46 -4.62 -13.02
N ASP A 29 11.46 -5.44 -13.28
CA ASP A 29 12.12 -6.25 -12.19
C ASP A 29 12.80 -5.40 -11.10
N ASP A 30 12.54 -4.13 -11.07
CA ASP A 30 13.17 -3.26 -10.02
C ASP A 30 12.08 -2.78 -9.06
N PHE A 31 10.86 -3.17 -9.34
CA PHE A 31 9.74 -2.76 -8.45
C PHE A 31 9.20 -3.95 -7.67
N GLN A 32 9.33 -3.91 -6.37
CA GLN A 32 8.84 -5.02 -5.52
C GLN A 32 7.80 -4.48 -4.53
N TYR A 33 7.11 -5.38 -3.88
CA TYR A 33 6.07 -4.96 -2.89
C TYR A 33 5.73 -6.13 -1.96
N GLN A 34 5.00 -5.84 -0.89
CA GLN A 34 4.58 -6.91 0.07
C GLN A 34 3.15 -6.62 0.59
N TYR A 35 2.42 -7.64 0.96
CA TYR A 35 1.04 -7.38 1.48
C TYR A 35 0.95 -7.88 2.92
N VAL A 36 0.35 -7.08 3.76
CA VAL A 36 0.17 -7.47 5.19
C VAL A 36 -1.30 -7.32 5.56
N ASP A 37 -1.70 -7.99 6.60
CA ASP A 37 -3.11 -7.88 7.05
C ASP A 37 -3.07 -7.20 8.40
N ILE A 38 -3.86 -6.17 8.55
CA ILE A 38 -3.87 -5.42 9.84
C ILE A 38 -3.89 -6.37 11.04
N ARG A 39 -4.42 -7.55 10.85
CA ARG A 39 -4.47 -8.55 11.96
C ARG A 39 -3.08 -9.10 12.25
N ALA A 40 -2.49 -9.71 11.23
CA ALA A 40 -1.13 -10.29 11.36
C ALA A 40 -0.24 -9.45 12.27
N GLU A 41 -0.27 -8.16 12.03
CA GLU A 41 0.54 -7.21 12.85
C GLU A 41 -0.22 -6.79 14.12
N GLY A 42 -1.48 -6.47 13.99
CA GLY A 42 -2.29 -6.05 15.18
C GLY A 42 -2.57 -4.55 15.11
N ILE A 43 -3.02 -4.13 13.98
CA ILE A 43 -3.31 -2.68 13.74
C ILE A 43 -4.82 -2.44 13.57
N THR A 44 -5.29 -1.29 13.98
CA THR A 44 -6.75 -0.98 13.82
C THR A 44 -6.94 0.23 12.92
N LYS A 45 -7.02 1.37 13.53
CA LYS A 45 -7.20 2.64 12.78
C LYS A 45 -6.31 3.68 13.41
N GLU A 46 -6.48 3.88 14.70
CA GLU A 46 -5.64 4.92 15.39
C GLU A 46 -4.17 4.83 14.94
N ASP A 47 -3.62 3.64 14.98
CA ASP A 47 -2.20 3.48 14.55
C ASP A 47 -2.02 3.83 13.07
N LEU A 48 -2.78 3.19 12.24
CA LEU A 48 -2.67 3.45 10.78
C LEU A 48 -2.80 4.94 10.49
N GLN A 49 -3.75 5.54 11.15
CA GLN A 49 -3.98 6.99 10.98
C GLN A 49 -2.67 7.69 11.37
N GLN A 50 -2.19 7.38 12.56
CA GLN A 50 -0.92 7.99 13.05
C GLN A 50 0.20 7.79 12.02
N LYS A 51 0.46 6.54 11.71
CA LYS A 51 1.52 6.18 10.72
C LYS A 51 1.32 6.89 9.39
N ALA A 52 0.11 6.79 8.91
CA ALA A 52 -0.28 7.40 7.63
C ALA A 52 0.03 8.90 7.61
N GLY A 53 -0.50 9.60 8.57
CA GLY A 53 -0.25 11.06 8.63
C GLY A 53 -1.42 11.80 7.99
N LYS A 54 -2.12 11.09 7.14
CA LYS A 54 -3.28 11.70 6.43
C LYS A 54 -4.59 11.20 7.09
N PRO A 55 -5.69 11.91 6.85
CA PRO A 55 -6.97 11.59 7.51
C PRO A 55 -7.60 10.32 6.93
N VAL A 56 -7.65 9.27 7.70
CA VAL A 56 -8.25 7.99 7.24
C VAL A 56 -9.24 7.46 8.29
N GLU A 57 -10.15 6.62 7.88
CA GLU A 57 -11.17 6.04 8.82
C GLU A 57 -11.31 4.52 8.63
N THR A 58 -11.33 4.09 7.41
CA THR A 58 -11.48 2.63 7.15
C THR A 58 -10.20 2.09 6.49
N VAL A 59 -10.36 1.10 5.66
CA VAL A 59 -9.19 0.48 4.97
C VAL A 59 -9.29 0.72 3.45
N PRO A 60 -8.28 0.35 2.69
CA PRO A 60 -6.93 -0.05 3.18
C PRO A 60 -5.94 1.11 3.05
N GLN A 61 -4.71 0.83 3.42
CA GLN A 61 -3.65 1.89 3.34
C GLN A 61 -2.36 1.33 2.70
N ILE A 62 -1.69 2.19 1.97
CA ILE A 62 -0.43 1.79 1.28
C ILE A 62 0.71 2.72 1.65
N PHE A 63 1.86 2.10 1.72
CA PHE A 63 3.13 2.82 2.06
C PHE A 63 4.20 2.43 1.04
N VAL A 64 5.23 3.22 0.93
CA VAL A 64 6.33 2.91 0.00
C VAL A 64 7.55 2.58 0.87
N ASP A 65 8.64 2.18 0.27
CA ASP A 65 9.83 1.86 1.09
C ASP A 65 10.31 3.10 1.87
N GLN A 66 9.74 4.23 1.56
CA GLN A 66 10.19 5.47 2.25
C GLN A 66 9.05 6.23 2.99
N GLN A 67 8.01 6.60 2.30
CA GLN A 67 6.91 7.38 2.96
C GLN A 67 5.55 6.68 2.87
N HIS A 68 4.56 7.26 3.50
CA HIS A 68 3.21 6.67 3.42
C HIS A 68 2.52 7.38 2.25
N ILE A 69 1.56 6.76 1.64
CA ILE A 69 0.91 7.42 0.47
C ILE A 69 -0.55 7.74 0.76
N GLY A 70 -1.26 6.76 1.25
CA GLY A 70 -2.70 6.95 1.55
C GLY A 70 -3.47 5.67 1.27
N GLY A 71 -4.55 5.76 0.55
CA GLY A 71 -5.36 4.54 0.24
C GLY A 71 -5.23 4.18 -1.25
N TYR A 72 -6.01 3.20 -1.68
CA TYR A 72 -5.95 2.79 -3.13
C TYR A 72 -5.80 4.01 -4.05
N THR A 73 -6.67 4.97 -3.86
CA THR A 73 -6.60 6.20 -4.69
C THR A 73 -5.18 6.78 -4.67
N ASP A 74 -4.74 7.07 -3.49
CA ASP A 74 -3.38 7.65 -3.32
C ASP A 74 -2.33 6.76 -3.99
N PHE A 75 -2.34 5.51 -3.62
CA PHE A 75 -1.35 4.57 -4.21
C PHE A 75 -1.43 4.58 -5.75
N ALA A 76 -2.60 4.41 -6.29
CA ALA A 76 -2.73 4.41 -7.78
C ALA A 76 -2.10 5.67 -8.33
N ALA A 77 -2.47 6.79 -7.75
CA ALA A 77 -1.89 8.08 -8.22
C ALA A 77 -0.38 8.07 -8.05
N TRP A 78 0.09 7.83 -6.84
CA TRP A 78 1.57 7.80 -6.60
C TRP A 78 2.23 6.90 -7.65
N VAL A 79 1.72 5.71 -7.77
CA VAL A 79 2.28 4.78 -8.77
C VAL A 79 2.39 5.49 -10.11
N LYS A 80 1.24 5.87 -10.62
CA LYS A 80 1.20 6.57 -11.94
C LYS A 80 2.29 7.66 -12.02
N GLU A 81 2.39 8.49 -11.02
CA GLU A 81 3.41 9.57 -11.13
C GLU A 81 4.77 9.21 -10.49
N ASN A 82 5.11 7.94 -10.45
CA ASN A 82 6.44 7.56 -9.85
C ASN A 82 7.07 6.38 -10.58
N LEU A 83 6.28 5.40 -10.92
CA LEU A 83 6.82 4.19 -11.60
C LEU A 83 6.38 4.12 -13.07
N ASP A 84 5.67 5.13 -13.52
CA ASP A 84 5.17 5.13 -14.91
C ASP A 84 6.02 6.07 -15.75
N ALA A 85 5.35 6.86 -16.52
CA ALA A 85 5.99 7.85 -17.42
C ALA A 85 5.24 9.18 -17.25
N MET A 1 12.65 -0.51 -2.59
CA MET A 1 11.31 -0.16 -3.13
C MET A 1 10.30 -1.24 -2.70
N GLN A 2 10.11 -1.35 -1.41
CA GLN A 2 9.17 -2.35 -0.87
C GLN A 2 7.76 -1.76 -0.77
N THR A 3 6.94 -2.03 -1.74
CA THR A 3 5.55 -1.47 -1.68
C THR A 3 4.67 -2.39 -0.84
N VAL A 4 4.08 -1.82 0.18
CA VAL A 4 3.23 -2.65 1.09
C VAL A 4 1.78 -2.16 1.13
N ILE A 5 0.86 -3.08 0.98
CA ILE A 5 -0.59 -2.72 1.05
C ILE A 5 -1.10 -3.30 2.36
N PHE A 6 -1.54 -2.45 3.24
CA PHE A 6 -2.06 -2.94 4.55
C PHE A 6 -3.58 -2.95 4.44
N GLY A 7 -4.14 -4.11 4.28
CA GLY A 7 -5.63 -4.20 4.14
C GLY A 7 -6.18 -5.11 5.23
N ARG A 8 -6.89 -6.13 4.82
CA ARG A 8 -7.45 -7.07 5.83
C ARG A 8 -7.23 -8.51 5.36
N SER A 9 -8.29 -9.17 5.08
CA SER A 9 -8.21 -10.58 4.61
C SER A 9 -8.71 -10.61 3.18
N GLY A 10 -10.00 -10.50 3.04
CA GLY A 10 -10.63 -10.50 1.69
C GLY A 10 -11.27 -9.14 1.48
N CYS A 11 -10.43 -8.14 1.46
CA CYS A 11 -10.94 -6.75 1.28
C CYS A 11 -10.74 -6.31 -0.17
N PRO A 12 -11.78 -6.42 -0.96
CA PRO A 12 -11.66 -6.24 -2.44
C PRO A 12 -11.03 -4.88 -2.79
N TYR A 13 -11.16 -3.92 -1.90
CA TYR A 13 -10.58 -2.56 -2.22
C TYR A 13 -9.05 -2.57 -2.09
N CYS A 14 -8.49 -3.63 -1.57
CA CYS A 14 -7.00 -3.69 -1.45
C CYS A 14 -6.51 -4.57 -2.60
N VAL A 15 -7.28 -5.59 -2.89
CA VAL A 15 -6.92 -6.50 -4.01
C VAL A 15 -6.43 -5.69 -5.22
N ARG A 16 -7.00 -4.53 -5.45
CA ARG A 16 -6.51 -3.72 -6.61
C ARG A 16 -5.13 -3.14 -6.32
N ALA A 17 -4.99 -2.43 -5.23
CA ALA A 17 -3.65 -1.86 -4.89
C ALA A 17 -2.63 -2.99 -5.00
N LYS A 18 -3.03 -4.10 -4.45
CA LYS A 18 -2.16 -5.31 -4.51
C LYS A 18 -1.89 -5.65 -5.97
N ASP A 19 -2.92 -5.72 -6.78
CA ASP A 19 -2.69 -6.07 -8.21
C ASP A 19 -1.79 -5.02 -8.89
N LEU A 20 -2.10 -3.76 -8.73
CA LEU A 20 -1.25 -2.72 -9.39
C LEU A 20 0.19 -2.82 -8.88
N ALA A 21 0.35 -2.74 -7.58
CA ALA A 21 1.72 -2.84 -7.02
C ALA A 21 2.34 -4.13 -7.56
N GLU A 22 1.61 -5.21 -7.43
CA GLU A 22 2.10 -6.52 -7.96
C GLU A 22 2.57 -6.33 -9.39
N LYS A 23 1.75 -5.71 -10.17
CA LYS A 23 2.10 -5.48 -11.58
C LYS A 23 3.49 -4.85 -11.61
N LEU A 24 3.62 -3.68 -11.05
CA LEU A 24 4.97 -3.02 -11.02
C LEU A 24 5.99 -4.08 -10.60
N SER A 25 5.70 -4.68 -9.48
CA SER A 25 6.57 -5.76 -8.89
C SER A 25 6.89 -6.88 -9.91
N ASN A 26 5.95 -7.14 -10.76
CA ASN A 26 6.07 -8.22 -11.79
C ASN A 26 6.15 -7.59 -13.18
N GLU A 27 6.61 -6.37 -13.20
CA GLU A 27 6.71 -5.61 -14.49
C GLU A 27 8.07 -4.91 -14.62
N ARG A 28 8.46 -4.24 -13.58
CA ARG A 28 9.73 -3.49 -13.61
C ARG A 28 10.73 -4.10 -12.63
N ASP A 29 11.95 -4.30 -13.05
CA ASP A 29 12.93 -4.92 -12.11
C ASP A 29 13.51 -3.87 -11.15
N ASP A 30 12.66 -2.95 -10.79
CA ASP A 30 13.02 -1.87 -9.84
C ASP A 30 11.94 -1.81 -8.76
N PHE A 31 10.91 -2.60 -8.95
CA PHE A 31 9.78 -2.58 -7.99
C PHE A 31 9.42 -3.98 -7.47
N GLN A 32 9.09 -4.04 -6.19
CA GLN A 32 8.67 -5.32 -5.56
C GLN A 32 7.53 -4.99 -4.60
N TYR A 33 6.53 -5.85 -4.53
CA TYR A 33 5.40 -5.55 -3.57
C TYR A 33 5.09 -6.69 -2.62
N GLN A 34 4.38 -6.33 -1.58
CA GLN A 34 3.91 -7.31 -0.57
C GLN A 34 2.58 -6.82 0.03
N TYR A 35 1.74 -7.76 0.39
CA TYR A 35 0.44 -7.39 0.99
C TYR A 35 0.44 -7.87 2.44
N VAL A 36 -0.22 -7.13 3.31
CA VAL A 36 -0.26 -7.54 4.74
C VAL A 36 -1.63 -7.22 5.35
N ASP A 37 -1.89 -7.83 6.46
CA ASP A 37 -3.17 -7.62 7.22
C ASP A 37 -2.75 -7.10 8.59
N ILE A 38 -3.19 -5.95 8.98
CA ILE A 38 -2.77 -5.43 10.32
C ILE A 38 -3.03 -6.50 11.42
N ARG A 39 -3.86 -7.47 11.10
CA ARG A 39 -4.16 -8.54 12.12
C ARG A 39 -3.23 -9.75 11.88
N ALA A 40 -2.10 -9.49 11.28
CA ALA A 40 -1.10 -10.58 11.03
C ALA A 40 0.09 -10.30 11.94
N GLU A 41 0.46 -9.05 11.97
CA GLU A 41 1.58 -8.62 12.85
C GLU A 41 0.94 -8.17 14.16
N GLY A 42 -0.15 -7.46 14.01
CA GLY A 42 -0.91 -6.95 15.20
C GLY A 42 -0.69 -5.45 15.28
N ILE A 43 -1.03 -4.77 14.22
CA ILE A 43 -0.84 -3.30 14.15
C ILE A 43 -2.14 -2.56 14.49
N THR A 44 -1.99 -1.38 15.06
CA THR A 44 -3.19 -0.55 15.43
C THR A 44 -3.17 0.76 14.63
N LYS A 45 -4.03 1.70 14.96
CA LYS A 45 -4.07 2.98 14.19
C LYS A 45 -2.91 3.89 14.62
N GLU A 46 -2.48 3.74 15.84
CA GLU A 46 -1.38 4.59 16.35
C GLU A 46 -0.08 4.16 15.66
N ASP A 47 0.23 2.89 15.80
CA ASP A 47 1.46 2.34 15.17
C ASP A 47 1.54 2.75 13.69
N LEU A 48 0.42 2.68 13.04
CA LEU A 48 0.34 3.06 11.59
C LEU A 48 0.33 4.58 11.44
N GLN A 49 -0.35 5.28 12.30
CA GLN A 49 -0.34 6.77 12.18
C GLN A 49 1.12 7.23 12.20
N GLN A 50 1.85 6.69 13.16
CA GLN A 50 3.30 7.01 13.32
C GLN A 50 4.05 6.79 12.01
N LYS A 51 3.56 5.86 11.25
CA LYS A 51 4.19 5.51 9.94
C LYS A 51 3.65 6.36 8.78
N ALA A 52 2.37 6.28 8.61
CA ALA A 52 1.65 7.02 7.53
C ALA A 52 2.02 8.50 7.52
N GLY A 53 2.28 9.03 8.68
CA GLY A 53 2.65 10.48 8.73
C GLY A 53 1.42 11.25 8.26
N LYS A 54 0.30 10.63 8.51
CA LYS A 54 -1.01 11.21 8.12
C LYS A 54 -1.95 11.07 9.32
N PRO A 55 -3.20 11.34 9.09
CA PRO A 55 -4.26 10.50 9.66
C PRO A 55 -4.56 9.29 8.75
N VAL A 56 -4.87 8.18 9.36
CA VAL A 56 -5.20 6.96 8.60
C VAL A 56 -6.63 6.56 8.96
N GLU A 57 -7.25 5.77 8.13
CA GLU A 57 -8.65 5.35 8.45
C GLU A 57 -8.63 3.92 9.02
N THR A 58 -9.10 2.97 8.27
CA THR A 58 -9.09 1.56 8.76
C THR A 58 -8.26 0.72 7.79
N VAL A 59 -8.86 0.48 6.67
CA VAL A 59 -8.18 -0.30 5.59
C VAL A 59 -8.68 0.24 4.24
N PRO A 60 -7.86 0.19 3.20
CA PRO A 60 -6.44 -0.22 3.22
C PRO A 60 -5.49 1.00 3.12
N GLN A 61 -4.29 0.82 3.61
CA GLN A 61 -3.27 1.93 3.54
C GLN A 61 -2.10 1.40 2.70
N ILE A 62 -1.41 2.28 2.00
CA ILE A 62 -0.27 1.81 1.16
C ILE A 62 1.02 2.57 1.42
N PHE A 63 2.07 1.81 1.39
CA PHE A 63 3.44 2.37 1.62
C PHE A 63 4.36 2.05 0.44
N VAL A 64 5.25 2.96 0.15
CA VAL A 64 6.21 2.74 -0.98
C VAL A 64 7.62 2.74 -0.41
N ASP A 65 8.08 1.57 -0.06
CA ASP A 65 9.45 1.42 0.51
C ASP A 65 9.48 2.00 1.91
N GLN A 66 9.51 3.30 1.95
CA GLN A 66 9.53 4.02 3.24
C GLN A 66 8.54 5.18 3.27
N GLN A 67 8.14 5.65 2.12
CA GLN A 67 7.18 6.80 2.11
C GLN A 67 5.74 6.31 2.12
N HIS A 68 4.85 7.17 2.57
CA HIS A 68 3.42 6.79 2.63
C HIS A 68 2.69 7.45 1.47
N ILE A 69 1.74 6.76 0.89
CA ILE A 69 1.00 7.38 -0.27
C ILE A 69 -0.43 7.65 0.16
N GLY A 70 -1.02 6.67 0.80
CA GLY A 70 -2.42 6.81 1.27
C GLY A 70 -3.18 5.51 1.00
N GLY A 71 -4.15 5.55 0.11
CA GLY A 71 -4.93 4.33 -0.21
C GLY A 71 -4.79 3.96 -1.69
N TYR A 72 -5.53 2.98 -2.12
CA TYR A 72 -5.45 2.57 -3.55
C TYR A 72 -5.51 3.78 -4.50
N THR A 73 -6.46 4.64 -4.28
CA THR A 73 -6.59 5.84 -5.14
C THR A 73 -5.24 6.57 -5.24
N ASP A 74 -4.72 6.86 -4.09
CA ASP A 74 -3.42 7.58 -3.97
C ASP A 74 -2.31 6.79 -4.66
N PHE A 75 -2.20 5.55 -4.31
CA PHE A 75 -1.14 4.69 -4.90
C PHE A 75 -1.30 4.57 -6.42
N ALA A 76 -2.51 4.35 -6.89
CA ALA A 76 -2.71 4.21 -8.35
C ALA A 76 -2.28 5.49 -9.04
N ALA A 77 -2.89 6.58 -8.65
CA ALA A 77 -2.49 7.88 -9.28
C ALA A 77 -1.01 8.11 -9.05
N TRP A 78 -0.61 8.08 -7.81
CA TRP A 78 0.83 8.31 -7.46
C TRP A 78 1.75 7.51 -8.39
N VAL A 79 1.51 6.22 -8.48
CA VAL A 79 2.36 5.34 -9.33
C VAL A 79 2.60 6.01 -10.68
N LYS A 80 1.53 6.28 -11.36
CA LYS A 80 1.60 6.91 -12.71
C LYS A 80 2.59 8.07 -12.86
N GLU A 81 2.86 8.83 -11.83
CA GLU A 81 3.82 9.98 -11.99
C GLU A 81 5.17 9.73 -11.31
N ASN A 82 5.35 8.56 -10.78
CA ASN A 82 6.65 8.24 -10.10
C ASN A 82 7.33 7.05 -10.76
N LEU A 83 6.55 6.15 -11.28
CA LEU A 83 7.14 4.93 -11.93
C LEU A 83 6.82 4.87 -13.43
N ASP A 84 6.60 6.00 -14.03
CA ASP A 84 6.26 6.01 -15.49
C ASP A 84 7.53 6.05 -16.34
N ALA A 85 8.46 5.15 -16.05
CA ALA A 85 9.74 5.13 -16.84
C ALA A 85 10.13 3.68 -17.22
N MET A 1 12.69 -0.81 -6.05
CA MET A 1 12.26 -0.35 -4.71
C MET A 1 11.27 -1.37 -4.16
N GLN A 2 10.86 -1.21 -2.92
CA GLN A 2 9.89 -2.14 -2.31
C GLN A 2 8.55 -1.44 -2.10
N THR A 3 7.48 -2.15 -2.31
CA THR A 3 6.12 -1.54 -2.12
C THR A 3 5.36 -2.34 -1.06
N VAL A 4 4.50 -1.67 -0.32
CA VAL A 4 3.75 -2.42 0.75
C VAL A 4 2.28 -1.97 0.85
N ILE A 5 1.39 -2.92 1.02
CA ILE A 5 -0.07 -2.58 1.20
C ILE A 5 -0.45 -2.91 2.65
N PHE A 6 -1.19 -2.02 3.28
CA PHE A 6 -1.64 -2.24 4.69
C PHE A 6 -3.17 -2.19 4.67
N GLY A 7 -3.76 -3.29 4.37
CA GLY A 7 -5.25 -3.35 4.31
C GLY A 7 -5.69 -4.62 5.03
N ARG A 8 -6.90 -5.05 4.82
CA ARG A 8 -7.36 -6.30 5.48
C ARG A 8 -8.23 -7.09 4.50
N SER A 9 -8.50 -8.32 4.83
CA SER A 9 -9.35 -9.17 3.95
C SER A 9 -10.83 -8.93 4.27
N GLY A 10 -11.29 -7.73 4.02
CA GLY A 10 -12.72 -7.42 4.32
C GLY A 10 -13.41 -6.98 3.03
N CYS A 11 -13.43 -7.89 2.08
CA CYS A 11 -14.05 -7.67 0.72
C CYS A 11 -12.86 -7.58 -0.26
N PRO A 12 -13.09 -7.68 -1.54
CA PRO A 12 -12.08 -7.29 -2.54
C PRO A 12 -11.57 -5.84 -2.35
N TYR A 13 -10.72 -5.65 -1.36
CA TYR A 13 -10.15 -4.28 -1.11
C TYR A 13 -8.63 -4.30 -1.37
N CYS A 14 -7.84 -4.81 -0.45
CA CYS A 14 -6.35 -4.84 -0.73
C CYS A 14 -6.13 -5.54 -2.06
N VAL A 15 -7.03 -6.44 -2.34
CA VAL A 15 -6.95 -7.21 -3.60
C VAL A 15 -6.56 -6.28 -4.77
N ARG A 16 -7.09 -5.08 -4.79
CA ARG A 16 -6.71 -4.17 -5.92
C ARG A 16 -5.31 -3.60 -5.69
N ALA A 17 -5.09 -3.01 -4.55
CA ALA A 17 -3.73 -2.45 -4.27
C ALA A 17 -2.66 -3.52 -4.58
N LYS A 18 -2.99 -4.72 -4.16
CA LYS A 18 -2.11 -5.91 -4.38
C LYS A 18 -1.92 -6.10 -5.88
N ASP A 19 -3.00 -6.31 -6.59
CA ASP A 19 -2.87 -6.50 -8.06
C ASP A 19 -2.04 -5.35 -8.67
N LEU A 20 -2.29 -4.15 -8.23
CA LEU A 20 -1.50 -3.01 -8.79
C LEU A 20 -0.03 -3.19 -8.43
N ALA A 21 0.29 -3.10 -7.17
CA ALA A 21 1.72 -3.26 -6.74
C ALA A 21 2.36 -4.49 -7.42
N GLU A 22 1.58 -5.52 -7.53
CA GLU A 22 2.05 -6.78 -8.17
C GLU A 22 2.31 -6.53 -9.66
N LYS A 23 1.33 -6.01 -10.32
CA LYS A 23 1.48 -5.73 -11.77
C LYS A 23 2.78 -4.93 -11.92
N LEU A 24 2.83 -3.86 -11.17
CA LEU A 24 4.05 -2.99 -11.20
C LEU A 24 5.27 -3.87 -10.94
N SER A 25 5.10 -4.77 -10.00
CA SER A 25 6.21 -5.72 -9.65
C SER A 25 6.62 -6.54 -10.87
N ASN A 26 5.67 -6.89 -11.70
CA ASN A 26 5.98 -7.71 -12.91
C ASN A 26 6.47 -6.81 -14.07
N GLU A 27 6.01 -5.58 -14.07
CA GLU A 27 6.42 -4.62 -15.16
C GLU A 27 7.88 -4.16 -14.98
N ARG A 28 8.24 -3.77 -13.78
CA ARG A 28 9.64 -3.29 -13.56
C ARG A 28 10.43 -4.30 -12.73
N ASP A 29 11.72 -4.14 -12.74
CA ASP A 29 12.60 -5.05 -11.95
C ASP A 29 12.83 -4.37 -10.59
N ASP A 30 12.87 -3.07 -10.65
CA ASP A 30 13.07 -2.24 -9.42
C ASP A 30 11.72 -2.07 -8.70
N PHE A 31 10.96 -3.12 -8.65
CA PHE A 31 9.64 -3.01 -7.99
C PHE A 31 9.24 -4.30 -7.27
N GLN A 32 9.54 -4.36 -6.01
CA GLN A 32 9.14 -5.55 -5.21
C GLN A 32 7.89 -5.10 -4.46
N TYR A 33 7.04 -6.01 -4.08
CA TYR A 33 5.81 -5.60 -3.33
C TYR A 33 5.67 -6.47 -2.10
N GLN A 34 4.89 -6.01 -1.15
CA GLN A 34 4.67 -6.80 0.10
C GLN A 34 3.26 -6.51 0.63
N TYR A 35 2.70 -7.45 1.32
CA TYR A 35 1.34 -7.24 1.88
C TYR A 35 1.42 -7.40 3.39
N VAL A 36 1.02 -6.40 4.11
CA VAL A 36 1.04 -6.50 5.59
C VAL A 36 -0.41 -6.47 6.02
N ASP A 37 -0.72 -7.19 7.05
CA ASP A 37 -2.14 -7.21 7.49
C ASP A 37 -2.23 -6.48 8.82
N ILE A 38 -3.41 -6.06 9.16
CA ILE A 38 -3.54 -5.37 10.47
C ILE A 38 -3.82 -6.41 11.54
N ARG A 39 -4.47 -7.48 11.15
CA ARG A 39 -4.81 -8.54 12.14
C ARG A 39 -3.74 -9.62 12.15
N ALA A 40 -3.52 -10.24 11.01
CA ALA A 40 -2.48 -11.32 10.94
C ALA A 40 -1.18 -10.89 11.62
N GLU A 41 -0.88 -9.61 11.53
CA GLU A 41 0.36 -9.09 12.16
C GLU A 41 0.05 -8.66 13.60
N GLY A 42 -1.02 -7.93 13.76
CA GLY A 42 -1.39 -7.45 15.14
C GLY A 42 -0.95 -6.01 15.29
N ILE A 43 -1.39 -5.21 14.37
CA ILE A 43 -1.00 -3.77 14.40
C ILE A 43 -2.14 -2.96 15.01
N THR A 44 -1.83 -1.76 15.43
CA THR A 44 -2.86 -0.88 16.07
C THR A 44 -3.20 0.35 15.22
N LYS A 45 -4.43 0.79 15.32
CA LYS A 45 -4.84 2.01 14.56
C LYS A 45 -3.80 3.10 14.79
N GLU A 46 -3.57 3.37 16.05
CA GLU A 46 -2.59 4.42 16.44
C GLU A 46 -1.28 4.26 15.66
N ASP A 47 -0.60 3.15 15.84
CA ASP A 47 0.69 2.93 15.10
C ASP A 47 0.52 3.21 13.60
N LEU A 48 -0.42 2.52 13.00
CA LEU A 48 -0.66 2.72 11.53
C LEU A 48 -0.91 4.20 11.22
N GLN A 49 -1.80 4.78 11.96
CA GLN A 49 -2.13 6.22 11.79
C GLN A 49 -0.83 6.99 11.83
N GLN A 50 -0.11 6.79 12.91
CA GLN A 50 1.19 7.45 13.11
C GLN A 50 2.06 7.25 11.86
N LYS A 51 2.02 6.04 11.39
CA LYS A 51 2.81 5.66 10.19
C LYS A 51 2.35 6.40 8.92
N ALA A 52 1.07 6.46 8.73
CA ALA A 52 0.48 7.13 7.54
C ALA A 52 0.61 8.67 7.61
N GLY A 53 0.23 9.22 8.72
CA GLY A 53 0.27 10.70 8.86
C GLY A 53 -1.17 11.20 8.80
N LYS A 54 -1.95 10.50 8.00
CA LYS A 54 -3.39 10.85 7.84
C LYS A 54 -4.18 10.21 9.00
N PRO A 55 -5.18 10.93 9.51
CA PRO A 55 -6.25 10.32 10.32
C PRO A 55 -6.71 8.99 9.69
N VAL A 56 -6.12 7.93 10.20
CA VAL A 56 -6.41 6.57 9.74
C VAL A 56 -6.74 6.42 8.25
N GLU A 57 -8.02 6.42 7.96
CA GLU A 57 -8.59 6.23 6.59
C GLU A 57 -9.21 4.84 6.68
N THR A 58 -9.62 4.28 5.59
CA THR A 58 -10.22 2.93 5.62
C THR A 58 -9.17 1.96 5.09
N VAL A 59 -9.58 0.86 4.50
CA VAL A 59 -8.58 -0.08 3.94
C VAL A 59 -8.90 -0.30 2.47
N PRO A 60 -7.89 -0.49 1.65
CA PRO A 60 -6.49 -0.75 2.09
C PRO A 60 -5.63 0.53 2.03
N GLN A 61 -4.52 0.54 2.70
CA GLN A 61 -3.64 1.76 2.63
C GLN A 61 -2.36 1.37 1.91
N ILE A 62 -1.73 2.29 1.25
CA ILE A 62 -0.48 1.94 0.52
C ILE A 62 0.70 2.79 0.96
N PHE A 63 1.83 2.15 1.01
CA PHE A 63 3.09 2.85 1.41
C PHE A 63 4.19 2.41 0.45
N VAL A 64 5.22 3.19 0.36
CA VAL A 64 6.34 2.84 -0.55
C VAL A 64 7.64 2.88 0.24
N ASP A 65 8.43 1.84 0.13
CA ASP A 65 9.74 1.77 0.87
C ASP A 65 9.54 2.09 2.35
N GLN A 66 9.46 3.35 2.64
CA GLN A 66 9.25 3.80 4.04
C GLN A 66 8.24 4.97 4.10
N GLN A 67 7.97 5.55 2.96
CA GLN A 67 7.05 6.71 2.89
C GLN A 67 5.60 6.25 2.77
N HIS A 68 4.69 7.18 2.94
CA HIS A 68 3.23 6.85 2.85
C HIS A 68 2.64 7.52 1.62
N ILE A 69 1.77 6.84 0.93
CA ILE A 69 1.17 7.48 -0.29
C ILE A 69 -0.31 7.80 -0.02
N GLY A 70 -0.94 6.94 0.74
CA GLY A 70 -2.39 7.19 1.05
C GLY A 70 -3.19 5.93 0.77
N GLY A 71 -4.33 6.07 0.14
CA GLY A 71 -5.16 4.87 -0.16
C GLY A 71 -5.06 4.50 -1.64
N TYR A 72 -5.58 3.34 -1.96
CA TYR A 72 -5.55 2.82 -3.38
C TYR A 72 -5.84 3.93 -4.41
N THR A 73 -6.97 4.58 -4.28
CA THR A 73 -7.34 5.67 -5.24
C THR A 73 -6.15 6.57 -5.52
N ASP A 74 -5.79 7.30 -4.51
CA ASP A 74 -4.66 8.26 -4.56
C ASP A 74 -3.43 7.59 -5.14
N PHE A 75 -3.08 6.46 -4.57
CA PHE A 75 -1.88 5.71 -5.04
C PHE A 75 -1.84 5.64 -6.57
N ALA A 76 -2.95 5.30 -7.18
CA ALA A 76 -2.96 5.23 -8.68
C ALA A 76 -2.16 6.38 -9.30
N ALA A 77 -2.41 7.57 -8.85
CA ALA A 77 -1.66 8.73 -9.41
C ALA A 77 -0.16 8.57 -9.13
N TRP A 78 0.15 8.27 -7.89
CA TRP A 78 1.59 8.09 -7.51
C TRP A 78 2.24 7.10 -8.49
N VAL A 79 1.52 6.04 -8.74
CA VAL A 79 2.03 5.01 -9.69
C VAL A 79 2.33 5.64 -11.05
N LYS A 80 1.55 6.61 -11.44
CA LYS A 80 1.80 7.26 -12.77
C LYS A 80 2.82 8.42 -12.67
N GLU A 81 3.58 8.44 -11.63
CA GLU A 81 4.60 9.54 -11.49
C GLU A 81 5.92 9.02 -10.92
N ASN A 82 5.83 8.22 -9.89
CA ASN A 82 7.08 7.71 -9.27
C ASN A 82 7.59 6.46 -9.98
N LEU A 83 6.88 6.00 -10.97
CA LEU A 83 7.34 4.76 -11.69
C LEU A 83 7.50 5.04 -13.19
N ASP A 84 7.66 6.29 -13.50
CA ASP A 84 7.83 6.68 -14.91
C ASP A 84 9.32 6.66 -15.23
N ALA A 85 9.93 5.56 -14.80
CA ALA A 85 11.39 5.31 -14.98
C ALA A 85 11.75 3.91 -14.40
N MET A 1 11.37 -0.08 -6.42
CA MET A 1 11.42 0.04 -4.93
C MET A 1 10.41 -0.96 -4.31
N GLN A 2 10.01 -0.75 -3.08
CA GLN A 2 9.07 -1.67 -2.42
C GLN A 2 7.71 -1.01 -2.17
N THR A 3 6.71 -1.82 -1.90
CA THR A 3 5.33 -1.28 -1.63
C THR A 3 4.55 -2.23 -0.70
N VAL A 4 4.11 -1.73 0.43
CA VAL A 4 3.37 -2.62 1.37
C VAL A 4 1.89 -2.25 1.40
N ILE A 5 1.06 -3.25 1.39
CA ILE A 5 -0.41 -3.05 1.43
C ILE A 5 -0.92 -3.48 2.81
N PHE A 6 -1.13 -2.54 3.71
CA PHE A 6 -1.65 -2.91 5.07
C PHE A 6 -3.17 -2.76 4.98
N GLY A 7 -3.82 -3.83 4.65
CA GLY A 7 -5.30 -3.79 4.51
C GLY A 7 -5.99 -4.83 5.39
N ARG A 8 -7.13 -5.28 4.94
CA ARG A 8 -7.90 -6.30 5.71
C ARG A 8 -8.15 -7.51 4.80
N SER A 9 -7.73 -8.67 5.22
CA SER A 9 -7.96 -9.91 4.40
C SER A 9 -9.41 -10.37 4.57
N GLY A 10 -10.31 -9.46 4.33
CA GLY A 10 -11.76 -9.76 4.44
C GLY A 10 -12.46 -9.46 3.12
N CYS A 11 -12.18 -8.32 2.54
CA CYS A 11 -12.83 -7.95 1.26
C CYS A 11 -11.77 -7.96 0.15
N PRO A 12 -12.19 -8.14 -1.09
CA PRO A 12 -11.29 -7.97 -2.24
C PRO A 12 -10.95 -6.50 -2.49
N TYR A 13 -10.58 -5.81 -1.43
CA TYR A 13 -10.21 -4.37 -1.56
C TYR A 13 -8.69 -4.25 -1.61
N CYS A 14 -8.00 -4.72 -0.59
CA CYS A 14 -6.49 -4.62 -0.64
C CYS A 14 -6.04 -5.26 -1.97
N VAL A 15 -6.76 -6.29 -2.31
CA VAL A 15 -6.49 -7.04 -3.56
C VAL A 15 -6.23 -6.10 -4.76
N ARG A 16 -6.82 -4.92 -4.77
CA ARG A 16 -6.59 -4.00 -5.93
C ARG A 16 -5.18 -3.42 -5.87
N ALA A 17 -4.75 -3.08 -4.69
CA ALA A 17 -3.38 -2.54 -4.55
C ALA A 17 -2.44 -3.66 -4.96
N LYS A 18 -2.71 -4.81 -4.40
CA LYS A 18 -1.89 -6.01 -4.72
C LYS A 18 -1.80 -6.16 -6.25
N ASP A 19 -2.94 -6.08 -6.88
CA ASP A 19 -3.00 -6.21 -8.36
C ASP A 19 -2.13 -5.15 -9.05
N LEU A 20 -2.47 -3.90 -8.91
CA LEU A 20 -1.65 -2.83 -9.57
C LEU A 20 -0.17 -3.01 -9.21
N ALA A 21 0.07 -3.10 -7.92
CA ALA A 21 1.45 -3.26 -7.42
C ALA A 21 2.12 -4.45 -8.10
N GLU A 22 1.44 -5.56 -8.07
CA GLU A 22 1.99 -6.80 -8.68
C GLU A 22 2.29 -6.52 -10.15
N LYS A 23 1.34 -5.94 -10.82
CA LYS A 23 1.57 -5.64 -12.25
C LYS A 23 2.90 -4.88 -12.36
N LEU A 24 2.98 -3.79 -11.63
CA LEU A 24 4.25 -2.98 -11.66
C LEU A 24 5.44 -3.90 -11.33
N SER A 25 5.19 -4.82 -10.43
CA SER A 25 6.23 -5.81 -10.04
C SER A 25 6.69 -6.53 -11.32
N ASN A 26 5.73 -6.83 -12.14
CA ASN A 26 6.00 -7.52 -13.44
C ASN A 26 6.04 -6.43 -14.53
N GLU A 27 6.63 -5.33 -14.17
CA GLU A 27 6.77 -4.19 -15.13
C GLU A 27 8.11 -3.48 -14.99
N ARG A 28 8.47 -3.08 -13.79
CA ARG A 28 9.79 -2.38 -13.61
C ARG A 28 10.81 -3.29 -12.94
N ASP A 29 10.34 -4.40 -12.42
CA ASP A 29 11.24 -5.41 -11.76
C ASP A 29 11.76 -4.92 -10.40
N ASP A 30 12.14 -3.67 -10.29
CA ASP A 30 12.65 -3.18 -8.99
C ASP A 30 11.45 -2.87 -8.10
N PHE A 31 10.29 -3.17 -8.62
CA PHE A 31 9.02 -2.94 -7.89
C PHE A 31 8.63 -4.25 -7.19
N GLN A 32 8.88 -4.29 -5.91
CA GLN A 32 8.53 -5.52 -5.15
C GLN A 32 7.52 -5.14 -4.08
N TYR A 33 6.37 -5.73 -4.17
CA TYR A 33 5.32 -5.38 -3.18
C TYR A 33 5.12 -6.52 -2.20
N GLN A 34 4.54 -6.17 -1.09
CA GLN A 34 4.26 -7.16 -0.02
C GLN A 34 2.91 -6.84 0.62
N TYR A 35 2.23 -7.85 1.08
CA TYR A 35 0.89 -7.63 1.70
C TYR A 35 1.01 -7.96 3.19
N VAL A 36 0.44 -7.13 4.00
CA VAL A 36 0.47 -7.37 5.46
C VAL A 36 -0.93 -7.05 5.98
N ASP A 37 -1.31 -7.68 7.05
CA ASP A 37 -2.66 -7.42 7.60
C ASP A 37 -2.53 -6.83 9.00
N ILE A 38 -3.38 -5.90 9.32
CA ILE A 38 -3.33 -5.26 10.66
C ILE A 38 -3.23 -6.32 11.77
N ARG A 39 -3.91 -7.43 11.58
CA ARG A 39 -3.88 -8.48 12.63
C ARG A 39 -2.57 -9.27 12.58
N ALA A 40 -2.13 -9.65 11.41
CA ALA A 40 -0.85 -10.43 11.32
C ALA A 40 0.20 -9.84 12.30
N GLU A 41 0.41 -8.55 12.15
CA GLU A 41 1.42 -7.83 13.01
C GLU A 41 0.74 -7.21 14.25
N GLY A 42 -0.38 -7.77 14.65
CA GLY A 42 -1.13 -7.24 15.84
C GLY A 42 -0.94 -5.73 16.02
N ILE A 43 -1.29 -5.00 14.99
CA ILE A 43 -1.15 -3.51 15.03
C ILE A 43 -2.51 -2.89 15.32
N THR A 44 -2.50 -1.65 15.76
CA THR A 44 -3.78 -0.95 16.04
C THR A 44 -3.89 0.30 15.15
N LYS A 45 -5.11 0.70 14.90
CA LYS A 45 -5.39 1.90 14.04
C LYS A 45 -4.51 3.11 14.34
N GLU A 46 -4.29 3.38 15.60
CA GLU A 46 -3.48 4.58 15.98
C GLU A 46 -2.04 4.43 15.49
N ASP A 47 -1.38 3.37 15.90
CA ASP A 47 0.03 3.14 15.46
C ASP A 47 0.10 3.35 13.94
N LEU A 48 -0.81 2.69 13.27
CA LEU A 48 -0.88 2.84 11.79
C LEU A 48 -1.03 4.31 11.46
N GLN A 49 -1.96 4.96 12.11
CA GLN A 49 -2.17 6.42 11.88
C GLN A 49 -0.79 7.10 11.86
N GLN A 50 0.02 6.71 12.81
CA GLN A 50 1.40 7.26 12.92
C GLN A 50 2.22 6.83 11.70
N LYS A 51 2.18 5.55 11.42
CA LYS A 51 2.94 5.01 10.25
C LYS A 51 2.60 5.84 9.00
N ALA A 52 1.33 6.04 8.78
CA ALA A 52 0.90 6.84 7.62
C ALA A 52 1.10 8.31 7.93
N GLY A 53 1.21 8.60 9.21
CA GLY A 53 1.40 10.02 9.64
C GLY A 53 0.35 10.89 8.95
N LYS A 54 -0.78 10.27 8.73
CA LYS A 54 -1.91 10.97 8.05
C LYS A 54 -3.22 10.51 8.69
N PRO A 55 -4.26 11.30 8.55
CA PRO A 55 -5.60 10.90 9.03
C PRO A 55 -6.24 9.84 8.13
N VAL A 56 -5.68 8.65 8.15
CA VAL A 56 -6.23 7.55 7.31
C VAL A 56 -7.08 6.58 8.16
N GLU A 57 -8.32 6.37 7.75
CA GLU A 57 -9.24 5.46 8.51
C GLU A 57 -9.73 4.26 7.68
N THR A 58 -9.35 4.19 6.43
CA THR A 58 -9.83 3.05 5.58
C THR A 58 -8.65 2.17 5.11
N VAL A 59 -8.94 1.28 4.19
CA VAL A 59 -7.89 0.36 3.65
C VAL A 59 -7.90 0.47 2.11
N PRO A 60 -6.85 -0.01 1.49
CA PRO A 60 -5.62 -0.49 2.16
C PRO A 60 -4.71 0.68 2.46
N GLN A 61 -3.85 0.51 3.40
CA GLN A 61 -2.90 1.59 3.73
C GLN A 61 -1.63 1.18 3.00
N ILE A 62 -1.45 1.83 1.89
CA ILE A 62 -0.26 1.53 1.05
C ILE A 62 0.91 2.42 1.41
N PHE A 63 2.01 1.77 1.55
CA PHE A 63 3.29 2.47 1.91
C PHE A 63 4.37 2.13 0.87
N VAL A 64 5.31 3.01 0.72
CA VAL A 64 6.42 2.77 -0.25
C VAL A 64 7.73 2.83 0.52
N ASP A 65 8.21 1.66 0.90
CA ASP A 65 9.47 1.53 1.66
C ASP A 65 9.33 2.17 3.05
N GLN A 66 9.31 3.46 3.04
CA GLN A 66 9.16 4.24 4.30
C GLN A 66 8.04 5.29 4.18
N GLN A 67 7.64 5.63 2.99
CA GLN A 67 6.58 6.67 2.84
C GLN A 67 5.19 6.03 2.79
N HIS A 68 4.18 6.87 2.82
CA HIS A 68 2.77 6.39 2.73
C HIS A 68 2.17 7.02 1.48
N ILE A 69 1.24 6.33 0.86
CA ILE A 69 0.62 6.89 -0.38
C ILE A 69 -0.87 7.17 -0.18
N GLY A 70 -1.59 6.15 0.21
CA GLY A 70 -3.05 6.33 0.42
C GLY A 70 -3.78 5.00 0.21
N GLY A 71 -4.88 5.05 -0.52
CA GLY A 71 -5.68 3.82 -0.77
C GLY A 71 -5.48 3.31 -2.21
N TYR A 72 -6.07 3.97 -3.18
CA TYR A 72 -5.87 3.49 -4.59
C TYR A 72 -5.63 4.69 -5.50
N THR A 73 -6.55 5.61 -5.49
CA THR A 73 -6.43 6.85 -6.32
C THR A 73 -4.98 7.35 -6.26
N ASP A 74 -4.57 7.50 -5.04
CA ASP A 74 -3.21 7.99 -4.71
C ASP A 74 -2.16 6.99 -5.21
N PHE A 75 -2.48 5.73 -5.13
CA PHE A 75 -1.52 4.69 -5.58
C PHE A 75 -1.34 4.80 -7.10
N ALA A 76 -2.43 4.82 -7.81
CA ALA A 76 -2.32 4.93 -9.30
C ALA A 76 -1.62 6.23 -9.66
N ALA A 77 -2.11 7.33 -9.13
CA ALA A 77 -1.46 8.64 -9.44
C ALA A 77 0.01 8.57 -9.04
N TRP A 78 0.24 8.30 -7.78
CA TRP A 78 1.65 8.20 -7.27
C TRP A 78 2.48 7.39 -8.26
N VAL A 79 1.99 6.19 -8.50
CA VAL A 79 2.68 5.28 -9.45
C VAL A 79 3.07 6.06 -10.71
N LYS A 80 2.08 6.60 -11.36
CA LYS A 80 2.34 7.38 -12.61
C LYS A 80 3.44 8.44 -12.43
N GLU A 81 3.45 9.12 -11.31
CA GLU A 81 4.49 10.19 -11.09
C GLU A 81 5.61 9.76 -10.14
N ASN A 82 5.97 8.51 -10.22
CA ASN A 82 7.08 7.96 -9.35
C ASN A 82 7.83 6.87 -10.10
N LEU A 83 7.09 6.12 -10.86
CA LEU A 83 7.68 5.00 -11.63
C LEU A 83 7.92 5.42 -13.08
N ASP A 84 7.16 6.40 -13.53
CA ASP A 84 7.28 6.90 -14.94
C ASP A 84 8.25 8.09 -14.93
N ALA A 85 7.79 9.10 -14.25
CA ALA A 85 8.57 10.36 -14.10
C ALA A 85 8.54 10.80 -12.63
N MET A 1 12.14 -0.43 -4.70
CA MET A 1 11.58 0.17 -3.46
C MET A 1 10.71 -0.88 -2.78
N GLN A 2 10.59 -0.78 -1.49
CA GLN A 2 9.76 -1.77 -0.75
C GLN A 2 8.28 -1.35 -0.81
N THR A 3 7.52 -2.01 -1.65
CA THR A 3 6.09 -1.62 -1.77
C THR A 3 5.23 -2.53 -0.89
N VAL A 4 4.59 -1.94 0.09
CA VAL A 4 3.74 -2.74 1.01
C VAL A 4 2.29 -2.23 1.06
N ILE A 5 1.36 -3.16 1.03
CA ILE A 5 -0.08 -2.78 1.13
C ILE A 5 -0.60 -3.24 2.49
N PHE A 6 -1.15 -2.34 3.24
CA PHE A 6 -1.72 -2.72 4.57
C PHE A 6 -3.23 -2.78 4.38
N GLY A 7 -3.78 -3.96 4.52
CA GLY A 7 -5.25 -4.15 4.34
C GLY A 7 -5.87 -4.70 5.62
N ARG A 8 -6.92 -5.48 5.45
CA ARG A 8 -7.60 -6.08 6.66
C ARG A 8 -8.00 -7.54 6.38
N SER A 9 -7.84 -8.33 7.40
CA SER A 9 -8.15 -9.78 7.36
C SER A 9 -9.60 -10.08 6.91
N GLY A 10 -9.85 -9.90 5.64
CA GLY A 10 -11.22 -10.18 5.09
C GLY A 10 -11.89 -8.95 4.48
N CYS A 11 -11.13 -8.00 4.01
CA CYS A 11 -11.77 -6.79 3.39
C CYS A 11 -11.29 -6.62 1.94
N PRO A 12 -12.18 -6.28 1.03
CA PRO A 12 -11.82 -6.21 -0.42
C PRO A 12 -11.15 -4.86 -0.76
N TYR A 13 -10.12 -4.54 -0.03
CA TYR A 13 -9.41 -3.23 -0.27
C TYR A 13 -7.99 -3.45 -0.84
N CYS A 14 -7.05 -3.99 -0.08
CA CYS A 14 -5.69 -4.19 -0.69
C CYS A 14 -5.83 -5.00 -1.98
N VAL A 15 -6.85 -5.82 -1.99
CA VAL A 15 -7.16 -6.70 -3.14
C VAL A 15 -7.07 -5.94 -4.48
N ARG A 16 -6.98 -4.63 -4.45
CA ARG A 16 -6.83 -3.87 -5.73
C ARG A 16 -5.41 -3.29 -5.82
N ALA A 17 -4.92 -2.77 -4.73
CA ALA A 17 -3.52 -2.25 -4.76
C ALA A 17 -2.64 -3.41 -5.20
N LYS A 18 -2.97 -4.57 -4.68
CA LYS A 18 -2.19 -5.79 -5.03
C LYS A 18 -2.20 -5.94 -6.56
N ASP A 19 -3.30 -5.65 -7.17
CA ASP A 19 -3.39 -5.78 -8.66
C ASP A 19 -2.50 -4.75 -9.36
N LEU A 20 -2.80 -3.50 -9.14
CA LEU A 20 -1.98 -2.43 -9.78
C LEU A 20 -0.50 -2.60 -9.43
N ALA A 21 -0.23 -2.88 -8.18
CA ALA A 21 1.19 -3.06 -7.77
C ALA A 21 1.74 -4.28 -8.50
N GLU A 22 1.01 -5.36 -8.45
CA GLU A 22 1.47 -6.61 -9.13
C GLU A 22 1.89 -6.24 -10.57
N LYS A 23 1.04 -5.50 -11.22
CA LYS A 23 1.38 -5.07 -12.62
C LYS A 23 2.81 -4.51 -12.68
N LEU A 24 3.11 -3.56 -11.82
CA LEU A 24 4.48 -2.92 -11.78
C LEU A 24 5.56 -3.93 -11.35
N SER A 25 5.28 -4.67 -10.31
CA SER A 25 6.29 -5.69 -9.87
C SER A 25 6.61 -6.69 -10.99
N ASN A 26 5.69 -6.87 -11.91
CA ASN A 26 5.98 -7.83 -13.03
C ASN A 26 6.61 -7.05 -14.20
N GLU A 27 7.27 -5.98 -13.88
CA GLU A 27 7.94 -5.16 -14.94
C GLU A 27 9.44 -5.08 -14.67
N ARG A 28 9.77 -4.43 -13.58
CA ARG A 28 11.21 -4.23 -13.24
C ARG A 28 11.56 -4.81 -11.87
N ASP A 29 12.71 -4.45 -11.39
CA ASP A 29 13.19 -4.92 -10.05
C ASP A 29 13.13 -3.80 -9.02
N ASP A 30 12.79 -2.60 -9.45
CA ASP A 30 12.71 -1.46 -8.49
C ASP A 30 11.33 -1.49 -7.82
N PHE A 31 10.48 -2.34 -8.33
CA PHE A 31 9.13 -2.44 -7.76
C PHE A 31 8.90 -3.84 -7.17
N GLN A 32 9.09 -3.96 -5.88
CA GLN A 32 8.88 -5.26 -5.18
C GLN A 32 7.66 -5.03 -4.29
N TYR A 33 6.67 -5.89 -4.36
CA TYR A 33 5.46 -5.65 -3.52
C TYR A 33 5.10 -6.83 -2.60
N GLN A 34 4.65 -6.45 -1.42
CA GLN A 34 4.20 -7.44 -0.38
C GLN A 34 2.92 -6.93 0.30
N TYR A 35 2.23 -7.84 0.94
CA TYR A 35 0.95 -7.47 1.63
C TYR A 35 1.10 -7.76 3.13
N VAL A 36 0.53 -6.91 3.94
CA VAL A 36 0.59 -7.10 5.43
C VAL A 36 -0.83 -6.92 6.00
N ASP A 37 -1.17 -7.64 7.07
CA ASP A 37 -2.56 -7.49 7.63
C ASP A 37 -2.56 -7.07 9.09
N ILE A 38 -3.06 -5.89 9.34
CA ILE A 38 -3.11 -5.38 10.74
C ILE A 38 -3.70 -6.42 11.70
N ARG A 39 -4.61 -7.23 11.21
CA ARG A 39 -5.19 -8.22 12.15
C ARG A 39 -4.31 -9.47 12.16
N ALA A 40 -4.22 -10.13 11.02
CA ALA A 40 -3.40 -11.38 10.92
C ALA A 40 -2.21 -11.35 11.89
N GLU A 41 -1.52 -10.24 11.92
CA GLU A 41 -0.35 -10.15 12.83
C GLU A 41 -0.72 -9.54 14.19
N GLY A 42 -1.33 -8.38 14.19
CA GLY A 42 -1.72 -7.76 15.49
C GLY A 42 -1.13 -6.37 15.64
N ILE A 43 -1.35 -5.55 14.65
CA ILE A 43 -0.82 -4.16 14.70
C ILE A 43 -2.02 -3.26 15.02
N THR A 44 -1.75 -2.09 15.54
CA THR A 44 -2.85 -1.16 15.88
C THR A 44 -2.74 0.10 15.01
N LYS A 45 -3.81 0.81 14.84
CA LYS A 45 -3.74 2.04 14.00
C LYS A 45 -2.60 2.97 14.42
N GLU A 46 -2.40 3.13 15.71
CA GLU A 46 -1.29 4.02 16.20
C GLU A 46 0.02 3.71 15.44
N ASP A 47 0.48 2.50 15.65
CA ASP A 47 1.75 2.02 15.00
C ASP A 47 1.82 2.41 13.52
N LEU A 48 0.73 2.21 12.86
CA LEU A 48 0.63 2.54 11.40
C LEU A 48 0.59 4.05 11.20
N GLN A 49 -0.16 4.72 12.03
CA GLN A 49 -0.21 6.20 11.88
C GLN A 49 1.24 6.70 11.99
N GLN A 50 1.94 6.09 12.90
CA GLN A 50 3.38 6.41 13.14
C GLN A 50 4.20 6.18 11.86
N LYS A 51 3.62 5.48 10.93
CA LYS A 51 4.30 5.18 9.63
C LYS A 51 3.74 6.06 8.50
N ALA A 52 2.46 6.28 8.57
CA ALA A 52 1.73 7.11 7.57
C ALA A 52 2.05 8.60 7.70
N GLY A 53 2.18 9.06 8.92
CA GLY A 53 2.49 10.50 9.15
C GLY A 53 1.18 11.22 9.44
N LYS A 54 0.23 10.90 8.61
CA LYS A 54 -1.12 11.50 8.73
C LYS A 54 -2.01 10.45 9.41
N PRO A 55 -3.26 10.76 9.71
CA PRO A 55 -4.20 9.73 10.19
C PRO A 55 -4.15 8.48 9.30
N VAL A 56 -4.51 7.35 9.85
CA VAL A 56 -4.49 6.09 9.05
C VAL A 56 -5.62 6.06 8.02
N GLU A 57 -6.72 6.69 8.35
CA GLU A 57 -7.87 6.74 7.39
C GLU A 57 -8.40 5.31 7.15
N THR A 58 -8.86 5.03 5.96
CA THR A 58 -9.37 3.66 5.68
C THR A 58 -8.27 2.82 5.05
N VAL A 59 -8.52 1.55 4.96
CA VAL A 59 -7.52 0.66 4.35
C VAL A 59 -7.90 0.48 2.87
N PRO A 60 -6.93 0.23 2.03
CA PRO A 60 -5.59 -0.24 2.45
C PRO A 60 -4.64 0.95 2.53
N GLN A 61 -3.56 0.80 3.24
CA GLN A 61 -2.59 1.93 3.31
C GLN A 61 -1.36 1.45 2.52
N ILE A 62 -0.87 2.27 1.66
CA ILE A 62 0.29 1.85 0.85
C ILE A 62 1.52 2.66 1.21
N PHE A 63 2.60 1.93 1.30
CA PHE A 63 3.91 2.55 1.63
C PHE A 63 4.92 2.12 0.57
N VAL A 64 5.74 3.04 0.15
CA VAL A 64 6.76 2.73 -0.89
C VAL A 64 8.16 3.02 -0.34
N ASP A 65 8.91 1.98 -0.08
CA ASP A 65 10.28 2.17 0.47
C ASP A 65 10.19 2.83 1.85
N GLN A 66 10.07 4.11 1.82
CA GLN A 66 9.95 4.93 3.06
C GLN A 66 8.88 6.01 2.88
N GLN A 67 8.42 6.18 1.67
CA GLN A 67 7.41 7.21 1.35
C GLN A 67 6.01 6.66 1.61
N HIS A 68 5.12 7.51 2.04
CA HIS A 68 3.73 7.04 2.31
C HIS A 68 2.85 7.56 1.17
N ILE A 69 1.99 6.74 0.63
CA ILE A 69 1.15 7.23 -0.51
C ILE A 69 -0.26 7.53 -0.02
N GLY A 70 -0.74 6.67 0.82
CA GLY A 70 -2.12 6.82 1.37
C GLY A 70 -2.84 5.50 1.16
N GLY A 71 -3.85 5.47 0.35
CA GLY A 71 -4.56 4.18 0.13
C GLY A 71 -4.73 3.88 -1.35
N TYR A 72 -5.53 2.88 -1.62
CA TYR A 72 -5.79 2.54 -3.05
C TYR A 72 -6.45 3.77 -3.67
N THR A 73 -6.71 3.75 -4.94
CA THR A 73 -7.33 4.94 -5.59
C THR A 73 -6.22 5.98 -5.80
N ASP A 74 -5.66 6.49 -4.73
CA ASP A 74 -4.56 7.50 -4.87
C ASP A 74 -3.36 6.78 -5.48
N PHE A 75 -3.15 5.59 -4.98
CA PHE A 75 -2.03 4.75 -5.48
C PHE A 75 -1.94 4.84 -7.00
N ALA A 76 -3.06 4.65 -7.68
CA ALA A 76 -3.03 4.74 -9.18
C ALA A 76 -2.45 6.08 -9.59
N ALA A 77 -2.96 7.13 -9.00
CA ALA A 77 -2.44 8.49 -9.35
C ALA A 77 -0.94 8.55 -9.06
N TRP A 78 -0.56 8.21 -7.85
CA TRP A 78 0.90 8.23 -7.49
C TRP A 78 1.72 7.46 -8.53
N VAL A 79 1.30 6.24 -8.77
CA VAL A 79 2.01 5.39 -9.76
C VAL A 79 2.31 6.22 -11.00
N LYS A 80 1.28 6.78 -11.58
CA LYS A 80 1.44 7.60 -12.83
C LYS A 80 2.62 8.59 -12.80
N GLU A 81 3.10 9.04 -11.66
CA GLU A 81 4.25 10.02 -11.70
C GLU A 81 5.49 9.52 -10.96
N ASN A 82 5.44 8.30 -10.52
CA ASN A 82 6.61 7.72 -9.78
C ASN A 82 7.12 6.49 -10.52
N LEU A 83 6.22 5.87 -11.26
CA LEU A 83 6.60 4.65 -12.03
C LEU A 83 6.09 4.73 -13.46
N ASP A 84 5.96 5.92 -13.97
CA ASP A 84 5.49 6.09 -15.38
C ASP A 84 6.70 6.20 -16.30
N ALA A 85 7.75 5.54 -15.87
CA ALA A 85 9.03 5.49 -16.61
C ALA A 85 9.55 4.04 -16.58
N MET A 1 11.60 -0.10 -4.90
CA MET A 1 10.32 0.52 -4.47
C MET A 1 9.29 -0.57 -4.24
N GLN A 2 9.29 -1.20 -3.09
CA GLN A 2 8.29 -2.26 -2.84
C GLN A 2 6.98 -1.65 -2.36
N THR A 3 5.89 -2.21 -2.75
CA THR A 3 4.59 -1.66 -2.31
C THR A 3 4.15 -2.45 -1.10
N VAL A 4 3.70 -1.78 -0.09
CA VAL A 4 3.27 -2.49 1.14
C VAL A 4 1.84 -2.05 1.44
N ILE A 5 0.96 -3.00 1.51
CA ILE A 5 -0.46 -2.68 1.81
C ILE A 5 -0.69 -3.16 3.23
N PHE A 6 -1.12 -2.28 4.09
CA PHE A 6 -1.36 -2.64 5.52
C PHE A 6 -2.84 -2.44 5.83
N GLY A 7 -3.51 -3.52 6.16
CA GLY A 7 -4.96 -3.41 6.50
C GLY A 7 -5.77 -4.53 5.86
N ARG A 8 -6.92 -4.78 6.40
CA ARG A 8 -7.77 -5.85 5.85
C ARG A 8 -9.02 -5.22 5.25
N SER A 9 -9.46 -5.70 4.11
CA SER A 9 -10.68 -5.11 3.48
C SER A 9 -11.87 -6.03 3.71
N GLY A 10 -11.77 -7.18 3.13
CA GLY A 10 -12.88 -8.18 3.25
C GLY A 10 -13.29 -8.51 1.83
N CYS A 11 -13.48 -7.47 1.08
CA CYS A 11 -13.86 -7.64 -0.35
C CYS A 11 -12.56 -7.58 -1.16
N PRO A 12 -12.60 -7.99 -2.41
CA PRO A 12 -11.52 -7.71 -3.39
C PRO A 12 -11.27 -6.20 -3.56
N TYR A 13 -10.76 -5.60 -2.52
CA TYR A 13 -10.43 -4.15 -2.55
C TYR A 13 -8.92 -3.98 -2.41
N CYS A 14 -8.38 -4.34 -1.27
CA CYS A 14 -6.89 -4.21 -1.07
C CYS A 14 -6.19 -4.91 -2.22
N VAL A 15 -6.83 -5.96 -2.64
CA VAL A 15 -6.32 -6.79 -3.77
C VAL A 15 -5.84 -5.91 -4.93
N ARG A 16 -6.62 -4.93 -5.31
CA ARG A 16 -6.21 -4.05 -6.46
C ARG A 16 -4.78 -3.54 -6.26
N ALA A 17 -4.52 -3.03 -5.08
CA ALA A 17 -3.14 -2.54 -4.81
C ALA A 17 -2.16 -3.64 -5.22
N LYS A 18 -2.41 -4.82 -4.71
CA LYS A 18 -1.54 -6.00 -5.05
C LYS A 18 -1.44 -6.16 -6.58
N ASP A 19 -2.55 -6.08 -7.25
CA ASP A 19 -2.55 -6.23 -8.74
C ASP A 19 -1.72 -5.15 -9.42
N LEU A 20 -2.06 -3.92 -9.16
CA LEU A 20 -1.30 -2.79 -9.78
C LEU A 20 0.16 -2.90 -9.39
N ALA A 21 0.40 -3.03 -8.12
CA ALA A 21 1.80 -3.14 -7.63
C ALA A 21 2.45 -4.34 -8.32
N GLU A 22 1.73 -5.42 -8.40
CA GLU A 22 2.29 -6.63 -9.05
C GLU A 22 2.68 -6.33 -10.50
N LYS A 23 1.82 -5.70 -11.24
CA LYS A 23 2.24 -5.41 -12.65
C LYS A 23 3.53 -4.60 -12.59
N LEU A 24 3.52 -3.49 -11.89
CA LEU A 24 4.81 -2.71 -11.82
C LEU A 24 5.92 -3.68 -11.47
N SER A 25 5.67 -4.52 -10.50
CA SER A 25 6.66 -5.56 -10.09
C SER A 25 7.15 -6.31 -11.33
N ASN A 26 6.22 -6.63 -12.19
CA ASN A 26 6.58 -7.37 -13.44
C ASN A 26 7.31 -6.46 -14.43
N GLU A 27 7.02 -5.18 -14.40
CA GLU A 27 7.67 -4.25 -15.36
C GLU A 27 9.03 -3.71 -14.91
N ARG A 28 9.15 -3.39 -13.65
CA ARG A 28 10.44 -2.79 -13.16
C ARG A 28 11.16 -3.71 -12.17
N ASP A 29 12.46 -3.77 -12.31
CA ASP A 29 13.30 -4.66 -11.44
C ASP A 29 13.25 -4.30 -9.95
N ASP A 30 13.28 -3.02 -9.67
CA ASP A 30 13.27 -2.59 -8.24
C ASP A 30 11.86 -2.53 -7.68
N PHE A 31 10.94 -3.19 -8.31
CA PHE A 31 9.54 -3.12 -7.81
C PHE A 31 9.06 -4.49 -7.30
N GLN A 32 8.65 -4.51 -6.05
CA GLN A 32 8.14 -5.77 -5.41
C GLN A 32 6.87 -5.39 -4.63
N TYR A 33 6.15 -6.33 -4.09
CA TYR A 33 4.93 -5.93 -3.29
C TYR A 33 4.71 -6.88 -2.11
N GLN A 34 4.15 -6.35 -1.06
CA GLN A 34 3.86 -7.16 0.16
C GLN A 34 2.46 -6.79 0.68
N TYR A 35 1.72 -7.78 1.12
CA TYR A 35 0.35 -7.48 1.65
C TYR A 35 0.25 -8.01 3.08
N VAL A 36 -0.03 -7.13 4.01
CA VAL A 36 -0.16 -7.57 5.43
C VAL A 36 -1.51 -7.12 5.99
N ASP A 37 -1.97 -7.84 6.97
CA ASP A 37 -3.28 -7.50 7.61
C ASP A 37 -2.97 -6.96 8.99
N ILE A 38 -3.43 -5.78 9.30
CA ILE A 38 -3.16 -5.20 10.64
C ILE A 38 -3.27 -6.26 11.75
N ARG A 39 -4.26 -7.12 11.66
CA ARG A 39 -4.44 -8.15 12.73
C ARG A 39 -3.39 -9.26 12.61
N ALA A 40 -2.97 -9.57 11.41
CA ALA A 40 -1.97 -10.66 11.24
C ALA A 40 -0.75 -10.46 12.17
N GLU A 41 -0.15 -9.30 12.08
CA GLU A 41 1.06 -9.03 12.94
C GLU A 41 0.69 -8.32 14.26
N GLY A 42 -0.31 -7.46 14.21
CA GLY A 42 -0.71 -6.73 15.46
C GLY A 42 -0.35 -5.26 15.32
N ILE A 43 -0.76 -4.70 14.22
CA ILE A 43 -0.46 -3.27 13.92
C ILE A 43 -1.67 -2.44 14.33
N THR A 44 -1.43 -1.31 14.96
CA THR A 44 -2.60 -0.48 15.40
C THR A 44 -2.75 0.79 14.54
N LYS A 45 -3.89 1.40 14.69
CA LYS A 45 -4.17 2.65 13.94
C LYS A 45 -3.09 3.71 14.23
N GLU A 46 -2.61 3.70 15.45
CA GLU A 46 -1.57 4.68 15.84
C GLU A 46 -0.29 4.32 15.10
N ASP A 47 0.09 3.05 15.13
CA ASP A 47 1.33 2.68 14.40
C ASP A 47 1.15 3.06 12.93
N LEU A 48 0.05 2.67 12.36
CA LEU A 48 -0.21 3.03 10.94
C LEU A 48 -0.06 4.54 10.79
N GLN A 49 -0.79 5.27 11.59
CA GLN A 49 -0.72 6.76 11.54
C GLN A 49 0.75 7.22 11.64
N GLN A 50 1.44 6.72 12.64
CA GLN A 50 2.87 7.11 12.82
C GLN A 50 3.61 6.83 11.51
N LYS A 51 3.47 5.61 11.04
CA LYS A 51 4.12 5.20 9.78
C LYS A 51 3.68 6.12 8.63
N ALA A 52 2.44 6.51 8.65
CA ALA A 52 1.89 7.41 7.59
C ALA A 52 2.67 8.73 7.55
N GLY A 53 2.85 9.31 8.71
CA GLY A 53 3.65 10.58 8.80
C GLY A 53 2.75 11.82 8.75
N LYS A 54 1.77 11.77 7.91
CA LYS A 54 0.84 12.93 7.78
C LYS A 54 -0.60 12.46 8.01
N PRO A 55 -1.45 13.37 8.43
CA PRO A 55 -2.47 13.10 9.48
C PRO A 55 -3.68 12.29 8.98
N VAL A 56 -3.46 11.03 8.68
CA VAL A 56 -4.60 10.17 8.21
C VAL A 56 -4.53 8.79 8.90
N GLU A 57 -5.64 8.38 9.48
CA GLU A 57 -5.67 7.05 10.18
C GLU A 57 -6.78 6.18 9.54
N THR A 58 -6.58 5.81 8.31
CA THR A 58 -7.62 5.00 7.59
C THR A 58 -7.14 3.59 7.26
N VAL A 59 -8.09 2.68 7.24
CA VAL A 59 -7.79 1.25 6.90
C VAL A 59 -8.55 0.89 5.62
N PRO A 60 -7.97 0.08 4.77
CA PRO A 60 -6.51 -0.18 4.76
C PRO A 60 -5.72 1.07 4.36
N GLN A 61 -4.42 1.00 4.51
CA GLN A 61 -3.53 2.15 4.13
C GLN A 61 -2.42 1.59 3.23
N ILE A 62 -1.85 2.37 2.35
CA ILE A 62 -0.78 1.84 1.47
C ILE A 62 0.52 2.63 1.64
N PHE A 63 1.59 1.89 1.55
CA PHE A 63 2.95 2.49 1.67
C PHE A 63 3.80 1.97 0.50
N VAL A 64 4.91 2.62 0.30
CA VAL A 64 5.82 2.23 -0.80
C VAL A 64 7.28 2.28 -0.34
N ASP A 65 7.83 1.13 -0.12
CA ASP A 65 9.27 1.02 0.27
C ASP A 65 9.61 1.85 1.51
N GLN A 66 9.80 3.11 1.32
CA GLN A 66 10.15 4.02 2.46
C GLN A 66 9.38 5.34 2.38
N GLN A 67 8.26 5.31 1.69
CA GLN A 67 7.38 6.48 1.53
C GLN A 67 5.94 6.06 1.87
N HIS A 68 5.07 6.99 2.19
CA HIS A 68 3.64 6.62 2.50
C HIS A 68 2.75 7.19 1.38
N ILE A 69 1.80 6.40 0.93
CA ILE A 69 0.93 6.86 -0.21
C ILE A 69 -0.47 7.24 0.25
N GLY A 70 -1.05 6.41 1.06
CA GLY A 70 -2.43 6.68 1.56
C GLY A 70 -3.35 5.49 1.26
N GLY A 71 -4.12 5.59 0.21
CA GLY A 71 -5.03 4.46 -0.17
C GLY A 71 -4.83 4.04 -1.64
N TYR A 72 -5.56 3.03 -2.06
CA TYR A 72 -5.43 2.56 -3.48
C TYR A 72 -5.57 3.73 -4.46
N THR A 73 -6.57 4.54 -4.26
CA THR A 73 -6.78 5.72 -5.17
C THR A 73 -5.47 6.44 -5.46
N ASP A 74 -4.84 6.86 -4.41
CA ASP A 74 -3.55 7.58 -4.53
C ASP A 74 -2.54 6.66 -5.22
N PHE A 75 -2.43 5.45 -4.74
CA PHE A 75 -1.47 4.50 -5.36
C PHE A 75 -1.58 4.56 -6.90
N ALA A 76 -2.79 4.43 -7.40
CA ALA A 76 -2.99 4.46 -8.89
C ALA A 76 -2.41 5.73 -9.50
N ALA A 77 -2.86 6.87 -9.06
CA ALA A 77 -2.31 8.14 -9.65
C ALA A 77 -0.81 8.22 -9.35
N TRP A 78 -0.49 8.11 -8.10
CA TRP A 78 0.93 8.16 -7.64
C TRP A 78 1.83 7.36 -8.60
N VAL A 79 1.45 6.13 -8.84
CA VAL A 79 2.24 5.25 -9.75
C VAL A 79 2.64 6.02 -11.02
N LYS A 80 1.70 6.72 -11.59
CA LYS A 80 1.96 7.48 -12.85
C LYS A 80 3.22 8.33 -12.81
N GLU A 81 3.48 8.97 -11.69
CA GLU A 81 4.67 9.88 -11.60
C GLU A 81 5.83 9.33 -10.76
N ASN A 82 5.54 8.57 -9.75
CA ASN A 82 6.67 8.06 -8.91
C ASN A 82 7.28 6.80 -9.54
N LEU A 83 6.52 6.13 -10.36
CA LEU A 83 7.06 4.89 -11.01
C LEU A 83 7.28 5.18 -12.48
N ASP A 84 6.22 5.61 -13.11
CA ASP A 84 6.16 5.96 -14.56
C ASP A 84 6.93 4.97 -15.44
N ALA A 85 8.19 4.99 -15.30
CA ALA A 85 9.09 4.09 -16.09
C ALA A 85 9.86 3.16 -15.14
N MET A 1 11.83 -1.31 -5.77
CA MET A 1 11.71 -0.70 -4.42
C MET A 1 10.80 -1.59 -3.56
N GLN A 2 10.37 -1.09 -2.42
CA GLN A 2 9.51 -1.90 -1.53
C GLN A 2 8.11 -1.27 -1.43
N THR A 3 7.10 -1.96 -1.89
CA THR A 3 5.72 -1.38 -1.78
C THR A 3 4.95 -2.21 -0.75
N VAL A 4 4.50 -1.58 0.31
CA VAL A 4 3.76 -2.34 1.37
C VAL A 4 2.30 -1.88 1.45
N ILE A 5 1.42 -2.85 1.54
CA ILE A 5 -0.04 -2.54 1.67
C ILE A 5 -0.51 -2.99 3.05
N PHE A 6 -1.06 -2.07 3.80
CA PHE A 6 -1.59 -2.42 5.15
C PHE A 6 -3.10 -2.36 5.02
N GLY A 7 -3.66 -3.49 4.72
CA GLY A 7 -5.14 -3.57 4.55
C GLY A 7 -5.65 -4.49 5.62
N ARG A 8 -6.90 -4.85 5.56
CA ARG A 8 -7.38 -5.77 6.62
C ARG A 8 -7.33 -7.21 6.15
N SER A 9 -7.63 -8.06 7.07
CA SER A 9 -7.67 -9.52 6.84
C SER A 9 -8.63 -9.82 5.68
N GLY A 10 -8.18 -9.57 4.49
CA GLY A 10 -9.06 -9.81 3.31
C GLY A 10 -9.68 -8.46 2.94
N CYS A 11 -8.88 -7.60 2.36
CA CYS A 11 -9.42 -6.28 1.97
C CYS A 11 -9.45 -6.19 0.43
N PRO A 12 -10.59 -6.48 -0.18
CA PRO A 12 -10.73 -6.43 -1.66
C PRO A 12 -10.04 -5.20 -2.28
N TYR A 13 -9.82 -4.18 -1.51
CA TYR A 13 -9.15 -2.98 -2.10
C TYR A 13 -7.67 -3.29 -2.33
N CYS A 14 -7.03 -3.91 -1.36
CA CYS A 14 -5.59 -4.25 -1.54
C CYS A 14 -5.42 -5.05 -2.81
N VAL A 15 -6.36 -5.93 -3.05
CA VAL A 15 -6.29 -6.77 -4.28
C VAL A 15 -5.92 -5.94 -5.54
N ARG A 16 -6.39 -4.71 -5.61
CA ARG A 16 -6.04 -3.87 -6.81
C ARG A 16 -4.66 -3.24 -6.62
N ALA A 17 -4.42 -2.69 -5.46
CA ALA A 17 -3.05 -2.11 -5.21
C ALA A 17 -2.04 -3.19 -5.59
N LYS A 18 -2.34 -4.38 -5.12
CA LYS A 18 -1.50 -5.57 -5.41
C LYS A 18 -1.41 -5.75 -6.92
N ASP A 19 -2.52 -5.91 -7.59
CA ASP A 19 -2.45 -6.08 -9.07
C ASP A 19 -1.58 -5.01 -9.71
N LEU A 20 -1.89 -3.78 -9.42
CA LEU A 20 -1.10 -2.66 -10.00
C LEU A 20 0.38 -2.82 -9.69
N ALA A 21 0.71 -2.84 -8.43
CA ALA A 21 2.15 -2.98 -8.03
C ALA A 21 2.75 -4.24 -8.63
N GLU A 22 1.99 -5.30 -8.59
CA GLU A 22 2.48 -6.60 -9.16
C GLU A 22 2.87 -6.41 -10.62
N LYS A 23 1.98 -5.80 -11.35
CA LYS A 23 2.29 -5.56 -12.79
C LYS A 23 3.66 -4.91 -12.88
N LEU A 24 3.79 -3.75 -12.29
CA LEU A 24 5.12 -3.05 -12.33
C LEU A 24 6.19 -4.04 -11.88
N SER A 25 5.99 -4.54 -10.69
CA SER A 25 6.89 -5.56 -10.06
C SER A 25 7.46 -6.52 -11.12
N ASN A 26 6.57 -7.01 -11.95
CA ASN A 26 6.98 -7.97 -13.03
C ASN A 26 7.47 -7.26 -14.29
N GLU A 27 6.94 -6.10 -14.56
CA GLU A 27 7.37 -5.38 -15.81
C GLU A 27 8.82 -4.90 -15.69
N ARG A 28 9.23 -4.55 -14.50
CA ARG A 28 10.64 -4.07 -14.36
C ARG A 28 11.37 -4.67 -13.15
N ASP A 29 11.12 -5.92 -12.85
CA ASP A 29 11.85 -6.62 -11.71
C ASP A 29 12.30 -5.69 -10.56
N ASP A 30 11.41 -4.90 -10.01
CA ASP A 30 11.87 -3.97 -8.91
C ASP A 30 10.76 -3.56 -7.95
N PHE A 31 9.65 -3.20 -8.49
CA PHE A 31 8.54 -2.73 -7.63
C PHE A 31 7.78 -3.92 -7.04
N GLN A 32 8.45 -4.61 -6.16
CA GLN A 32 7.83 -5.79 -5.50
C GLN A 32 6.99 -5.29 -4.35
N TYR A 33 5.90 -5.97 -4.08
CA TYR A 33 5.02 -5.50 -2.99
C TYR A 33 4.88 -6.55 -1.89
N GLN A 34 4.43 -6.06 -0.75
CA GLN A 34 4.20 -6.93 0.43
C GLN A 34 2.80 -6.64 0.97
N TYR A 35 2.05 -7.66 1.30
CA TYR A 35 0.68 -7.42 1.84
C TYR A 35 0.66 -7.86 3.29
N VAL A 36 0.41 -6.93 4.17
CA VAL A 36 0.37 -7.27 5.62
C VAL A 36 -1.00 -6.89 6.15
N ASP A 37 -1.47 -7.64 7.12
CA ASP A 37 -2.81 -7.35 7.69
C ASP A 37 -2.72 -6.96 9.17
N ILE A 38 -3.57 -6.04 9.49
CA ILE A 38 -3.67 -5.53 10.87
C ILE A 38 -3.94 -6.64 11.90
N ARG A 39 -4.79 -7.59 11.57
CA ARG A 39 -5.10 -8.66 12.56
C ARG A 39 -4.10 -9.81 12.47
N ALA A 40 -3.28 -9.82 11.47
CA ALA A 40 -2.28 -10.92 11.34
C ALA A 40 -1.02 -10.53 12.09
N GLU A 41 -0.60 -9.32 11.79
CA GLU A 41 0.63 -8.77 12.39
C GLU A 41 0.35 -8.28 13.82
N GLY A 42 -0.80 -7.70 14.04
CA GLY A 42 -1.13 -7.17 15.39
C GLY A 42 -0.90 -5.67 15.41
N ILE A 43 -1.40 -5.02 14.39
CA ILE A 43 -1.22 -3.55 14.28
C ILE A 43 -2.36 -2.89 15.03
N THR A 44 -2.08 -1.77 15.62
CA THR A 44 -3.13 -1.06 16.41
C THR A 44 -3.57 0.23 15.72
N LYS A 45 -4.55 0.89 16.31
CA LYS A 45 -5.04 2.16 15.71
C LYS A 45 -3.93 3.18 15.85
N GLU A 46 -3.52 3.39 17.06
CA GLU A 46 -2.41 4.34 17.35
C GLU A 46 -1.23 4.08 16.40
N ASP A 47 -0.84 2.82 16.29
CA ASP A 47 0.30 2.48 15.39
C ASP A 47 -0.05 2.79 13.95
N LEU A 48 -1.12 2.23 13.43
CA LEU A 48 -1.48 2.50 12.01
C LEU A 48 -1.66 4.00 11.76
N GLN A 49 -2.26 4.67 12.69
CA GLN A 49 -2.44 6.13 12.51
C GLN A 49 -1.04 6.74 12.43
N GLN A 50 -0.18 6.29 13.30
CA GLN A 50 1.22 6.78 13.30
C GLN A 50 1.84 6.53 11.92
N LYS A 51 1.51 5.38 11.38
CA LYS A 51 2.03 5.02 10.01
C LYS A 51 1.49 5.98 8.93
N ALA A 52 0.18 6.15 8.91
CA ALA A 52 -0.43 7.05 7.88
C ALA A 52 -0.07 8.53 8.08
N GLY A 53 -0.18 9.02 9.30
CA GLY A 53 0.18 10.47 9.54
C GLY A 53 -0.98 11.24 10.17
N LYS A 54 -2.14 11.10 9.63
CA LYS A 54 -3.33 11.83 10.18
C LYS A 54 -4.27 10.83 10.84
N PRO A 55 -5.30 11.34 11.48
CA PRO A 55 -6.62 10.68 11.48
C PRO A 55 -7.06 10.32 10.04
N VAL A 56 -6.36 9.40 9.45
CA VAL A 56 -6.70 8.95 8.06
C VAL A 56 -6.42 7.44 7.97
N GLU A 57 -6.93 6.72 8.94
CA GLU A 57 -6.73 5.25 8.98
C GLU A 57 -7.78 4.60 8.08
N THR A 58 -7.59 4.76 6.81
CA THR A 58 -8.53 4.18 5.83
C THR A 58 -7.88 2.94 5.21
N VAL A 59 -8.26 1.77 5.67
CA VAL A 59 -7.63 0.56 5.07
C VAL A 59 -8.23 0.31 3.67
N PRO A 60 -7.38 -0.05 2.74
CA PRO A 60 -5.95 -0.38 2.99
C PRO A 60 -5.04 0.82 2.79
N GLN A 61 -4.08 1.02 3.66
CA GLN A 61 -3.15 2.18 3.45
C GLN A 61 -1.92 1.62 2.76
N ILE A 62 -1.37 2.38 1.86
CA ILE A 62 -0.15 1.89 1.15
C ILE A 62 1.03 2.78 1.49
N PHE A 63 2.15 2.14 1.59
CA PHE A 63 3.42 2.82 1.92
C PHE A 63 4.48 2.41 0.90
N VAL A 64 5.36 3.31 0.61
CA VAL A 64 6.46 3.03 -0.36
C VAL A 64 7.75 3.20 0.41
N ASP A 65 8.51 2.14 0.52
CA ASP A 65 9.79 2.20 1.29
C ASP A 65 9.44 2.48 2.75
N GLN A 66 9.31 3.72 3.06
CA GLN A 66 8.91 4.15 4.43
C GLN A 66 8.03 5.41 4.35
N GLN A 67 7.70 5.80 3.14
CA GLN A 67 6.86 6.99 2.90
C GLN A 67 5.39 6.56 2.85
N HIS A 68 4.49 7.48 3.01
CA HIS A 68 3.04 7.13 2.97
C HIS A 68 2.43 7.67 1.68
N ILE A 69 1.61 6.88 1.04
CA ILE A 69 0.98 7.35 -0.23
C ILE A 69 -0.48 7.68 0.02
N GLY A 70 -1.13 6.81 0.74
CA GLY A 70 -2.57 7.02 1.05
C GLY A 70 -3.33 5.71 0.84
N GLY A 71 -4.45 5.77 0.19
CA GLY A 71 -5.24 4.51 -0.05
C GLY A 71 -5.05 4.08 -1.49
N TYR A 72 -5.66 2.97 -1.88
CA TYR A 72 -5.50 2.51 -3.30
C TYR A 72 -5.68 3.69 -4.28
N THR A 73 -6.59 4.56 -3.99
CA THR A 73 -6.82 5.75 -4.87
C THR A 73 -5.51 6.50 -5.06
N ASP A 74 -5.00 7.01 -3.99
CA ASP A 74 -3.72 7.76 -4.06
C ASP A 74 -2.66 6.86 -4.67
N PHE A 75 -2.60 5.66 -4.17
CA PHE A 75 -1.60 4.69 -4.69
C PHE A 75 -1.61 4.68 -6.22
N ALA A 76 -2.77 4.53 -6.81
CA ALA A 76 -2.82 4.51 -8.30
C ALA A 76 -2.23 5.81 -8.85
N ALA A 77 -2.73 6.92 -8.37
CA ALA A 77 -2.19 8.24 -8.87
C ALA A 77 -0.67 8.27 -8.71
N TRP A 78 -0.23 8.05 -7.49
CA TRP A 78 1.23 8.06 -7.19
C TRP A 78 1.94 7.18 -8.21
N VAL A 79 1.51 5.93 -8.26
CA VAL A 79 2.12 4.98 -9.22
C VAL A 79 2.21 5.66 -10.58
N LYS A 80 1.10 6.17 -11.03
CA LYS A 80 1.08 6.82 -12.37
C LYS A 80 2.08 7.99 -12.50
N GLU A 81 2.03 8.97 -11.63
CA GLU A 81 2.96 10.16 -11.76
C GLU A 81 4.42 9.86 -11.41
N ASN A 82 4.66 8.94 -10.54
CA ASN A 82 6.07 8.64 -10.17
C ASN A 82 6.62 7.54 -11.09
N LEU A 83 5.75 6.66 -11.49
CA LEU A 83 6.16 5.55 -12.38
C LEU A 83 5.40 5.71 -13.70
N ASP A 84 5.52 6.87 -14.24
CA ASP A 84 4.84 7.17 -15.53
C ASP A 84 5.66 6.56 -16.70
N ALA A 85 5.99 5.29 -16.54
CA ALA A 85 6.80 4.51 -17.55
C ALA A 85 7.39 3.27 -16.87
N MET A 1 10.92 -0.31 -5.79
CA MET A 1 11.05 -0.14 -4.31
C MET A 1 10.19 -1.22 -3.65
N GLN A 2 10.04 -1.19 -2.33
CA GLN A 2 9.25 -2.20 -1.63
C GLN A 2 7.93 -1.56 -1.18
N THR A 3 6.87 -1.91 -1.83
CA THR A 3 5.55 -1.34 -1.47
C THR A 3 4.85 -2.25 -0.47
N VAL A 4 4.26 -1.69 0.55
CA VAL A 4 3.56 -2.54 1.56
C VAL A 4 2.10 -2.11 1.66
N ILE A 5 1.23 -3.07 1.54
CA ILE A 5 -0.22 -2.76 1.61
C ILE A 5 -0.79 -3.36 2.89
N PHE A 6 -1.61 -2.60 3.57
CA PHE A 6 -2.28 -3.10 4.80
C PHE A 6 -3.73 -3.28 4.34
N GLY A 7 -4.19 -4.50 4.27
CA GLY A 7 -5.59 -4.71 3.78
C GLY A 7 -6.57 -5.16 4.86
N ARG A 8 -7.71 -5.62 4.39
CA ARG A 8 -8.79 -6.08 5.30
C ARG A 8 -8.91 -7.62 5.22
N SER A 9 -10.12 -8.15 5.25
CA SER A 9 -10.30 -9.63 5.19
C SER A 9 -9.66 -10.25 3.93
N GLY A 10 -9.71 -11.56 3.85
CA GLY A 10 -9.11 -12.26 2.68
C GLY A 10 -10.00 -12.14 1.45
N CYS A 11 -10.10 -10.94 0.96
CA CYS A 11 -10.93 -10.67 -0.25
C CYS A 11 -10.06 -9.90 -1.24
N PRO A 12 -10.32 -10.02 -2.53
CA PRO A 12 -9.63 -9.18 -3.53
C PRO A 12 -10.09 -7.71 -3.45
N TYR A 13 -9.74 -7.08 -2.36
CA TYR A 13 -10.12 -5.64 -2.19
C TYR A 13 -8.83 -4.80 -2.30
N CYS A 14 -8.22 -4.50 -1.19
CA CYS A 14 -6.96 -3.68 -1.23
C CYS A 14 -5.97 -4.34 -2.19
N VAL A 15 -6.20 -5.61 -2.44
CA VAL A 15 -5.34 -6.38 -3.37
C VAL A 15 -5.10 -5.58 -4.65
N ARG A 16 -6.05 -4.80 -5.09
CA ARG A 16 -5.84 -3.98 -6.32
C ARG A 16 -4.45 -3.33 -6.30
N ALA A 17 -4.01 -2.93 -5.14
CA ALA A 17 -2.65 -2.31 -5.06
C ALA A 17 -1.65 -3.41 -5.39
N LYS A 18 -1.87 -4.57 -4.83
CA LYS A 18 -0.98 -5.73 -5.11
C LYS A 18 -0.96 -5.97 -6.61
N ASP A 19 -2.13 -5.94 -7.20
CA ASP A 19 -2.23 -6.17 -8.67
C ASP A 19 -1.51 -5.07 -9.42
N LEU A 20 -1.95 -3.86 -9.21
CA LEU A 20 -1.30 -2.70 -9.89
C LEU A 20 0.22 -2.79 -9.70
N ALA A 21 0.65 -2.87 -8.48
CA ALA A 21 2.11 -2.95 -8.21
C ALA A 21 2.70 -4.19 -8.87
N GLU A 22 2.06 -5.31 -8.67
CA GLU A 22 2.55 -6.58 -9.28
C GLU A 22 2.94 -6.37 -10.74
N LYS A 23 2.09 -5.78 -11.52
CA LYS A 23 2.46 -5.55 -12.97
C LYS A 23 3.82 -4.86 -13.09
N LEU A 24 3.94 -3.73 -12.46
CA LEU A 24 5.22 -2.96 -12.48
C LEU A 24 6.31 -3.94 -12.03
N SER A 25 5.98 -4.59 -10.94
CA SER A 25 6.85 -5.63 -10.31
C SER A 25 7.33 -6.59 -11.40
N ASN A 26 6.43 -6.89 -12.31
CA ASN A 26 6.77 -7.81 -13.42
C ASN A 26 6.68 -7.08 -14.76
N GLU A 27 7.16 -5.89 -14.78
CA GLU A 27 7.14 -5.09 -16.03
C GLU A 27 8.59 -4.82 -16.40
N ARG A 28 9.27 -4.16 -15.51
CA ARG A 28 10.71 -3.88 -15.73
C ARG A 28 11.42 -4.61 -14.59
N ASP A 29 10.68 -5.53 -13.98
CA ASP A 29 11.21 -6.32 -12.82
C ASP A 29 12.14 -5.43 -11.99
N ASP A 30 11.61 -4.26 -11.75
CA ASP A 30 12.32 -3.19 -10.98
C ASP A 30 11.48 -2.72 -9.79
N PHE A 31 10.42 -3.43 -9.52
CA PHE A 31 9.53 -3.04 -8.39
C PHE A 31 9.16 -4.28 -7.55
N GLN A 32 8.97 -4.10 -6.26
CA GLN A 32 8.62 -5.28 -5.40
C GLN A 32 7.47 -4.87 -4.44
N TYR A 33 6.65 -5.81 -4.05
CA TYR A 33 5.52 -5.46 -3.12
C TYR A 33 5.34 -6.54 -2.04
N GLN A 34 4.75 -6.12 -0.94
CA GLN A 34 4.47 -7.04 0.19
C GLN A 34 3.04 -6.74 0.69
N TYR A 35 2.28 -7.76 1.00
CA TYR A 35 0.88 -7.49 1.50
C TYR A 35 0.78 -7.95 2.95
N VAL A 36 0.22 -7.09 3.77
CA VAL A 36 0.06 -7.42 5.21
C VAL A 36 -1.40 -7.19 5.67
N ASP A 37 -1.69 -7.68 6.85
CA ASP A 37 -3.06 -7.53 7.43
C ASP A 37 -2.94 -6.72 8.73
N ILE A 38 -3.73 -5.69 8.84
CA ILE A 38 -3.69 -4.83 10.06
C ILE A 38 -3.64 -5.68 11.33
N ARG A 39 -4.29 -6.80 11.28
CA ARG A 39 -4.32 -7.72 12.46
C ARG A 39 -2.96 -8.44 12.59
N ALA A 40 -2.57 -9.09 11.52
CA ALA A 40 -1.29 -9.85 11.50
C ALA A 40 -0.18 -9.14 12.29
N GLU A 41 0.06 -7.89 11.93
CA GLU A 41 1.12 -7.10 12.64
C GLU A 41 0.62 -6.69 14.02
N GLY A 42 -0.62 -6.26 14.10
CA GLY A 42 -1.19 -5.84 15.41
C GLY A 42 -1.31 -4.32 15.41
N ILE A 43 -1.83 -3.83 14.32
CA ILE A 43 -1.99 -2.37 14.13
C ILE A 43 -3.42 -1.94 14.46
N THR A 44 -3.52 -0.69 14.88
CA THR A 44 -4.85 -0.12 15.23
C THR A 44 -5.17 1.02 14.27
N LYS A 45 -6.41 1.14 13.86
CA LYS A 45 -6.76 2.24 12.93
C LYS A 45 -6.14 3.56 13.37
N GLU A 46 -6.33 3.92 14.62
CA GLU A 46 -5.73 5.20 15.13
C GLU A 46 -4.24 5.27 14.79
N ASP A 47 -3.52 4.21 15.04
CA ASP A 47 -2.05 4.21 14.71
C ASP A 47 -1.90 4.58 13.22
N LEU A 48 -2.56 3.82 12.39
CA LEU A 48 -2.51 4.07 10.92
C LEU A 48 -2.87 5.53 10.63
N GLN A 49 -3.97 5.91 11.19
CA GLN A 49 -4.48 7.30 11.07
C GLN A 49 -3.33 8.28 11.39
N GLN A 50 -2.68 8.01 12.49
CA GLN A 50 -1.53 8.85 12.94
C GLN A 50 -0.38 8.77 11.93
N LYS A 51 0.07 7.56 11.66
CA LYS A 51 1.19 7.31 10.70
C LYS A 51 0.92 7.95 9.33
N ALA A 52 -0.27 7.72 8.85
CA ALA A 52 -0.71 8.22 7.52
C ALA A 52 -0.58 9.75 7.41
N GLY A 53 -1.21 10.45 8.33
CA GLY A 53 -1.16 11.94 8.30
C GLY A 53 -2.54 12.48 7.95
N LYS A 54 -3.22 11.74 7.10
CA LYS A 54 -4.60 12.16 6.69
C LYS A 54 -5.65 11.27 7.37
N PRO A 55 -6.79 11.84 7.68
CA PRO A 55 -7.83 11.18 8.50
C PRO A 55 -8.45 9.99 7.78
N VAL A 56 -7.87 8.86 7.96
CA VAL A 56 -8.42 7.64 7.32
C VAL A 56 -9.27 6.87 8.33
N GLU A 57 -9.78 5.75 7.91
CA GLU A 57 -10.64 4.93 8.82
C GLU A 57 -9.92 3.65 9.23
N THR A 58 -9.73 2.77 8.28
CA THR A 58 -9.04 1.48 8.58
C THR A 58 -8.19 1.06 7.39
N VAL A 59 -8.88 0.86 6.32
CA VAL A 59 -8.26 0.45 5.02
C VAL A 59 -8.84 1.35 3.93
N PRO A 60 -8.39 1.16 2.70
CA PRO A 60 -7.06 0.60 2.36
C PRO A 60 -5.93 1.57 2.70
N GLN A 61 -4.87 1.03 3.25
CA GLN A 61 -3.71 1.90 3.63
C GLN A 61 -2.46 1.35 2.96
N ILE A 62 -1.77 2.19 2.21
CA ILE A 62 -0.54 1.72 1.52
C ILE A 62 0.66 2.57 1.92
N PHE A 63 1.75 1.88 2.06
CA PHE A 63 3.04 2.51 2.45
C PHE A 63 4.11 2.09 1.44
N VAL A 64 5.20 2.82 1.44
CA VAL A 64 6.32 2.52 0.49
C VAL A 64 7.65 2.66 1.22
N ASP A 65 8.46 1.63 1.22
CA ASP A 65 9.79 1.74 1.91
C ASP A 65 9.65 2.26 3.35
N GLN A 66 9.87 3.54 3.49
CA GLN A 66 9.79 4.23 4.81
C GLN A 66 8.89 5.48 4.72
N GLN A 67 7.95 5.46 3.82
CA GLN A 67 7.01 6.60 3.62
C GLN A 67 5.55 6.11 3.57
N HIS A 68 4.63 7.04 3.63
CA HIS A 68 3.16 6.68 3.57
C HIS A 68 2.55 7.29 2.31
N ILE A 69 1.63 6.61 1.70
CA ILE A 69 1.01 7.19 0.47
C ILE A 69 -0.45 7.53 0.73
N GLY A 70 -1.19 6.57 1.20
CA GLY A 70 -2.64 6.82 1.48
C GLY A 70 -3.47 5.58 1.16
N GLY A 71 -4.51 5.74 0.38
CA GLY A 71 -5.36 4.55 0.04
C GLY A 71 -5.21 4.20 -1.44
N TYR A 72 -6.03 3.28 -1.89
CA TYR A 72 -5.94 2.91 -3.35
C TYR A 72 -5.82 4.17 -4.21
N THR A 73 -6.58 5.17 -3.85
CA THR A 73 -6.53 6.45 -4.61
C THR A 73 -5.08 6.97 -4.67
N ASP A 74 -4.57 7.29 -3.52
CA ASP A 74 -3.19 7.82 -3.41
C ASP A 74 -2.21 6.88 -4.10
N PHE A 75 -2.35 5.61 -3.81
CA PHE A 75 -1.43 4.61 -4.41
C PHE A 75 -1.55 4.60 -5.94
N ALA A 76 -2.74 4.52 -6.47
CA ALA A 76 -2.90 4.50 -7.94
C ALA A 76 -2.15 5.70 -8.55
N ALA A 77 -2.50 6.87 -8.10
CA ALA A 77 -1.84 8.10 -8.63
C ALA A 77 -0.34 8.04 -8.35
N TRP A 78 -0.01 7.89 -7.09
CA TRP A 78 1.42 7.82 -6.67
C TRP A 78 2.19 6.93 -7.63
N VAL A 79 1.61 5.80 -7.90
CA VAL A 79 2.24 4.86 -8.85
C VAL A 79 2.33 5.53 -10.21
N LYS A 80 1.19 5.73 -10.79
CA LYS A 80 1.12 6.31 -12.16
C LYS A 80 2.04 7.53 -12.43
N GLU A 81 2.26 8.39 -11.47
CA GLU A 81 3.15 9.57 -11.76
C GLU A 81 4.57 9.43 -11.22
N ASN A 82 4.92 8.27 -10.74
CA ASN A 82 6.31 8.05 -10.22
C ASN A 82 6.92 6.82 -10.89
N LEU A 83 6.09 5.84 -11.13
CA LEU A 83 6.61 4.58 -11.77
C LEU A 83 6.12 4.51 -13.21
N ASP A 84 5.78 5.64 -13.77
CA ASP A 84 5.31 5.64 -15.19
C ASP A 84 6.49 5.32 -16.07
N ALA A 85 7.64 5.55 -15.50
CA ALA A 85 8.92 5.26 -16.17
C ALA A 85 9.59 4.15 -15.34
N MET A 1 10.84 0.20 -6.61
CA MET A 1 10.56 0.49 -5.18
C MET A 1 9.85 -0.71 -4.56
N GLN A 2 9.72 -0.64 -3.27
CA GLN A 2 9.08 -1.69 -2.48
C GLN A 2 7.68 -1.21 -2.09
N THR A 3 6.67 -1.73 -2.73
CA THR A 3 5.29 -1.26 -2.41
C THR A 3 4.62 -2.23 -1.43
N VAL A 4 4.29 -1.71 -0.28
CA VAL A 4 3.65 -2.56 0.76
C VAL A 4 2.21 -2.09 1.00
N ILE A 5 1.31 -3.00 1.23
CA ILE A 5 -0.10 -2.63 1.54
C ILE A 5 -0.33 -3.09 2.98
N PHE A 6 -0.91 -2.22 3.77
CA PHE A 6 -1.23 -2.55 5.19
C PHE A 6 -2.74 -2.38 5.35
N GLY A 7 -3.47 -3.38 4.92
CA GLY A 7 -4.95 -3.30 5.02
C GLY A 7 -5.58 -4.68 5.19
N ARG A 8 -6.89 -4.67 5.23
CA ARG A 8 -7.67 -5.94 5.39
C ARG A 8 -8.61 -6.05 4.17
N SER A 9 -8.18 -6.74 3.17
CA SER A 9 -9.04 -6.86 1.94
C SER A 9 -10.21 -7.82 2.19
N GLY A 10 -11.18 -7.37 2.96
CA GLY A 10 -12.40 -8.21 3.25
C GLY A 10 -12.86 -8.95 1.99
N CYS A 11 -13.01 -8.21 0.94
CA CYS A 11 -13.46 -8.79 -0.36
C CYS A 11 -12.27 -8.70 -1.32
N PRO A 12 -12.46 -8.96 -2.59
CA PRO A 12 -11.58 -8.35 -3.63
C PRO A 12 -11.51 -6.81 -3.49
N TYR A 13 -10.80 -6.36 -2.48
CA TYR A 13 -10.67 -4.89 -2.24
C TYR A 13 -9.19 -4.49 -2.33
N CYS A 14 -8.45 -4.62 -1.25
CA CYS A 14 -6.99 -4.25 -1.33
C CYS A 14 -6.37 -5.14 -2.38
N VAL A 15 -6.99 -6.28 -2.57
CA VAL A 15 -6.51 -7.23 -3.61
C VAL A 15 -6.15 -6.45 -4.90
N ARG A 16 -6.86 -5.38 -5.19
CA ARG A 16 -6.52 -4.62 -6.43
C ARG A 16 -5.20 -3.90 -6.25
N ALA A 17 -5.06 -3.18 -5.17
CA ALA A 17 -3.75 -2.49 -4.93
C ALA A 17 -2.67 -3.55 -5.14
N LYS A 18 -2.95 -4.70 -4.58
CA LYS A 18 -2.01 -5.84 -4.73
C LYS A 18 -1.83 -6.08 -6.23
N ASP A 19 -2.89 -6.35 -6.94
CA ASP A 19 -2.76 -6.55 -8.42
C ASP A 19 -1.84 -5.51 -9.04
N LEU A 20 -2.19 -4.27 -8.85
CA LEU A 20 -1.40 -3.13 -9.39
C LEU A 20 0.07 -3.30 -9.03
N ALA A 21 0.35 -3.29 -7.76
CA ALA A 21 1.78 -3.45 -7.33
C ALA A 21 2.36 -4.72 -7.98
N GLU A 22 1.69 -5.81 -7.76
CA GLU A 22 2.12 -7.13 -8.32
C GLU A 22 2.51 -6.99 -9.79
N LYS A 23 1.63 -6.42 -10.56
CA LYS A 23 1.92 -6.24 -11.99
C LYS A 23 3.19 -5.40 -12.12
N LEU A 24 3.21 -4.27 -11.49
CA LEU A 24 4.43 -3.39 -11.57
C LEU A 24 5.68 -4.20 -11.21
N SER A 25 5.57 -5.03 -10.20
CA SER A 25 6.74 -5.86 -9.80
C SER A 25 7.00 -7.00 -10.79
N ASN A 26 6.11 -7.15 -11.72
CA ASN A 26 6.25 -8.19 -12.77
C ASN A 26 6.38 -7.45 -14.12
N GLU A 27 6.99 -6.30 -14.03
CA GLU A 27 7.24 -5.46 -15.25
C GLU A 27 8.62 -4.82 -15.10
N ARG A 28 8.81 -4.20 -13.97
CA ARG A 28 10.11 -3.53 -13.72
C ARG A 28 11.08 -4.45 -12.99
N ASP A 29 12.17 -3.89 -12.55
CA ASP A 29 13.20 -4.67 -11.82
C ASP A 29 13.27 -4.25 -10.34
N ASP A 30 13.34 -2.97 -10.07
CA ASP A 30 13.43 -2.51 -8.65
C ASP A 30 12.04 -2.44 -8.01
N PHE A 31 11.06 -2.92 -8.72
CA PHE A 31 9.67 -2.86 -8.18
C PHE A 31 9.20 -4.23 -7.67
N GLN A 32 8.99 -4.28 -6.39
CA GLN A 32 8.50 -5.53 -5.72
C GLN A 32 7.31 -5.10 -4.85
N TYR A 33 6.42 -6.00 -4.51
CA TYR A 33 5.27 -5.57 -3.66
C TYR A 33 5.10 -6.49 -2.45
N GLN A 34 4.40 -6.02 -1.46
CA GLN A 34 4.15 -6.81 -0.22
C GLN A 34 2.73 -6.58 0.29
N TYR A 35 2.17 -7.58 0.91
CA TYR A 35 0.81 -7.43 1.49
C TYR A 35 0.90 -7.83 2.95
N VAL A 36 0.71 -6.89 3.82
CA VAL A 36 0.77 -7.19 5.29
C VAL A 36 -0.63 -6.90 5.84
N ASP A 37 -0.97 -7.48 6.97
CA ASP A 37 -2.36 -7.22 7.50
C ASP A 37 -2.30 -6.69 8.93
N ILE A 38 -3.16 -5.75 9.20
CA ILE A 38 -3.20 -5.15 10.55
C ILE A 38 -3.54 -6.18 11.62
N ARG A 39 -4.15 -7.25 11.24
CA ARG A 39 -4.51 -8.31 12.23
C ARG A 39 -3.44 -9.36 12.24
N ALA A 40 -3.11 -9.85 11.07
CA ALA A 40 -2.05 -10.87 10.97
C ALA A 40 -0.85 -10.50 11.87
N GLU A 41 -0.40 -9.27 11.76
CA GLU A 41 0.76 -8.83 12.60
C GLU A 41 0.32 -8.03 13.85
N GLY A 42 -0.78 -8.42 14.43
CA GLY A 42 -1.30 -7.75 15.68
C GLY A 42 -1.05 -6.24 15.74
N ILE A 43 -1.65 -5.54 14.82
CA ILE A 43 -1.49 -4.07 14.76
C ILE A 43 -2.80 -3.38 15.19
N THR A 44 -2.64 -2.23 15.79
CA THR A 44 -3.81 -1.43 16.24
C THR A 44 -3.64 -0.03 15.63
N LYS A 45 -4.59 0.83 15.87
CA LYS A 45 -4.50 2.21 15.31
C LYS A 45 -3.15 2.84 15.67
N GLU A 46 -2.79 2.74 16.90
CA GLU A 46 -1.50 3.35 17.40
C GLU A 46 -0.30 3.10 16.46
N ASP A 47 -0.06 1.87 16.11
CA ASP A 47 1.09 1.58 15.21
C ASP A 47 0.83 2.19 13.82
N LEU A 48 -0.28 1.83 13.23
CA LEU A 48 -0.61 2.37 11.87
C LEU A 48 -0.55 3.91 11.89
N GLN A 49 -1.08 4.48 12.92
CA GLN A 49 -1.10 5.94 13.09
C GLN A 49 0.36 6.41 13.09
N GLN A 50 1.18 5.66 13.77
CA GLN A 50 2.62 5.97 13.85
C GLN A 50 3.32 5.63 12.51
N LYS A 51 2.71 4.79 11.71
CA LYS A 51 3.32 4.42 10.39
C LYS A 51 3.04 5.51 9.33
N ALA A 52 1.82 5.94 9.26
CA ALA A 52 1.44 6.98 8.24
C ALA A 52 1.25 8.38 8.85
N GLY A 53 0.86 8.43 10.09
CA GLY A 53 0.64 9.74 10.76
C GLY A 53 -0.85 9.83 11.01
N LYS A 54 -1.57 9.70 9.93
CA LYS A 54 -3.07 9.74 9.98
C LYS A 54 -3.67 11.03 10.53
N PRO A 55 -4.55 11.56 9.71
CA PRO A 55 -6.01 11.35 9.86
C PRO A 55 -6.30 9.84 9.94
N VAL A 56 -7.19 9.45 10.80
CA VAL A 56 -7.49 8.00 10.93
C VAL A 56 -8.31 7.49 9.72
N GLU A 57 -7.66 7.39 8.58
CA GLU A 57 -8.38 6.92 7.35
C GLU A 57 -8.54 5.38 7.33
N THR A 58 -8.68 4.83 8.50
CA THR A 58 -8.90 3.35 8.69
C THR A 58 -8.09 2.45 7.75
N VAL A 59 -8.81 1.84 6.83
CA VAL A 59 -8.18 0.91 5.84
C VAL A 59 -8.64 1.29 4.42
N PRO A 60 -7.79 1.05 3.44
CA PRO A 60 -6.45 0.46 3.62
C PRO A 60 -5.38 1.56 3.70
N GLN A 61 -4.15 1.14 3.75
CA GLN A 61 -3.00 2.08 3.79
C GLN A 61 -1.86 1.56 2.89
N ILE A 62 -1.30 2.43 2.07
CA ILE A 62 -0.20 2.01 1.18
C ILE A 62 1.08 2.78 1.49
N PHE A 63 2.17 2.05 1.44
CA PHE A 63 3.53 2.63 1.73
C PHE A 63 4.51 2.24 0.63
N VAL A 64 5.46 3.12 0.39
CA VAL A 64 6.50 2.87 -0.64
C VAL A 64 7.87 2.97 0.03
N ASP A 65 8.54 1.86 0.13
CA ASP A 65 9.89 1.80 0.77
C ASP A 65 9.75 2.13 2.26
N GLN A 66 9.58 3.38 2.51
CA GLN A 66 9.43 3.87 3.90
C GLN A 66 8.40 5.02 3.96
N GLN A 67 7.99 5.49 2.82
CA GLN A 67 7.03 6.61 2.77
C GLN A 67 5.59 6.09 2.71
N HIS A 68 4.64 6.97 2.89
CA HIS A 68 3.21 6.57 2.82
C HIS A 68 2.55 7.36 1.69
N ILE A 69 1.51 6.83 1.12
CA ILE A 69 0.84 7.56 0.00
C ILE A 69 -0.59 7.90 0.40
N GLY A 70 -1.30 6.92 0.86
CA GLY A 70 -2.72 7.14 1.27
C GLY A 70 -3.41 5.78 1.41
N GLY A 71 -4.71 5.78 1.33
CA GLY A 71 -5.43 4.49 1.45
C GLY A 71 -5.55 3.82 0.07
N TYR A 72 -6.30 4.41 -0.81
CA TYR A 72 -6.45 3.81 -2.18
C TYR A 72 -6.75 4.94 -3.17
N THR A 73 -6.91 4.58 -4.43
CA THR A 73 -7.19 5.60 -5.48
C THR A 73 -5.97 6.52 -5.69
N ASP A 74 -5.67 7.32 -4.70
CA ASP A 74 -4.50 8.25 -4.78
C ASP A 74 -3.29 7.54 -5.39
N PHE A 75 -3.01 6.40 -4.83
CA PHE A 75 -1.86 5.56 -5.28
C PHE A 75 -1.76 5.47 -6.81
N ALA A 76 -2.87 5.42 -7.50
CA ALA A 76 -2.81 5.33 -9.00
C ALA A 76 -1.89 6.42 -9.54
N ALA A 77 -2.12 7.62 -9.09
CA ALA A 77 -1.28 8.76 -9.55
C ALA A 77 0.18 8.45 -9.23
N TRP A 78 0.40 8.13 -7.98
CA TRP A 78 1.81 7.82 -7.55
C TRP A 78 2.42 6.85 -8.56
N VAL A 79 1.75 5.77 -8.81
CA VAL A 79 2.30 4.79 -9.80
C VAL A 79 2.56 5.50 -11.13
N LYS A 80 1.62 6.34 -11.50
CA LYS A 80 1.71 7.11 -12.78
C LYS A 80 2.88 8.12 -12.82
N GLU A 81 3.20 8.80 -11.75
CA GLU A 81 4.35 9.79 -11.84
C GLU A 81 5.60 9.45 -11.01
N ASN A 82 5.52 8.51 -10.11
CA ASN A 82 6.74 8.14 -9.31
C ASN A 82 7.50 7.01 -9.99
N LEU A 83 6.85 6.34 -10.91
CA LEU A 83 7.54 5.23 -11.62
C LEU A 83 7.98 5.71 -13.01
N ASP A 84 7.02 5.86 -13.90
CA ASP A 84 7.32 6.33 -15.31
C ASP A 84 8.72 5.86 -15.79
N ALA A 85 9.01 4.61 -15.47
CA ALA A 85 10.30 3.97 -15.84
C ALA A 85 10.20 2.48 -15.51
N MET A 1 10.22 1.01 -4.57
CA MET A 1 10.73 -0.35 -4.85
C MET A 1 9.95 -1.38 -4.03
N GLN A 2 9.96 -1.19 -2.73
CA GLN A 2 9.25 -2.12 -1.81
C GLN A 2 7.83 -1.62 -1.50
N THR A 3 6.86 -2.13 -2.21
CA THR A 3 5.44 -1.69 -1.97
C THR A 3 4.80 -2.62 -0.94
N VAL A 4 4.27 -2.05 0.10
CA VAL A 4 3.64 -2.91 1.13
C VAL A 4 2.24 -2.41 1.44
N ILE A 5 1.36 -3.36 1.65
CA ILE A 5 -0.04 -3.04 1.98
C ILE A 5 -0.22 -3.47 3.43
N PHE A 6 -0.80 -2.61 4.23
CA PHE A 6 -1.01 -2.95 5.67
C PHE A 6 -2.48 -2.81 6.00
N GLY A 7 -3.09 -3.91 6.36
CA GLY A 7 -4.53 -3.85 6.74
C GLY A 7 -5.43 -4.51 5.71
N ARG A 8 -6.70 -4.47 5.98
CA ARG A 8 -7.70 -5.10 5.07
C ARG A 8 -8.78 -4.09 4.73
N SER A 9 -9.52 -4.39 3.70
CA SER A 9 -10.63 -3.48 3.27
C SER A 9 -11.97 -4.09 3.65
N GLY A 10 -12.12 -5.31 3.22
CA GLY A 10 -13.39 -6.06 3.50
C GLY A 10 -13.79 -6.68 2.18
N CYS A 11 -14.04 -5.83 1.23
CA CYS A 11 -14.41 -6.30 -0.13
C CYS A 11 -13.13 -6.28 -0.96
N PRO A 12 -13.16 -6.86 -2.15
CA PRO A 12 -12.01 -6.78 -3.09
C PRO A 12 -11.60 -5.32 -3.38
N TYR A 13 -10.97 -4.71 -2.42
CA TYR A 13 -10.53 -3.31 -2.59
C TYR A 13 -9.01 -3.24 -2.45
N CYS A 14 -8.47 -3.63 -1.31
CA CYS A 14 -6.98 -3.61 -1.16
C CYS A 14 -6.37 -4.42 -2.29
N VAL A 15 -7.04 -5.50 -2.59
CA VAL A 15 -6.60 -6.41 -3.67
C VAL A 15 -6.18 -5.65 -4.92
N ARG A 16 -7.01 -4.74 -5.38
CA ARG A 16 -6.66 -3.98 -6.62
C ARG A 16 -5.31 -3.28 -6.45
N ALA A 17 -5.06 -2.70 -5.30
CA ALA A 17 -3.74 -2.04 -5.10
C ALA A 17 -2.66 -3.09 -5.35
N LYS A 18 -2.87 -4.24 -4.75
CA LYS A 18 -1.90 -5.34 -4.96
C LYS A 18 -1.80 -5.62 -6.46
N ASP A 19 -2.90 -5.83 -7.12
CA ASP A 19 -2.86 -6.06 -8.60
C ASP A 19 -1.93 -5.05 -9.27
N LEU A 20 -2.15 -3.80 -9.00
CA LEU A 20 -1.29 -2.73 -9.62
C LEU A 20 0.18 -2.95 -9.25
N ALA A 21 0.42 -2.91 -7.96
CA ALA A 21 1.82 -3.09 -7.48
C ALA A 21 2.43 -4.31 -8.12
N GLU A 22 1.65 -5.35 -8.16
CA GLU A 22 2.10 -6.63 -8.77
C GLU A 22 2.37 -6.41 -10.24
N LYS A 23 1.42 -5.84 -10.92
CA LYS A 23 1.60 -5.59 -12.38
C LYS A 23 2.94 -4.88 -12.58
N LEU A 24 3.11 -3.76 -11.92
CA LEU A 24 4.39 -2.98 -12.03
C LEU A 24 5.56 -3.88 -11.63
N SER A 25 5.36 -4.58 -10.56
CA SER A 25 6.38 -5.54 -10.07
C SER A 25 6.81 -6.47 -11.20
N ASN A 26 5.90 -6.72 -12.10
CA ASN A 26 6.17 -7.62 -13.27
C ASN A 26 6.57 -6.80 -14.51
N GLU A 27 7.12 -5.65 -14.27
CA GLU A 27 7.56 -4.78 -15.40
C GLU A 27 8.91 -4.11 -15.08
N ARG A 28 9.10 -3.78 -13.83
CA ARG A 28 10.39 -3.14 -13.42
C ARG A 28 11.20 -4.03 -12.48
N ASP A 29 12.46 -4.21 -12.79
CA ASP A 29 13.32 -5.06 -11.92
C ASP A 29 13.78 -4.27 -10.70
N ASP A 30 12.91 -3.37 -10.29
CA ASP A 30 13.16 -2.51 -9.11
C ASP A 30 11.89 -2.44 -8.26
N PHE A 31 10.86 -3.09 -8.73
CA PHE A 31 9.56 -3.04 -8.00
C PHE A 31 9.07 -4.44 -7.56
N GLN A 32 8.83 -4.54 -6.27
CA GLN A 32 8.32 -5.81 -5.65
C GLN A 32 7.32 -5.41 -4.55
N TYR A 33 6.39 -6.27 -4.19
CA TYR A 33 5.43 -5.87 -3.12
C TYR A 33 5.21 -6.97 -2.08
N GLN A 34 4.66 -6.57 -0.96
CA GLN A 34 4.34 -7.52 0.18
C GLN A 34 3.00 -7.11 0.83
N TYR A 35 2.32 -8.04 1.44
CA TYR A 35 1.02 -7.71 2.11
C TYR A 35 1.02 -8.20 3.56
N VAL A 36 0.77 -7.30 4.49
CA VAL A 36 0.73 -7.68 5.93
C VAL A 36 -0.66 -7.25 6.47
N ASP A 37 -1.18 -7.95 7.46
CA ASP A 37 -2.55 -7.53 7.96
C ASP A 37 -2.50 -7.25 9.46
N ILE A 38 -2.93 -6.07 9.77
CA ILE A 38 -2.96 -5.59 11.18
C ILE A 38 -3.48 -6.62 12.18
N ARG A 39 -4.49 -7.39 11.81
CA ARG A 39 -5.05 -8.38 12.76
C ARG A 39 -4.50 -9.80 12.55
N ALA A 40 -3.35 -9.87 11.98
CA ALA A 40 -2.70 -11.20 11.76
C ALA A 40 -1.39 -11.23 12.54
N GLU A 41 -0.68 -10.13 12.43
CA GLU A 41 0.62 -10.01 13.13
C GLU A 41 0.45 -9.36 14.51
N GLY A 42 -0.55 -8.52 14.66
CA GLY A 42 -0.78 -7.87 16.00
C GLY A 42 -0.33 -6.41 15.98
N ILE A 43 -0.94 -5.63 15.12
CA ILE A 43 -0.56 -4.19 15.02
C ILE A 43 -1.73 -3.34 15.52
N THR A 44 -1.44 -2.15 15.94
CA THR A 44 -2.51 -1.25 16.43
C THR A 44 -2.85 -0.24 15.33
N LYS A 45 -3.63 0.74 15.67
CA LYS A 45 -4.01 1.77 14.66
C LYS A 45 -3.05 2.94 14.85
N GLU A 46 -2.91 3.38 16.07
CA GLU A 46 -1.95 4.50 16.33
C GLU A 46 -0.59 4.19 15.66
N ASP A 47 -0.03 3.03 15.93
CA ASP A 47 1.29 2.67 15.30
C ASP A 47 1.30 2.93 13.78
N LEU A 48 0.23 2.52 13.14
CA LEU A 48 0.09 2.72 11.65
C LEU A 48 -0.12 4.21 11.38
N GLN A 49 -0.94 4.83 12.18
CA GLN A 49 -1.18 6.29 11.99
C GLN A 49 0.18 6.99 12.09
N GLN A 50 1.02 6.42 12.92
CA GLN A 50 2.39 6.96 13.14
C GLN A 50 3.26 6.70 11.91
N LYS A 51 2.66 6.09 10.93
CA LYS A 51 3.36 5.77 9.66
C LYS A 51 2.72 6.54 8.50
N ALA A 52 1.42 6.58 8.51
CA ALA A 52 0.67 7.30 7.43
C ALA A 52 0.63 8.82 7.69
N GLY A 53 0.23 9.17 8.88
CA GLY A 53 0.14 10.60 9.28
C GLY A 53 -1.28 11.07 9.02
N LYS A 54 -1.65 10.86 7.78
CA LYS A 54 -3.01 11.25 7.27
C LYS A 54 -3.60 12.49 7.98
N PRO A 55 -4.92 12.50 8.12
CA PRO A 55 -5.57 12.74 9.42
C PRO A 55 -5.87 11.43 10.17
N VAL A 56 -6.67 11.55 11.19
CA VAL A 56 -7.03 10.35 12.01
C VAL A 56 -8.41 9.82 11.56
N GLU A 57 -8.40 9.06 10.50
CA GLU A 57 -9.69 8.51 9.97
C GLU A 57 -9.78 6.96 10.04
N THR A 58 -9.44 6.24 8.99
CA THR A 58 -9.59 4.74 9.05
C THR A 58 -8.44 3.98 8.33
N VAL A 59 -8.78 2.76 7.94
CA VAL A 59 -7.83 1.83 7.24
C VAL A 59 -8.33 1.57 5.81
N PRO A 60 -7.76 0.60 5.11
CA PRO A 60 -6.35 0.12 5.25
C PRO A 60 -5.35 1.17 4.78
N GLN A 61 -4.08 0.81 4.78
CA GLN A 61 -3.02 1.79 4.36
C GLN A 61 -2.01 1.14 3.40
N ILE A 62 -1.45 1.95 2.54
CA ILE A 62 -0.42 1.45 1.59
C ILE A 62 0.84 2.30 1.78
N PHE A 63 1.96 1.64 1.69
CA PHE A 63 3.27 2.33 1.86
C PHE A 63 4.26 1.87 0.79
N VAL A 64 5.24 2.68 0.50
CA VAL A 64 6.26 2.30 -0.55
C VAL A 64 7.66 2.68 -0.06
N ASP A 65 8.52 1.72 0.16
CA ASP A 65 9.91 2.03 0.63
C ASP A 65 9.80 2.87 1.89
N GLN A 66 10.02 4.15 1.75
CA GLN A 66 9.90 5.07 2.92
C GLN A 66 8.91 6.19 2.57
N GLN A 67 7.87 5.82 1.89
CA GLN A 67 6.82 6.77 1.48
C GLN A 67 5.46 6.28 1.92
N HIS A 68 4.51 7.17 1.95
CA HIS A 68 3.14 6.79 2.36
C HIS A 68 2.20 7.16 1.21
N ILE A 69 1.21 6.35 0.96
CA ILE A 69 0.26 6.69 -0.14
C ILE A 69 -1.01 7.26 0.50
N GLY A 70 -2.05 6.48 0.64
CA GLY A 70 -3.29 7.01 1.27
C GLY A 70 -4.49 6.84 0.34
N GLY A 71 -4.82 5.60 0.08
CA GLY A 71 -5.97 5.29 -0.82
C GLY A 71 -5.49 4.36 -1.94
N TYR A 72 -6.35 4.07 -2.88
CA TYR A 72 -5.93 3.13 -3.99
C TYR A 72 -5.80 3.91 -5.30
N THR A 73 -6.89 4.51 -5.75
CA THR A 73 -6.79 5.32 -7.00
C THR A 73 -5.53 6.19 -6.86
N ASP A 74 -5.31 6.57 -5.64
CA ASP A 74 -4.13 7.41 -5.27
C ASP A 74 -2.86 6.63 -5.61
N PHE A 75 -2.84 5.38 -5.27
CA PHE A 75 -1.65 4.53 -5.56
C PHE A 75 -1.48 4.45 -7.09
N ALA A 76 -2.59 4.29 -7.77
CA ALA A 76 -2.52 4.22 -9.27
C ALA A 76 -1.98 5.55 -9.80
N ALA A 77 -2.62 6.64 -9.46
CA ALA A 77 -2.11 7.96 -9.92
C ALA A 77 -0.65 8.05 -9.49
N TRP A 78 -0.41 7.85 -8.23
CA TRP A 78 0.99 7.90 -7.68
C TRP A 78 1.98 7.30 -8.68
N VAL A 79 1.69 6.09 -9.09
CA VAL A 79 2.57 5.39 -10.09
C VAL A 79 2.99 6.33 -11.24
N LYS A 80 2.00 6.81 -11.94
CA LYS A 80 2.23 7.71 -13.13
C LYS A 80 3.28 8.81 -12.87
N GLU A 81 3.44 9.26 -11.65
CA GLU A 81 4.47 10.33 -11.38
C GLU A 81 5.68 9.83 -10.60
N ASN A 82 5.51 8.79 -9.82
CA ASN A 82 6.67 8.28 -9.02
C ASN A 82 7.53 7.32 -9.86
N LEU A 83 6.90 6.59 -10.73
CA LEU A 83 7.68 5.66 -11.59
C LEU A 83 7.78 6.33 -12.94
N ASP A 84 6.62 6.83 -13.35
CA ASP A 84 6.43 7.56 -14.64
C ASP A 84 6.74 6.67 -15.83
N ALA A 85 7.97 6.33 -15.92
CA ALA A 85 8.47 5.46 -17.02
C ALA A 85 9.14 4.19 -16.41
N MET A 1 11.31 0.57 -3.21
CA MET A 1 10.22 0.11 -4.11
C MET A 1 9.48 -1.08 -3.48
N GLN A 2 9.29 -0.97 -2.20
CA GLN A 2 8.60 -1.99 -1.40
C GLN A 2 7.27 -1.34 -1.02
N THR A 3 6.28 -1.71 -1.77
CA THR A 3 4.93 -1.13 -1.56
C THR A 3 4.16 -1.97 -0.53
N VAL A 4 4.08 -1.46 0.66
CA VAL A 4 3.37 -2.20 1.75
C VAL A 4 1.92 -1.75 1.85
N ILE A 5 1.03 -2.72 1.88
CA ILE A 5 -0.41 -2.43 2.00
C ILE A 5 -0.85 -2.98 3.36
N PHE A 6 -1.29 -2.10 4.21
CA PHE A 6 -1.78 -2.54 5.56
C PHE A 6 -3.30 -2.42 5.52
N GLY A 7 -3.96 -3.53 5.28
CA GLY A 7 -5.45 -3.49 5.18
C GLY A 7 -6.11 -4.56 6.03
N ARG A 8 -7.33 -4.85 5.68
CA ARG A 8 -8.10 -5.88 6.40
C ARG A 8 -8.57 -6.90 5.36
N SER A 9 -8.33 -8.14 5.64
CA SER A 9 -8.76 -9.20 4.69
C SER A 9 -10.23 -9.00 4.36
N GLY A 10 -10.49 -8.53 3.16
CA GLY A 10 -11.89 -8.30 2.73
C GLY A 10 -12.05 -6.93 2.06
N CYS A 11 -11.04 -6.09 2.18
CA CYS A 11 -11.13 -4.74 1.54
C CYS A 11 -10.45 -4.76 0.15
N PRO A 12 -11.22 -5.05 -0.88
CA PRO A 12 -10.70 -5.49 -2.22
C PRO A 12 -9.77 -4.44 -2.86
N TYR A 13 -9.62 -3.33 -2.19
CA TYR A 13 -8.72 -2.27 -2.74
C TYR A 13 -7.29 -2.75 -2.58
N CYS A 14 -7.02 -3.43 -1.50
CA CYS A 14 -5.63 -3.94 -1.30
C CYS A 14 -5.29 -4.84 -2.47
N VAL A 15 -6.24 -5.67 -2.83
CA VAL A 15 -6.01 -6.58 -3.98
C VAL A 15 -5.64 -5.75 -5.21
N ARG A 16 -6.51 -4.84 -5.57
CA ARG A 16 -6.20 -3.99 -6.75
C ARG A 16 -4.79 -3.40 -6.61
N ALA A 17 -4.47 -2.84 -5.47
CA ALA A 17 -3.09 -2.28 -5.31
C ALA A 17 -2.10 -3.42 -5.61
N LYS A 18 -2.23 -4.52 -4.91
CA LYS A 18 -1.31 -5.68 -5.14
C LYS A 18 -1.18 -5.93 -6.65
N ASP A 19 -2.28 -6.01 -7.32
CA ASP A 19 -2.27 -6.24 -8.79
C ASP A 19 -1.58 -5.09 -9.50
N LEU A 20 -2.05 -3.90 -9.28
CA LEU A 20 -1.40 -2.74 -9.92
C LEU A 20 0.12 -2.82 -9.72
N ALA A 21 0.53 -2.92 -8.48
CA ALA A 21 1.99 -3.00 -8.18
C ALA A 21 2.58 -4.23 -8.88
N GLU A 22 1.82 -5.29 -8.95
CA GLU A 22 2.33 -6.51 -9.63
C GLU A 22 2.85 -6.13 -11.04
N LYS A 23 2.08 -5.38 -11.79
CA LYS A 23 2.56 -4.97 -13.16
C LYS A 23 4.01 -4.52 -13.09
N LEU A 24 4.22 -3.51 -12.31
CA LEU A 24 5.59 -2.97 -12.12
C LEU A 24 6.54 -4.13 -11.90
N SER A 25 6.16 -4.95 -10.95
CA SER A 25 6.97 -6.15 -10.61
C SER A 25 7.24 -7.00 -11.86
N ASN A 26 6.28 -7.10 -12.74
CA ASN A 26 6.49 -7.93 -13.99
C ASN A 26 6.73 -6.98 -15.16
N GLU A 27 7.42 -5.94 -14.87
CA GLU A 27 7.75 -4.91 -15.90
C GLU A 27 9.26 -4.64 -15.81
N ARG A 28 9.65 -4.38 -14.60
CA ARG A 28 11.06 -4.07 -14.24
C ARG A 28 11.50 -5.04 -13.12
N ASP A 29 12.72 -4.91 -12.64
CA ASP A 29 13.21 -5.83 -11.57
C ASP A 29 13.50 -5.05 -10.28
N ASP A 30 12.80 -3.96 -10.11
CA ASP A 30 13.02 -3.11 -8.89
C ASP A 30 11.74 -2.97 -8.05
N PHE A 31 10.61 -3.42 -8.54
CA PHE A 31 9.35 -3.23 -7.76
C PHE A 31 8.77 -4.50 -7.13
N GLN A 32 8.46 -4.41 -5.85
CA GLN A 32 7.85 -5.57 -5.13
C GLN A 32 6.74 -5.02 -4.22
N TYR A 33 5.74 -5.83 -3.92
CA TYR A 33 4.64 -5.34 -3.02
C TYR A 33 4.51 -6.27 -1.79
N GLN A 34 3.97 -5.73 -0.73
CA GLN A 34 3.81 -6.52 0.53
C GLN A 34 2.36 -6.39 1.05
N TYR A 35 1.65 -7.49 1.12
CA TYR A 35 0.24 -7.42 1.61
C TYR A 35 0.15 -8.02 3.02
N VAL A 36 -0.13 -7.17 3.98
CA VAL A 36 -0.22 -7.63 5.40
C VAL A 36 -1.61 -7.27 5.98
N ASP A 37 -2.04 -7.98 7.00
CA ASP A 37 -3.39 -7.68 7.63
C ASP A 37 -3.12 -7.17 9.05
N ILE A 38 -3.75 -6.08 9.39
CA ILE A 38 -3.53 -5.47 10.72
C ILE A 38 -3.62 -6.45 11.89
N ARG A 39 -4.55 -7.38 11.86
CA ARG A 39 -4.63 -8.32 13.01
C ARG A 39 -3.65 -9.46 12.77
N ALA A 40 -3.66 -9.98 11.57
CA ALA A 40 -2.72 -11.10 11.22
C ALA A 40 -1.38 -10.94 11.93
N GLU A 41 -0.74 -9.80 11.71
CA GLU A 41 0.58 -9.56 12.35
C GLU A 41 0.45 -8.55 13.51
N GLY A 42 -0.57 -8.76 14.31
CA GLY A 42 -0.86 -7.90 15.52
C GLY A 42 -0.28 -6.50 15.46
N ILE A 43 -0.80 -5.69 14.57
CA ILE A 43 -0.32 -4.30 14.42
C ILE A 43 -1.35 -3.41 15.13
N THR A 44 -0.89 -2.40 15.83
CA THR A 44 -1.85 -1.53 16.57
C THR A 44 -2.03 -0.19 15.86
N LYS A 45 -3.00 0.58 16.30
CA LYS A 45 -3.22 1.88 15.60
C LYS A 45 -2.10 2.87 15.90
N GLU A 46 -1.56 2.87 17.10
CA GLU A 46 -0.44 3.82 17.40
C GLU A 46 0.67 3.55 16.37
N ASP A 47 1.09 2.30 16.32
CA ASP A 47 2.17 1.89 15.36
C ASP A 47 1.89 2.39 13.94
N LEU A 48 0.68 2.16 13.50
CA LEU A 48 0.25 2.61 12.14
C LEU A 48 0.27 4.14 12.04
N GLN A 49 -0.35 4.80 12.98
CA GLN A 49 -0.34 6.29 12.95
C GLN A 49 1.11 6.75 12.82
N GLN A 50 1.93 6.11 13.63
CA GLN A 50 3.38 6.36 13.65
C GLN A 50 4.00 6.16 12.27
N LYS A 51 3.35 5.39 11.45
CA LYS A 51 3.88 5.12 10.08
C LYS A 51 3.22 6.06 9.04
N ALA A 52 1.98 6.39 9.28
CA ALA A 52 1.26 7.29 8.31
C ALA A 52 1.70 8.74 8.45
N GLY A 53 1.82 9.21 9.67
CA GLY A 53 2.25 10.63 9.89
C GLY A 53 1.06 11.41 10.43
N LYS A 54 -0.03 11.23 9.75
CA LYS A 54 -1.29 11.89 10.15
C LYS A 54 -2.00 10.89 11.07
N PRO A 55 -3.02 11.31 11.80
CA PRO A 55 -4.15 10.40 12.09
C PRO A 55 -4.59 9.72 10.78
N VAL A 56 -5.21 8.57 10.86
CA VAL A 56 -5.63 7.90 9.60
C VAL A 56 -7.14 7.74 9.56
N GLU A 57 -7.68 7.75 8.37
CA GLU A 57 -9.15 7.60 8.24
C GLU A 57 -9.56 6.13 8.18
N THR A 58 -9.23 5.46 7.10
CA THR A 58 -9.61 4.02 6.97
C THR A 58 -8.51 3.22 6.26
N VAL A 59 -8.69 1.92 6.21
CA VAL A 59 -7.73 1.01 5.55
C VAL A 59 -8.32 0.63 4.17
N PRO A 60 -7.51 0.17 3.24
CA PRO A 60 -6.09 -0.19 3.43
C PRO A 60 -5.16 0.99 3.16
N GLN A 61 -4.06 1.05 3.86
CA GLN A 61 -3.08 2.17 3.65
C GLN A 61 -1.84 1.63 2.93
N ILE A 62 -1.24 2.46 2.11
CA ILE A 62 -0.01 2.00 1.36
C ILE A 62 1.20 2.87 1.66
N PHE A 63 2.33 2.21 1.76
CA PHE A 63 3.62 2.90 2.05
C PHE A 63 4.65 2.47 1.01
N VAL A 64 5.61 3.31 0.76
CA VAL A 64 6.67 2.99 -0.24
C VAL A 64 8.03 3.09 0.48
N ASP A 65 8.59 1.96 0.82
CA ASP A 65 9.91 1.95 1.54
C ASP A 65 9.75 2.58 2.93
N GLN A 66 9.83 3.87 2.94
CA GLN A 66 9.68 4.65 4.20
C GLN A 66 8.60 5.72 4.03
N GLN A 67 8.22 5.98 2.81
CA GLN A 67 7.19 7.01 2.54
C GLN A 67 5.79 6.45 2.75
N HIS A 68 4.84 7.36 2.78
CA HIS A 68 3.42 6.99 2.97
C HIS A 68 2.66 7.57 1.76
N ILE A 69 1.78 6.81 1.19
CA ILE A 69 1.02 7.33 0.00
C ILE A 69 -0.41 7.65 0.39
N GLY A 70 -0.94 6.90 1.32
CA GLY A 70 -2.33 7.13 1.78
C GLY A 70 -3.16 5.87 1.52
N GLY A 71 -4.18 6.00 0.69
CA GLY A 71 -5.06 4.84 0.37
C GLY A 71 -4.87 4.42 -1.09
N TYR A 72 -5.69 3.51 -1.54
CA TYR A 72 -5.56 3.03 -2.96
C TYR A 72 -5.64 4.18 -4.00
N THR A 73 -6.67 4.98 -3.95
CA THR A 73 -6.79 6.11 -4.95
C THR A 73 -5.43 6.77 -5.17
N ASP A 74 -4.89 7.25 -4.10
CA ASP A 74 -3.57 7.93 -4.14
C ASP A 74 -2.55 6.98 -4.75
N PHE A 75 -2.41 5.84 -4.13
CA PHE A 75 -1.44 4.83 -4.66
C PHE A 75 -1.56 4.68 -6.17
N ALA A 76 -2.75 4.42 -6.66
CA ALA A 76 -2.92 4.25 -8.13
C ALA A 76 -2.33 5.45 -8.85
N ALA A 77 -2.80 6.62 -8.48
CA ALA A 77 -2.27 7.86 -9.12
C ALA A 77 -0.74 7.90 -8.97
N TRP A 78 -0.29 7.87 -7.75
CA TRP A 78 1.18 7.91 -7.48
C TRP A 78 1.90 7.00 -8.47
N VAL A 79 1.46 5.77 -8.52
CA VAL A 79 2.08 4.81 -9.46
C VAL A 79 2.00 5.37 -10.89
N LYS A 80 0.80 5.60 -11.33
CA LYS A 80 0.57 6.08 -12.72
C LYS A 80 1.51 7.20 -13.15
N GLU A 81 1.56 8.29 -12.42
CA GLU A 81 2.45 9.39 -12.90
C GLU A 81 3.87 9.36 -12.31
N ASN A 82 4.37 8.20 -11.95
CA ASN A 82 5.76 8.15 -11.39
C ASN A 82 6.48 6.92 -11.92
N LEU A 83 5.76 5.86 -12.07
CA LEU A 83 6.36 4.59 -12.57
C LEU A 83 5.87 4.25 -13.99
N ASP A 84 4.68 4.72 -14.30
CA ASP A 84 4.08 4.44 -15.64
C ASP A 84 4.49 5.52 -16.64
N ALA A 85 3.93 6.66 -16.38
CA ALA A 85 4.11 7.91 -17.20
C ALA A 85 2.70 8.52 -17.38
N MET A 1 12.05 1.41 -6.25
CA MET A 1 11.85 1.30 -4.79
C MET A 1 10.87 0.15 -4.49
N GLN A 2 10.66 -0.06 -3.23
CA GLN A 2 9.76 -1.15 -2.78
C GLN A 2 8.36 -0.61 -2.40
N THR A 3 7.37 -1.48 -2.37
CA THR A 3 5.97 -1.05 -2.01
C THR A 3 5.46 -1.90 -0.83
N VAL A 4 4.66 -1.29 0.02
CA VAL A 4 4.11 -2.04 1.18
C VAL A 4 2.60 -1.74 1.28
N ILE A 5 1.81 -2.76 1.44
CA ILE A 5 0.33 -2.55 1.56
C ILE A 5 -0.11 -3.05 2.94
N PHE A 6 -0.72 -2.17 3.72
CA PHE A 6 -1.21 -2.58 5.07
C PHE A 6 -2.73 -2.46 5.04
N GLY A 7 -3.40 -3.57 5.14
CA GLY A 7 -4.89 -3.49 5.11
C GLY A 7 -5.43 -4.85 4.77
N ARG A 8 -6.69 -4.96 4.47
CA ARG A 8 -7.20 -6.33 4.16
C ARG A 8 -7.93 -6.39 2.83
N SER A 9 -8.27 -7.58 2.46
CA SER A 9 -8.99 -7.81 1.18
C SER A 9 -10.31 -8.52 1.45
N GLY A 10 -11.05 -8.79 0.40
CA GLY A 10 -12.38 -9.46 0.53
C GLY A 10 -13.42 -8.57 -0.14
N CYS A 11 -13.39 -7.32 0.21
CA CYS A 11 -14.34 -6.33 -0.38
C CYS A 11 -13.50 -5.16 -0.90
N PRO A 12 -13.29 -5.13 -2.19
CA PRO A 12 -11.93 -5.12 -2.78
C PRO A 12 -10.89 -4.40 -1.89
N TYR A 13 -11.17 -3.16 -1.55
CA TYR A 13 -10.28 -2.32 -0.68
C TYR A 13 -8.83 -2.25 -1.18
N CYS A 14 -8.13 -3.34 -1.11
CA CYS A 14 -6.70 -3.37 -1.57
C CYS A 14 -6.54 -4.31 -2.76
N VAL A 15 -7.57 -5.02 -3.12
CA VAL A 15 -7.46 -5.96 -4.29
C VAL A 15 -6.71 -5.31 -5.47
N ARG A 16 -7.22 -4.20 -5.94
CA ARG A 16 -6.54 -3.57 -7.08
C ARG A 16 -5.10 -3.21 -6.70
N ALA A 17 -4.87 -2.82 -5.48
CA ALA A 17 -3.47 -2.50 -5.09
C ALA A 17 -2.64 -3.78 -5.27
N LYS A 18 -3.09 -4.85 -4.68
CA LYS A 18 -2.36 -6.15 -4.81
C LYS A 18 -2.08 -6.52 -6.28
N ASP A 19 -3.10 -6.47 -7.09
CA ASP A 19 -2.93 -6.80 -8.56
C ASP A 19 -2.05 -5.74 -9.24
N LEU A 20 -2.44 -4.51 -9.08
CA LEU A 20 -1.65 -3.38 -9.69
C LEU A 20 -0.19 -3.57 -9.30
N ALA A 21 0.04 -3.70 -8.02
CA ALA A 21 1.43 -3.89 -7.53
C ALA A 21 2.02 -5.11 -8.22
N GLU A 22 1.29 -6.20 -8.22
CA GLU A 22 1.77 -7.44 -8.88
C GLU A 22 2.32 -7.13 -10.29
N LYS A 23 1.42 -6.65 -11.11
CA LYS A 23 1.75 -6.30 -12.53
C LYS A 23 3.05 -5.49 -12.61
N LEU A 24 3.12 -4.46 -11.81
CA LEU A 24 4.34 -3.60 -11.76
C LEU A 24 5.54 -4.40 -11.22
N SER A 25 5.29 -5.21 -10.23
CA SER A 25 6.38 -6.04 -9.63
C SER A 25 6.99 -6.91 -10.71
N ASN A 26 6.13 -7.44 -11.54
CA ASN A 26 6.61 -8.31 -12.65
C ASN A 26 6.89 -7.41 -13.86
N GLU A 27 7.26 -6.20 -13.58
CA GLU A 27 7.59 -5.21 -14.66
C GLU A 27 9.04 -4.75 -14.48
N ARG A 28 9.31 -4.19 -13.34
CA ARG A 28 10.69 -3.70 -13.06
C ARG A 28 11.25 -4.50 -11.88
N ASP A 29 12.53 -4.64 -11.83
CA ASP A 29 13.14 -5.43 -10.72
C ASP A 29 13.12 -4.62 -9.43
N ASP A 30 13.32 -3.33 -9.56
CA ASP A 30 13.33 -2.46 -8.36
C ASP A 30 11.89 -2.08 -7.98
N PHE A 31 11.00 -3.04 -8.06
CA PHE A 31 9.59 -2.77 -7.65
C PHE A 31 9.04 -4.01 -6.96
N GLN A 32 9.49 -4.26 -5.75
CA GLN A 32 9.00 -5.45 -5.00
C GLN A 32 7.94 -4.97 -4.00
N TYR A 33 6.86 -5.71 -3.87
CA TYR A 33 5.79 -5.26 -2.91
C TYR A 33 5.54 -6.26 -1.77
N GLN A 34 5.02 -5.76 -0.69
CA GLN A 34 4.69 -6.61 0.48
C GLN A 34 3.20 -6.45 0.77
N TYR A 35 2.51 -7.53 0.92
CA TYR A 35 1.04 -7.43 1.22
C TYR A 35 0.80 -8.12 2.56
N VAL A 36 0.41 -7.34 3.52
CA VAL A 36 0.15 -7.90 4.87
C VAL A 36 -1.25 -7.52 5.32
N ASP A 37 -1.88 -8.41 6.05
CA ASP A 37 -3.26 -8.11 6.54
C ASP A 37 -3.13 -7.60 7.96
N ILE A 38 -3.90 -6.61 8.27
CA ILE A 38 -3.86 -6.02 9.63
C ILE A 38 -3.89 -7.08 10.75
N ARG A 39 -4.52 -8.20 10.50
CA ARG A 39 -4.59 -9.24 11.57
C ARG A 39 -3.47 -10.29 11.44
N ALA A 40 -2.41 -9.90 10.78
CA ALA A 40 -1.26 -10.83 10.60
C ALA A 40 -0.15 -10.47 11.61
N GLU A 41 0.21 -9.20 11.63
CA GLU A 41 1.29 -8.78 12.59
C GLU A 41 0.67 -8.23 13.87
N GLY A 42 -0.62 -7.98 13.82
CA GLY A 42 -1.33 -7.44 15.03
C GLY A 42 -1.37 -5.92 14.92
N ILE A 43 -1.96 -5.45 13.87
CA ILE A 43 -2.01 -3.98 13.63
C ILE A 43 -3.38 -3.40 14.01
N THR A 44 -3.34 -2.22 14.60
CA THR A 44 -4.58 -1.52 15.01
C THR A 44 -4.63 -0.13 14.35
N LYS A 45 -5.81 0.44 14.31
CA LYS A 45 -5.98 1.80 13.71
C LYS A 45 -4.86 2.71 14.21
N GLU A 46 -4.75 2.84 15.49
CA GLU A 46 -3.67 3.69 16.09
C GLU A 46 -2.32 3.42 15.38
N ASP A 47 -1.93 2.18 15.24
CA ASP A 47 -0.62 1.93 14.56
C ASP A 47 -0.68 2.48 13.14
N LEU A 48 -1.71 2.11 12.44
CA LEU A 48 -1.87 2.59 11.04
C LEU A 48 -1.75 4.12 11.02
N GLN A 49 -2.38 4.73 11.97
CA GLN A 49 -2.31 6.20 12.09
C GLN A 49 -0.83 6.59 12.20
N GLN A 50 -0.12 5.90 13.06
CA GLN A 50 1.35 6.17 13.24
C GLN A 50 2.11 5.93 11.93
N LYS A 51 1.85 4.81 11.35
CA LYS A 51 2.50 4.37 10.08
C LYS A 51 2.28 5.40 8.97
N ALA A 52 1.04 5.77 8.81
CA ALA A 52 0.64 6.74 7.77
C ALA A 52 1.02 8.18 8.10
N GLY A 53 0.75 8.60 9.30
CA GLY A 53 1.09 10.01 9.68
C GLY A 53 -0.08 10.92 9.35
N LYS A 54 -1.26 10.45 9.66
CA LYS A 54 -2.49 11.24 9.39
C LYS A 54 -3.31 11.31 10.67
N PRO A 55 -4.47 11.92 10.59
CA PRO A 55 -5.61 11.50 11.42
C PRO A 55 -5.84 9.99 11.32
N VAL A 56 -7.05 9.58 11.62
CA VAL A 56 -7.38 8.13 11.60
C VAL A 56 -8.40 7.78 10.50
N GLU A 57 -7.96 7.87 9.28
CA GLU A 57 -8.84 7.56 8.11
C GLU A 57 -9.08 6.04 7.95
N THR A 58 -9.55 5.42 8.99
CA THR A 58 -9.86 3.94 8.99
C THR A 58 -8.85 3.04 8.25
N VAL A 59 -9.27 2.46 7.15
CA VAL A 59 -8.41 1.55 6.34
C VAL A 59 -8.73 1.72 4.85
N PRO A 60 -7.95 1.11 3.99
CA PRO A 60 -6.56 0.64 4.25
C PRO A 60 -5.54 1.69 3.78
N GLN A 61 -4.28 1.45 4.09
CA GLN A 61 -3.23 2.45 3.69
C GLN A 61 -2.09 1.74 2.91
N ILE A 62 -1.47 2.48 2.03
CA ILE A 62 -0.34 1.91 1.23
C ILE A 62 0.90 2.78 1.43
N PHE A 63 2.03 2.13 1.38
CA PHE A 63 3.32 2.84 1.59
C PHE A 63 4.29 2.46 0.48
N VAL A 64 5.33 3.23 0.38
CA VAL A 64 6.38 3.01 -0.66
C VAL A 64 7.77 3.12 -0.04
N ASP A 65 8.47 2.03 0.00
CA ASP A 65 9.85 2.02 0.58
C ASP A 65 9.90 2.60 2.00
N GLN A 66 10.02 3.89 2.08
CA GLN A 66 10.10 4.58 3.40
C GLN A 66 9.27 5.87 3.38
N GLN A 67 8.32 5.91 2.49
CA GLN A 67 7.42 7.06 2.31
C GLN A 67 5.96 6.57 2.44
N HIS A 68 5.05 7.43 2.84
CA HIS A 68 3.63 6.98 2.95
C HIS A 68 2.84 7.64 1.82
N ILE A 69 1.93 6.92 1.22
CA ILE A 69 1.17 7.52 0.08
C ILE A 69 -0.23 7.90 0.55
N GLY A 70 -0.85 7.00 1.25
CA GLY A 70 -2.23 7.26 1.73
C GLY A 70 -3.08 6.01 1.55
N GLY A 71 -4.18 6.17 0.85
CA GLY A 71 -5.11 5.03 0.60
C GLY A 71 -5.08 4.63 -0.88
N TYR A 72 -5.94 3.72 -1.25
CA TYR A 72 -5.99 3.25 -2.68
C TYR A 72 -6.00 4.40 -3.71
N THR A 73 -7.00 5.25 -3.64
CA THR A 73 -7.10 6.39 -4.60
C THR A 73 -5.73 6.96 -4.94
N ASP A 74 -5.12 7.40 -3.89
CA ASP A 74 -3.77 8.01 -4.00
C ASP A 74 -2.80 7.00 -4.57
N PHE A 75 -2.75 5.82 -4.01
CA PHE A 75 -1.82 4.80 -4.56
C PHE A 75 -1.96 4.74 -6.08
N ALA A 76 -3.16 4.62 -6.57
CA ALA A 76 -3.32 4.57 -8.06
C ALA A 76 -2.67 5.80 -8.69
N ALA A 77 -3.11 6.96 -8.26
CA ALA A 77 -2.53 8.23 -8.82
C ALA A 77 -0.99 8.21 -8.71
N TRP A 78 -0.50 7.98 -7.52
CA TRP A 78 0.98 7.95 -7.30
C TRP A 78 1.66 7.01 -8.29
N VAL A 79 1.13 5.81 -8.38
CA VAL A 79 1.69 4.80 -9.32
C VAL A 79 1.89 5.37 -10.72
N LYS A 80 0.84 5.98 -11.22
CA LYS A 80 0.88 6.53 -12.60
C LYS A 80 2.19 7.21 -13.00
N GLU A 81 2.81 7.93 -12.09
CA GLU A 81 4.09 8.64 -12.45
C GLU A 81 5.31 8.18 -11.64
N ASN A 82 5.10 7.67 -10.45
CA ASN A 82 6.31 7.23 -9.67
C ASN A 82 6.75 5.87 -10.20
N LEU A 83 5.87 5.25 -10.96
CA LEU A 83 6.20 3.94 -11.59
C LEU A 83 6.04 4.11 -13.11
N ASP A 84 5.95 5.35 -13.50
CA ASP A 84 5.82 5.77 -14.92
C ASP A 84 5.04 4.77 -15.81
N ALA A 85 3.73 4.85 -15.70
CA ALA A 85 2.85 3.97 -16.53
C ALA A 85 1.79 4.84 -17.21
N MET A 1 11.52 -0.26 -5.83
CA MET A 1 11.09 0.17 -4.48
C MET A 1 10.22 -0.94 -3.88
N GLN A 2 9.93 -0.82 -2.62
CA GLN A 2 9.10 -1.82 -1.93
C GLN A 2 7.74 -1.21 -1.62
N THR A 3 6.69 -1.88 -1.98
CA THR A 3 5.32 -1.34 -1.71
C THR A 3 4.63 -2.22 -0.68
N VAL A 4 4.18 -1.63 0.39
CA VAL A 4 3.49 -2.43 1.44
C VAL A 4 2.08 -1.90 1.64
N ILE A 5 1.18 -2.80 1.90
CA ILE A 5 -0.24 -2.43 2.14
C ILE A 5 -0.63 -2.86 3.57
N PHE A 6 -1.01 -1.93 4.39
CA PHE A 6 -1.43 -2.26 5.78
C PHE A 6 -2.95 -2.06 5.83
N GLY A 7 -3.65 -2.96 5.21
CA GLY A 7 -5.14 -2.83 5.20
C GLY A 7 -5.81 -4.19 5.25
N ARG A 8 -7.11 -4.19 5.25
CA ARG A 8 -7.85 -5.49 5.29
C ARG A 8 -8.43 -5.68 3.89
N SER A 9 -8.15 -6.81 3.30
CA SER A 9 -8.67 -7.06 1.92
C SER A 9 -9.63 -8.26 1.86
N GLY A 10 -9.89 -8.64 0.64
CA GLY A 10 -10.82 -9.78 0.36
C GLY A 10 -11.81 -9.34 -0.71
N CYS A 11 -12.35 -8.17 -0.51
CA CYS A 11 -13.33 -7.60 -1.49
C CYS A 11 -12.77 -6.27 -1.98
N PRO A 12 -12.47 -6.19 -3.26
CA PRO A 12 -11.15 -5.76 -3.74
C PRO A 12 -10.34 -5.01 -2.68
N TYR A 13 -10.76 -3.83 -2.30
CA TYR A 13 -10.04 -2.98 -1.28
C TYR A 13 -8.53 -2.89 -1.53
N CYS A 14 -7.81 -3.97 -1.40
CA CYS A 14 -6.34 -3.91 -1.66
C CYS A 14 -5.99 -4.81 -2.86
N VAL A 15 -6.88 -5.73 -3.18
CA VAL A 15 -6.63 -6.64 -4.34
C VAL A 15 -6.16 -5.83 -5.57
N ARG A 16 -6.66 -4.63 -5.71
CA ARG A 16 -6.23 -3.82 -6.88
C ARG A 16 -4.86 -3.20 -6.63
N ALA A 17 -4.60 -2.78 -5.42
CA ALA A 17 -3.24 -2.22 -5.15
C ALA A 17 -2.26 -3.36 -5.37
N LYS A 18 -2.58 -4.47 -4.76
CA LYS A 18 -1.73 -5.69 -4.90
C LYS A 18 -1.61 -6.07 -6.38
N ASP A 19 -2.71 -6.18 -7.07
CA ASP A 19 -2.63 -6.55 -8.52
C ASP A 19 -1.78 -5.53 -9.25
N LEU A 20 -2.18 -4.27 -9.21
CA LEU A 20 -1.38 -3.22 -9.91
C LEU A 20 0.09 -3.36 -9.53
N ALA A 21 0.34 -3.24 -8.26
CA ALA A 21 1.73 -3.33 -7.75
C ALA A 21 2.41 -4.57 -8.34
N GLU A 22 1.76 -5.70 -8.18
CA GLU A 22 2.33 -6.96 -8.73
C GLU A 22 2.64 -6.75 -10.22
N LYS A 23 1.66 -6.23 -10.89
CA LYS A 23 1.82 -5.95 -12.34
C LYS A 23 3.15 -5.20 -12.53
N LEU A 24 3.35 -4.15 -11.77
CA LEU A 24 4.64 -3.38 -11.86
C LEU A 24 5.79 -4.29 -11.44
N SER A 25 5.49 -5.17 -10.55
CA SER A 25 6.53 -6.13 -10.10
C SER A 25 6.87 -6.98 -11.33
N ASN A 26 5.91 -7.15 -12.21
CA ASN A 26 6.17 -7.94 -13.45
C ASN A 26 6.54 -6.96 -14.58
N GLU A 27 7.18 -5.89 -14.18
CA GLU A 27 7.63 -4.87 -15.18
C GLU A 27 9.11 -4.55 -14.93
N ARG A 28 9.40 -3.96 -13.79
CA ARG A 28 10.83 -3.61 -13.46
C ARG A 28 11.25 -4.42 -12.23
N ASP A 29 12.40 -5.04 -12.29
CA ASP A 29 12.86 -5.88 -11.14
C ASP A 29 13.33 -5.01 -9.97
N ASP A 30 12.75 -3.85 -9.86
CA ASP A 30 13.09 -2.92 -8.77
C ASP A 30 11.86 -2.82 -7.87
N PHE A 31 10.73 -3.07 -8.46
CA PHE A 31 9.46 -2.95 -7.72
C PHE A 31 8.93 -4.28 -7.21
N GLN A 32 8.85 -4.34 -5.91
CA GLN A 32 8.34 -5.54 -5.19
C GLN A 32 7.18 -5.06 -4.31
N TYR A 33 6.09 -5.78 -4.27
CA TYR A 33 4.96 -5.33 -3.41
C TYR A 33 4.70 -6.36 -2.33
N GLN A 34 4.06 -5.92 -1.28
CA GLN A 34 3.76 -6.83 -0.15
C GLN A 34 2.40 -6.47 0.47
N TYR A 35 1.49 -7.41 0.46
CA TYR A 35 0.16 -7.12 1.07
C TYR A 35 0.21 -7.72 2.46
N VAL A 36 0.06 -6.89 3.47
CA VAL A 36 0.10 -7.40 4.86
C VAL A 36 -1.25 -7.06 5.48
N ASP A 37 -1.67 -7.82 6.47
CA ASP A 37 -2.99 -7.51 7.08
C ASP A 37 -2.77 -7.15 8.54
N ILE A 38 -3.38 -6.07 8.90
CA ILE A 38 -3.24 -5.56 10.30
C ILE A 38 -3.43 -6.64 11.37
N ARG A 39 -4.34 -7.56 11.15
CA ARG A 39 -4.59 -8.60 12.20
C ARG A 39 -3.78 -9.90 11.96
N ALA A 40 -2.76 -9.81 11.15
CA ALA A 40 -1.92 -11.00 10.87
C ALA A 40 -0.54 -10.80 11.51
N GLU A 41 0.00 -9.64 11.27
CA GLU A 41 1.35 -9.31 11.84
C GLU A 41 1.20 -8.67 13.22
N GLY A 42 0.05 -8.10 13.49
CA GLY A 42 -0.18 -7.48 14.83
C GLY A 42 0.06 -5.97 14.77
N ILE A 43 -0.59 -5.34 13.84
CA ILE A 43 -0.43 -3.86 13.68
C ILE A 43 -1.70 -3.23 14.21
N THR A 44 -1.58 -2.20 14.99
CA THR A 44 -2.81 -1.58 15.54
C THR A 44 -3.27 -0.46 14.62
N LYS A 45 -3.79 0.59 15.18
CA LYS A 45 -4.24 1.73 14.34
C LYS A 45 -3.38 2.92 14.72
N GLU A 46 -3.03 2.95 15.97
CA GLU A 46 -2.15 4.01 16.50
C GLU A 46 -0.79 3.84 15.82
N ASP A 47 -0.34 2.61 15.80
CA ASP A 47 0.98 2.28 15.15
C ASP A 47 0.96 2.57 13.65
N LEU A 48 -0.21 2.71 13.10
CA LEU A 48 -0.33 3.01 11.62
C LEU A 48 -0.50 4.52 11.46
N GLN A 49 -1.40 5.05 12.22
CA GLN A 49 -1.68 6.50 12.22
C GLN A 49 -0.34 7.22 12.40
N GLN A 50 0.41 6.74 13.35
CA GLN A 50 1.75 7.34 13.63
C GLN A 50 2.73 7.09 12.48
N LYS A 51 2.44 6.12 11.65
CA LYS A 51 3.37 5.80 10.50
C LYS A 51 3.05 6.68 9.28
N ALA A 52 1.78 6.86 9.02
CA ALA A 52 1.36 7.71 7.85
C ALA A 52 1.14 9.16 8.28
N GLY A 53 0.63 9.29 9.47
CA GLY A 53 0.35 10.63 10.05
C GLY A 53 -1.15 10.66 10.29
N LYS A 54 -1.83 10.64 9.18
CA LYS A 54 -3.33 10.66 9.15
C LYS A 54 -3.96 11.42 10.33
N PRO A 55 -5.21 11.18 10.55
CA PRO A 55 -5.73 10.88 11.90
C PRO A 55 -6.00 9.38 12.03
N VAL A 56 -6.84 9.02 12.95
CA VAL A 56 -7.18 7.58 13.10
C VAL A 56 -8.17 7.23 11.98
N GLU A 57 -7.73 6.41 11.07
CA GLU A 57 -8.61 6.01 9.91
C GLU A 57 -8.87 4.49 9.87
N THR A 58 -9.56 4.09 8.83
CA THR A 58 -9.89 2.64 8.63
C THR A 58 -8.77 2.03 7.77
N VAL A 59 -9.13 1.25 6.80
CA VAL A 59 -8.11 0.62 5.89
C VAL A 59 -8.50 0.93 4.44
N PRO A 60 -7.57 0.77 3.52
CA PRO A 60 -6.19 0.29 3.75
C PRO A 60 -5.17 1.44 3.82
N GLN A 61 -4.01 1.17 4.34
CA GLN A 61 -2.96 2.24 4.40
C GLN A 61 -1.75 1.74 3.60
N ILE A 62 -1.48 2.36 2.48
CA ILE A 62 -0.32 1.91 1.64
C ILE A 62 0.88 2.83 1.84
N PHE A 63 2.03 2.20 1.81
CA PHE A 63 3.34 2.91 2.00
C PHE A 63 4.34 2.43 0.94
N VAL A 64 5.32 3.25 0.67
CA VAL A 64 6.37 2.88 -0.33
C VAL A 64 7.73 3.18 0.33
N ASP A 65 8.56 2.18 0.43
CA ASP A 65 9.90 2.38 1.08
C ASP A 65 9.69 2.95 2.49
N GLN A 66 9.61 4.25 2.53
CA GLN A 66 9.41 4.99 3.79
C GLN A 66 8.31 6.06 3.64
N GLN A 67 7.98 6.39 2.41
CA GLN A 67 6.97 7.45 2.18
C GLN A 67 5.56 6.87 2.32
N HIS A 68 4.61 7.74 2.51
CA HIS A 68 3.20 7.31 2.64
C HIS A 68 2.45 7.72 1.38
N ILE A 69 1.48 6.93 1.01
CA ILE A 69 0.70 7.27 -0.22
C ILE A 69 -0.76 7.55 0.16
N GLY A 70 -1.31 6.65 0.91
CA GLY A 70 -2.73 6.81 1.34
C GLY A 70 -3.50 5.51 1.10
N GLY A 71 -4.53 5.60 0.30
CA GLY A 71 -5.35 4.38 0.00
C GLY A 71 -5.18 3.97 -1.46
N TYR A 72 -6.07 3.12 -1.91
CA TYR A 72 -6.02 2.62 -3.33
C TYR A 72 -5.95 3.79 -4.34
N THR A 73 -6.92 4.66 -4.25
CA THR A 73 -6.98 5.85 -5.17
C THR A 73 -5.61 6.51 -5.27
N ASP A 74 -5.10 6.81 -4.11
CA ASP A 74 -3.78 7.49 -3.99
C ASP A 74 -2.72 6.60 -4.62
N PHE A 75 -2.67 5.36 -4.20
CA PHE A 75 -1.66 4.44 -4.79
C PHE A 75 -1.68 4.54 -6.32
N ALA A 76 -2.83 4.38 -6.91
CA ALA A 76 -2.90 4.46 -8.41
C ALA A 76 -2.27 5.76 -8.90
N ALA A 77 -2.78 6.86 -8.40
CA ALA A 77 -2.22 8.18 -8.83
C ALA A 77 -0.71 8.22 -8.57
N TRP A 78 -0.32 7.96 -7.35
CA TRP A 78 1.14 7.98 -7.00
C TRP A 78 1.92 7.15 -8.01
N VAL A 79 1.49 5.93 -8.19
CA VAL A 79 2.15 5.01 -9.14
C VAL A 79 2.42 5.72 -10.47
N LYS A 80 1.37 6.18 -11.08
CA LYS A 80 1.50 6.83 -12.42
C LYS A 80 2.68 7.81 -12.55
N GLU A 81 2.94 8.64 -11.58
CA GLU A 81 4.10 9.59 -11.75
C GLU A 81 5.39 9.11 -11.07
N ASN A 82 5.38 7.94 -10.51
CA ASN A 82 6.61 7.43 -9.82
C ASN A 82 7.13 6.16 -10.51
N LEU A 83 6.22 5.32 -10.90
CA LEU A 83 6.61 4.04 -11.54
C LEU A 83 6.18 3.99 -13.01
N ASP A 84 6.28 5.08 -13.69
CA ASP A 84 5.89 5.08 -15.13
C ASP A 84 7.16 5.01 -15.98
N ALA A 85 8.10 4.25 -15.50
CA ALA A 85 9.40 4.06 -16.22
C ALA A 85 9.80 2.59 -16.08
N MET A 1 12.09 -0.56 -5.66
CA MET A 1 10.87 -0.04 -5.01
C MET A 1 10.14 -1.19 -4.32
N GLN A 2 9.77 -1.00 -3.07
CA GLN A 2 9.05 -2.03 -2.32
C GLN A 2 7.69 -1.43 -1.90
N THR A 3 6.62 -2.02 -2.34
CA THR A 3 5.25 -1.48 -2.01
C THR A 3 4.48 -2.47 -1.14
N VAL A 4 3.91 -2.00 -0.07
CA VAL A 4 3.14 -2.93 0.82
C VAL A 4 1.74 -2.41 1.16
N ILE A 5 0.85 -3.36 1.30
CA ILE A 5 -0.58 -3.04 1.64
C ILE A 5 -0.80 -3.56 3.06
N PHE A 6 -1.33 -2.73 3.92
CA PHE A 6 -1.58 -3.17 5.33
C PHE A 6 -3.06 -3.11 5.64
N GLY A 7 -3.63 -4.24 6.01
CA GLY A 7 -5.08 -4.29 6.35
C GLY A 7 -5.76 -5.56 5.86
N ARG A 8 -7.07 -5.50 5.74
CA ARG A 8 -7.86 -6.69 5.28
C ARG A 8 -8.34 -6.47 3.83
N SER A 9 -7.73 -7.18 2.92
CA SER A 9 -8.10 -7.05 1.49
C SER A 9 -9.40 -7.80 1.19
N GLY A 10 -9.56 -8.17 -0.06
CA GLY A 10 -10.79 -8.92 -0.48
C GLY A 10 -11.82 -7.91 -0.99
N CYS A 11 -11.35 -6.78 -1.44
CA CYS A 11 -12.26 -5.73 -1.97
C CYS A 11 -11.64 -5.02 -3.20
N PRO A 12 -12.48 -4.54 -4.10
CA PRO A 12 -12.02 -4.01 -5.42
C PRO A 12 -11.37 -2.61 -5.30
N TYR A 13 -10.75 -2.38 -4.19
CA TYR A 13 -10.04 -1.09 -3.94
C TYR A 13 -8.58 -1.41 -3.58
N CYS A 14 -8.37 -2.09 -2.48
CA CYS A 14 -6.96 -2.43 -2.10
C CYS A 14 -6.48 -3.62 -2.93
N VAL A 15 -7.40 -4.48 -3.31
CA VAL A 15 -6.97 -5.64 -4.16
C VAL A 15 -6.41 -5.09 -5.45
N ARG A 16 -7.14 -4.18 -6.04
CA ARG A 16 -6.66 -3.57 -7.31
C ARG A 16 -5.29 -2.93 -7.10
N ALA A 17 -5.05 -2.50 -5.88
CA ALA A 17 -3.72 -1.92 -5.62
C ALA A 17 -2.73 -3.08 -5.66
N LYS A 18 -3.06 -4.16 -4.97
CA LYS A 18 -2.15 -5.35 -5.04
C LYS A 18 -1.89 -5.61 -6.51
N ASP A 19 -2.94 -5.58 -7.31
CA ASP A 19 -2.75 -5.82 -8.77
C ASP A 19 -1.79 -4.79 -9.35
N LEU A 20 -2.15 -3.54 -9.29
CA LEU A 20 -1.24 -2.48 -9.84
C LEU A 20 0.20 -2.71 -9.35
N ALA A 21 0.35 -2.92 -8.07
CA ALA A 21 1.70 -3.16 -7.49
C ALA A 21 2.31 -4.41 -8.13
N GLU A 22 1.53 -5.45 -8.18
CA GLU A 22 2.03 -6.73 -8.79
C GLU A 22 2.39 -6.46 -10.25
N LYS A 23 1.59 -5.64 -10.88
CA LYS A 23 1.84 -5.28 -12.30
C LYS A 23 3.22 -4.65 -12.34
N LEU A 24 3.34 -3.52 -11.71
CA LEU A 24 4.65 -2.81 -11.67
C LEU A 24 5.73 -3.83 -11.36
N SER A 25 5.44 -4.65 -10.40
CA SER A 25 6.37 -5.73 -10.02
C SER A 25 6.74 -6.57 -11.24
N ASN A 26 5.76 -6.89 -12.04
CA ASN A 26 6.03 -7.68 -13.29
C ASN A 26 6.62 -6.77 -14.39
N GLU A 27 6.74 -5.49 -14.09
CA GLU A 27 7.29 -4.53 -15.11
C GLU A 27 8.81 -4.40 -15.01
N ARG A 28 9.34 -4.15 -13.85
CA ARG A 28 10.85 -4.01 -13.74
C ARG A 28 11.46 -4.71 -12.51
N ASP A 29 12.73 -5.03 -12.63
CA ASP A 29 13.46 -5.73 -11.52
C ASP A 29 13.79 -4.78 -10.36
N ASP A 30 12.93 -3.84 -10.16
CA ASP A 30 13.12 -2.86 -9.05
C ASP A 30 11.87 -2.84 -8.18
N PHE A 31 10.77 -3.22 -8.78
CA PHE A 31 9.50 -3.15 -8.05
C PHE A 31 9.00 -4.49 -7.53
N GLN A 32 8.82 -4.51 -6.24
CA GLN A 32 8.28 -5.70 -5.52
C GLN A 32 7.21 -5.17 -4.59
N TYR A 33 6.34 -6.03 -4.18
CA TYR A 33 5.27 -5.61 -3.26
C TYR A 33 5.02 -6.71 -2.25
N GLN A 34 4.30 -6.40 -1.22
CA GLN A 34 3.97 -7.43 -0.20
C GLN A 34 2.65 -7.08 0.49
N TYR A 35 1.96 -8.09 0.95
CA TYR A 35 0.65 -7.84 1.62
C TYR A 35 0.78 -8.28 3.08
N VAL A 36 0.49 -7.38 3.98
CA VAL A 36 0.60 -7.74 5.43
C VAL A 36 -0.71 -7.45 6.16
N ASP A 37 -0.95 -8.19 7.23
CA ASP A 37 -2.20 -7.98 8.01
C ASP A 37 -1.93 -7.21 9.30
N ILE A 38 -2.87 -6.38 9.59
CA ILE A 38 -2.80 -5.51 10.79
C ILE A 38 -2.88 -6.34 12.08
N ARG A 39 -3.61 -7.42 12.06
CA ARG A 39 -3.74 -8.25 13.31
C ARG A 39 -2.64 -9.31 13.39
N ALA A 40 -1.92 -9.49 12.32
CA ALA A 40 -0.82 -10.50 12.33
C ALA A 40 0.45 -9.83 12.91
N GLU A 41 0.68 -8.61 12.50
CA GLU A 41 1.86 -7.86 13.02
C GLU A 41 1.52 -7.16 14.34
N GLY A 42 0.36 -6.55 14.40
CA GLY A 42 -0.04 -5.84 15.66
C GLY A 42 -0.11 -4.33 15.42
N ILE A 43 -0.78 -3.96 14.37
CA ILE A 43 -0.91 -2.53 14.01
C ILE A 43 -2.34 -2.11 14.34
N THR A 44 -2.51 -0.99 14.97
CA THR A 44 -3.89 -0.58 15.35
C THR A 44 -4.44 0.58 14.50
N LYS A 45 -5.70 0.86 14.68
CA LYS A 45 -6.37 1.98 13.93
C LYS A 45 -5.73 3.32 14.33
N GLU A 46 -5.03 3.31 15.43
CA GLU A 46 -4.36 4.56 15.93
C GLU A 46 -2.91 4.53 15.41
N ASP A 47 -2.26 3.41 15.63
CA ASP A 47 -0.87 3.26 15.17
C ASP A 47 -0.82 3.53 13.67
N LEU A 48 -1.68 2.88 12.92
CA LEU A 48 -1.71 3.12 11.45
C LEU A 48 -1.87 4.63 11.21
N GLN A 49 -2.83 5.24 11.88
CA GLN A 49 -3.02 6.71 11.72
C GLN A 49 -1.67 7.41 11.85
N GLN A 50 -0.98 7.10 12.92
CA GLN A 50 0.35 7.69 13.20
C GLN A 50 1.38 7.33 12.11
N LYS A 51 1.45 6.06 11.79
CA LYS A 51 2.41 5.56 10.75
C LYS A 51 2.29 6.37 9.47
N ALA A 52 1.07 6.61 9.06
CA ALA A 52 0.88 7.41 7.82
C ALA A 52 0.81 8.90 8.18
N GLY A 53 -0.10 9.23 9.03
CA GLY A 53 -0.27 10.64 9.48
C GLY A 53 -1.75 10.93 9.62
N LYS A 54 -2.44 10.94 8.51
CA LYS A 54 -3.91 11.21 8.55
C LYS A 54 -4.71 10.40 7.53
N PRO A 55 -4.56 9.10 7.58
CA PRO A 55 -5.71 8.18 7.46
C PRO A 55 -6.27 7.89 8.85
N VAL A 56 -7.50 7.45 8.91
CA VAL A 56 -8.12 7.15 10.22
C VAL A 56 -8.59 5.69 10.25
N GLU A 57 -9.49 5.35 9.38
CA GLU A 57 -9.99 3.94 9.28
C GLU A 57 -9.89 3.49 7.82
N THR A 58 -8.89 3.98 7.13
CA THR A 58 -8.74 3.61 5.69
C THR A 58 -7.87 2.35 5.56
N VAL A 59 -8.43 1.25 5.98
CA VAL A 59 -7.67 -0.03 5.90
C VAL A 59 -8.36 -0.99 4.90
N PRO A 60 -7.57 -1.70 4.13
CA PRO A 60 -6.09 -1.61 4.16
C PRO A 60 -5.56 -0.32 3.56
N GLN A 61 -4.40 0.05 3.99
CA GLN A 61 -3.76 1.30 3.49
C GLN A 61 -2.42 0.90 2.88
N ILE A 62 -1.81 1.78 2.13
CA ILE A 62 -0.51 1.41 1.49
C ILE A 62 0.63 2.34 1.89
N PHE A 63 1.78 1.71 1.97
CA PHE A 63 3.03 2.43 2.32
C PHE A 63 4.05 2.09 1.23
N VAL A 64 4.98 2.97 1.01
CA VAL A 64 6.03 2.73 -0.03
C VAL A 64 7.38 2.88 0.66
N ASP A 65 8.22 1.90 0.53
CA ASP A 65 9.57 1.97 1.20
C ASP A 65 9.37 2.28 2.70
N GLN A 66 9.23 3.53 3.01
CA GLN A 66 9.02 3.93 4.43
C GLN A 66 7.97 5.04 4.58
N GLN A 67 7.26 5.35 3.54
CA GLN A 67 6.23 6.42 3.61
C GLN A 67 4.84 5.87 3.33
N HIS A 68 3.87 6.74 3.38
CA HIS A 68 2.45 6.33 3.13
C HIS A 68 1.93 7.05 1.90
N ILE A 69 1.12 6.38 1.13
CA ILE A 69 0.58 7.03 -0.12
C ILE A 69 -0.93 7.20 -0.04
N GLY A 70 -1.59 6.23 0.50
CA GLY A 70 -3.08 6.29 0.60
C GLY A 70 -3.61 4.88 0.54
N GLY A 71 -4.71 4.67 -0.12
CA GLY A 71 -5.27 3.28 -0.18
C GLY A 71 -5.07 2.69 -1.58
N TYR A 72 -5.83 3.16 -2.54
CA TYR A 72 -5.66 2.64 -3.95
C TYR A 72 -5.69 3.81 -4.94
N THR A 73 -6.68 4.64 -4.80
CA THR A 73 -6.80 5.82 -5.70
C THR A 73 -5.47 6.58 -5.70
N ASP A 74 -5.04 6.79 -4.50
CA ASP A 74 -3.78 7.51 -4.22
C ASP A 74 -2.61 6.73 -4.82
N PHE A 75 -2.49 5.50 -4.41
CA PHE A 75 -1.39 4.65 -4.97
C PHE A 75 -1.35 4.76 -6.49
N ALA A 76 -2.48 4.57 -7.14
CA ALA A 76 -2.47 4.67 -8.64
C ALA A 76 -1.96 6.05 -9.03
N ALA A 77 -2.56 7.09 -8.47
CA ALA A 77 -2.09 8.46 -8.81
C ALA A 77 -0.57 8.55 -8.65
N TRP A 78 -0.08 8.17 -7.50
CA TRP A 78 1.41 8.20 -7.25
C TRP A 78 2.16 7.44 -8.34
N VAL A 79 1.72 6.23 -8.57
CA VAL A 79 2.35 5.36 -9.60
C VAL A 79 2.52 6.10 -10.93
N LYS A 80 1.46 6.74 -11.37
CA LYS A 80 1.52 7.48 -12.67
C LYS A 80 2.79 8.33 -12.88
N GLU A 81 3.37 8.84 -11.82
CA GLU A 81 4.59 9.72 -12.00
C GLU A 81 5.87 9.08 -11.44
N ASN A 82 5.74 8.36 -10.37
CA ASN A 82 6.95 7.75 -9.76
C ASN A 82 7.29 6.46 -10.49
N LEU A 83 6.29 5.88 -11.12
CA LEU A 83 6.50 4.60 -11.87
C LEU A 83 6.31 4.85 -13.36
N ASP A 84 5.31 5.65 -13.66
CA ASP A 84 4.96 6.02 -15.08
C ASP A 84 5.25 4.87 -16.06
N ALA A 85 4.79 3.70 -15.69
CA ALA A 85 4.98 2.47 -16.53
C ALA A 85 4.59 1.28 -15.69
N MET A 1 11.98 0.16 -2.76
CA MET A 1 10.88 0.02 -3.75
C MET A 1 9.90 -1.06 -3.28
N GLN A 2 9.55 -1.01 -2.02
CA GLN A 2 8.61 -2.02 -1.49
C GLN A 2 7.24 -1.39 -1.30
N THR A 3 6.36 -1.83 -2.13
CA THR A 3 4.96 -1.31 -2.10
C THR A 3 4.18 -2.27 -1.18
N VAL A 4 3.88 -1.81 -0.01
CA VAL A 4 3.14 -2.68 0.95
C VAL A 4 1.68 -2.26 1.07
N ILE A 5 0.81 -3.24 1.11
CA ILE A 5 -0.66 -2.96 1.23
C ILE A 5 -1.12 -3.41 2.63
N PHE A 6 -1.33 -2.47 3.52
CA PHE A 6 -1.81 -2.84 4.89
C PHE A 6 -3.32 -2.93 4.84
N GLY A 7 -3.78 -4.11 4.54
CA GLY A 7 -5.24 -4.35 4.46
C GLY A 7 -5.60 -5.48 5.40
N ARG A 8 -6.75 -5.39 5.99
CA ARG A 8 -7.15 -6.46 6.93
C ARG A 8 -8.37 -7.21 6.39
N SER A 9 -8.34 -8.51 6.57
CA SER A 9 -9.46 -9.35 6.07
C SER A 9 -9.56 -9.21 4.53
N GLY A 10 -8.44 -9.49 3.89
CA GLY A 10 -8.31 -9.41 2.39
C GLY A 10 -9.62 -9.05 1.64
N CYS A 11 -9.91 -7.78 1.55
CA CYS A 11 -11.15 -7.35 0.84
C CYS A 11 -10.78 -6.60 -0.45
N PRO A 12 -11.70 -6.58 -1.41
CA PRO A 12 -11.46 -5.96 -2.74
C PRO A 12 -10.83 -4.56 -2.68
N TYR A 13 -10.83 -3.95 -1.53
CA TYR A 13 -10.24 -2.58 -1.41
C TYR A 13 -8.72 -2.60 -1.48
N CYS A 14 -8.13 -3.76 -1.35
CA CYS A 14 -6.65 -3.85 -1.45
C CYS A 14 -6.29 -4.52 -2.78
N VAL A 15 -7.18 -5.36 -3.23
CA VAL A 15 -6.99 -6.11 -4.51
C VAL A 15 -6.46 -5.25 -5.68
N ARG A 16 -7.20 -4.27 -6.12
CA ARG A 16 -6.70 -3.46 -7.29
C ARG A 16 -5.28 -2.93 -7.04
N ALA A 17 -5.05 -2.44 -5.87
CA ALA A 17 -3.70 -1.94 -5.56
C ALA A 17 -2.73 -3.11 -5.69
N LYS A 18 -3.05 -4.19 -5.01
CA LYS A 18 -2.19 -5.41 -5.10
C LYS A 18 -1.88 -5.69 -6.57
N ASP A 19 -2.90 -5.83 -7.37
CA ASP A 19 -2.70 -6.10 -8.83
C ASP A 19 -1.76 -5.07 -9.44
N LEU A 20 -2.12 -3.82 -9.34
CA LEU A 20 -1.25 -2.74 -9.91
C LEU A 20 0.19 -2.90 -9.43
N ALA A 21 0.38 -2.92 -8.15
CA ALA A 21 1.76 -3.04 -7.61
C ALA A 21 2.39 -4.33 -8.17
N GLU A 22 1.62 -5.37 -8.18
CA GLU A 22 2.11 -6.67 -8.70
C GLU A 22 2.52 -6.52 -10.16
N LYS A 23 1.70 -5.88 -10.94
CA LYS A 23 2.07 -5.70 -12.38
C LYS A 23 3.46 -5.08 -12.44
N LEU A 24 3.60 -3.95 -11.81
CA LEU A 24 4.93 -3.26 -11.78
C LEU A 24 5.98 -4.30 -11.39
N SER A 25 5.62 -5.08 -10.41
CA SER A 25 6.53 -6.14 -9.97
C SER A 25 6.84 -7.11 -11.13
N ASN A 26 5.83 -7.51 -11.84
CA ASN A 26 6.05 -8.44 -12.98
C ASN A 26 6.24 -7.58 -14.23
N GLU A 27 6.98 -6.54 -14.01
CA GLU A 27 7.34 -5.57 -15.08
C GLU A 27 8.87 -5.42 -15.05
N ARG A 28 9.34 -4.85 -13.96
CA ARG A 28 10.81 -4.66 -13.75
C ARG A 28 11.16 -5.38 -12.44
N ASP A 29 12.39 -5.81 -12.29
CA ASP A 29 12.73 -6.54 -11.03
C ASP A 29 13.31 -5.61 -9.96
N ASP A 30 12.85 -4.39 -9.98
CA ASP A 30 13.30 -3.39 -8.98
C ASP A 30 12.09 -3.05 -8.11
N PHE A 31 10.92 -3.28 -8.68
CA PHE A 31 9.66 -2.98 -7.97
C PHE A 31 9.06 -4.28 -7.44
N GLN A 32 8.93 -4.37 -6.14
CA GLN A 32 8.34 -5.61 -5.55
C GLN A 32 7.25 -5.17 -4.58
N TYR A 33 6.15 -5.89 -4.51
CA TYR A 33 5.08 -5.47 -3.57
C TYR A 33 4.86 -6.56 -2.52
N GLN A 34 4.26 -6.18 -1.42
CA GLN A 34 3.99 -7.14 -0.31
C GLN A 34 2.60 -6.86 0.26
N TYR A 35 1.90 -7.89 0.61
CA TYR A 35 0.57 -7.69 1.23
C TYR A 35 0.73 -8.00 2.70
N VAL A 36 0.18 -7.17 3.55
CA VAL A 36 0.32 -7.42 5.01
C VAL A 36 -1.03 -7.12 5.70
N ASP A 37 -1.25 -7.70 6.85
CA ASP A 37 -2.52 -7.47 7.59
C ASP A 37 -2.23 -6.89 8.97
N ILE A 38 -3.21 -6.27 9.56
CA ILE A 38 -2.99 -5.66 10.89
C ILE A 38 -2.94 -6.71 12.00
N ARG A 39 -3.67 -7.79 11.87
CA ARG A 39 -3.62 -8.81 12.96
C ARG A 39 -2.32 -9.61 12.81
N ALA A 40 -1.95 -9.84 11.58
CA ALA A 40 -0.68 -10.58 11.30
C ALA A 40 0.46 -9.99 12.14
N GLU A 41 0.62 -8.68 12.03
CA GLU A 41 1.68 -8.00 12.82
C GLU A 41 1.15 -7.64 14.21
N GLY A 42 -0.03 -7.07 14.25
CA GLY A 42 -0.65 -6.65 15.56
C GLY A 42 -0.69 -5.12 15.64
N ILE A 43 -1.24 -4.53 14.60
CA ILE A 43 -1.29 -3.05 14.50
C ILE A 43 -2.72 -2.55 14.74
N THR A 44 -2.81 -1.28 15.07
CA THR A 44 -4.13 -0.64 15.32
C THR A 44 -4.29 0.51 14.30
N LYS A 45 -5.30 1.33 14.43
CA LYS A 45 -5.44 2.44 13.43
C LYS A 45 -4.69 3.67 13.93
N GLU A 46 -4.52 3.76 15.20
CA GLU A 46 -3.80 4.93 15.77
C GLU A 46 -2.32 4.77 15.43
N ASP A 47 -1.82 3.59 15.68
CA ASP A 47 -0.39 3.30 15.36
C ASP A 47 -0.15 3.57 13.87
N LEU A 48 -1.13 3.20 13.10
CA LEU A 48 -1.04 3.43 11.63
C LEU A 48 -1.07 4.93 11.40
N GLN A 49 -1.98 5.61 12.07
CA GLN A 49 -2.05 7.08 11.92
C GLN A 49 -0.62 7.62 12.05
N GLN A 50 0.06 7.18 13.07
CA GLN A 50 1.47 7.61 13.29
C GLN A 50 2.35 7.25 12.08
N LYS A 51 2.42 5.97 11.76
CA LYS A 51 3.27 5.53 10.59
C LYS A 51 2.72 6.03 9.25
N ALA A 52 1.59 6.64 9.30
CA ALA A 52 0.97 7.16 8.05
C ALA A 52 1.09 8.66 7.94
N GLY A 53 1.06 9.33 9.07
CA GLY A 53 1.14 10.82 9.10
C GLY A 53 0.21 11.38 8.03
N LYS A 54 -0.85 10.67 7.78
CA LYS A 54 -1.82 11.07 6.75
C LYS A 54 -3.22 10.68 7.24
N PRO A 55 -4.08 11.67 7.35
CA PRO A 55 -5.11 11.78 8.43
C PRO A 55 -5.43 10.46 9.15
N VAL A 56 -6.70 10.22 9.26
CA VAL A 56 -7.17 8.97 9.90
C VAL A 56 -7.43 7.95 8.80
N GLU A 57 -8.24 8.34 7.84
CA GLU A 57 -8.53 7.44 6.69
C GLU A 57 -8.95 6.03 7.15
N THR A 58 -8.86 5.08 6.26
CA THR A 58 -9.26 3.69 6.63
C THR A 58 -8.26 2.67 6.03
N VAL A 59 -8.72 1.50 5.74
CA VAL A 59 -7.82 0.45 5.16
C VAL A 59 -8.22 0.22 3.70
N PRO A 60 -7.27 -0.19 2.89
CA PRO A 60 -5.88 -0.47 3.30
C PRO A 60 -4.99 0.76 3.12
N GLN A 61 -3.81 0.72 3.68
CA GLN A 61 -2.90 1.88 3.49
C GLN A 61 -1.68 1.37 2.74
N ILE A 62 -1.32 2.08 1.72
CA ILE A 62 -0.15 1.65 0.92
C ILE A 62 1.03 2.53 1.23
N PHE A 63 2.15 1.90 1.22
CA PHE A 63 3.42 2.62 1.49
C PHE A 63 4.45 2.18 0.48
N VAL A 64 5.34 3.08 0.16
CA VAL A 64 6.45 2.80 -0.79
C VAL A 64 7.72 2.92 0.05
N ASP A 65 8.15 1.80 0.57
CA ASP A 65 9.38 1.76 1.43
C ASP A 65 9.12 2.50 2.74
N GLN A 66 9.09 3.80 2.63
CA GLN A 66 8.83 4.67 3.80
C GLN A 66 7.80 5.76 3.46
N GLN A 67 7.57 6.00 2.18
CA GLN A 67 6.60 7.03 1.77
C GLN A 67 5.18 6.50 2.01
N HIS A 68 4.35 7.23 2.69
CA HIS A 68 2.97 6.72 2.90
C HIS A 68 2.15 7.24 1.72
N ILE A 69 1.33 6.42 1.14
CA ILE A 69 0.52 6.88 -0.02
C ILE A 69 -0.94 7.00 0.39
N GLY A 70 -1.46 5.97 1.02
CA GLY A 70 -2.87 6.04 1.46
C GLY A 70 -3.71 4.92 0.85
N GLY A 71 -4.76 5.27 0.16
CA GLY A 71 -5.65 4.23 -0.45
C GLY A 71 -5.24 3.93 -1.90
N TYR A 72 -6.05 3.11 -2.55
CA TYR A 72 -5.74 2.74 -3.97
C TYR A 72 -5.70 3.97 -4.88
N THR A 73 -6.72 4.79 -4.82
CA THR A 73 -6.74 6.03 -5.66
C THR A 73 -5.37 6.70 -5.58
N ASP A 74 -4.95 6.82 -4.36
CA ASP A 74 -3.65 7.44 -4.01
C ASP A 74 -2.53 6.66 -4.70
N PHE A 75 -2.49 5.40 -4.43
CA PHE A 75 -1.46 4.51 -5.05
C PHE A 75 -1.40 4.72 -6.56
N ALA A 76 -2.53 4.59 -7.21
CA ALA A 76 -2.53 4.79 -8.69
C ALA A 76 -1.89 6.15 -8.97
N ALA A 77 -2.41 7.16 -8.33
CA ALA A 77 -1.82 8.52 -8.53
C ALA A 77 -0.30 8.47 -8.36
N TRP A 78 0.15 8.04 -7.21
CA TRP A 78 1.63 7.98 -6.95
C TRP A 78 2.35 7.27 -8.10
N VAL A 79 1.90 6.09 -8.44
CA VAL A 79 2.58 5.36 -9.55
C VAL A 79 2.61 6.25 -10.79
N LYS A 80 1.50 6.89 -11.05
CA LYS A 80 1.41 7.78 -12.26
C LYS A 80 2.09 9.14 -12.05
N GLU A 81 2.84 9.28 -10.98
CA GLU A 81 3.55 10.58 -10.71
C GLU A 81 5.06 10.34 -10.49
N ASN A 82 5.36 9.24 -9.87
CA ASN A 82 6.79 8.89 -9.59
C ASN A 82 7.36 7.93 -10.63
N LEU A 83 6.54 7.08 -11.22
CA LEU A 83 7.08 6.11 -12.22
C LEU A 83 6.44 6.31 -13.60
N ASP A 84 6.00 7.51 -13.88
CA ASP A 84 5.37 7.76 -15.21
C ASP A 84 6.37 8.44 -16.14
N ALA A 85 7.58 7.97 -16.09
CA ALA A 85 8.67 8.53 -16.94
C ALA A 85 9.55 7.38 -17.44
N MET A 1 12.22 -0.18 -2.67
CA MET A 1 11.07 0.20 -3.54
C MET A 1 10.07 -0.95 -3.55
N GLN A 2 9.57 -1.24 -2.39
CA GLN A 2 8.59 -2.31 -2.23
C GLN A 2 7.27 -1.67 -1.78
N THR A 3 6.19 -2.35 -2.01
CA THR A 3 4.87 -1.81 -1.61
C THR A 3 4.38 -2.58 -0.38
N VAL A 4 3.75 -1.89 0.52
CA VAL A 4 3.22 -2.56 1.74
C VAL A 4 1.76 -2.15 1.87
N ILE A 5 0.88 -3.12 1.80
CA ILE A 5 -0.57 -2.81 1.93
C ILE A 5 -1.04 -3.32 3.31
N PHE A 6 -1.75 -2.48 4.02
CA PHE A 6 -2.28 -2.86 5.37
C PHE A 6 -3.81 -2.94 5.22
N GLY A 7 -4.37 -4.12 5.25
CA GLY A 7 -5.86 -4.22 5.10
C GLY A 7 -6.49 -5.12 6.16
N ARG A 8 -7.76 -5.39 5.97
CA ARG A 8 -8.54 -6.27 6.91
C ARG A 8 -8.92 -7.56 6.17
N SER A 9 -8.99 -8.67 6.89
CA SER A 9 -9.35 -9.97 6.23
C SER A 9 -10.66 -9.88 5.44
N GLY A 10 -10.62 -10.35 4.21
CA GLY A 10 -11.84 -10.35 3.35
C GLY A 10 -11.80 -9.21 2.33
N CYS A 11 -12.52 -9.40 1.23
CA CYS A 11 -12.59 -8.40 0.13
C CYS A 11 -11.29 -8.38 -0.71
N PRO A 12 -11.36 -8.89 -1.93
CA PRO A 12 -10.33 -8.58 -2.96
C PRO A 12 -10.34 -7.08 -3.34
N TYR A 13 -10.12 -6.26 -2.36
CA TYR A 13 -10.11 -4.78 -2.59
C TYR A 13 -8.69 -4.25 -2.31
N CYS A 14 -8.31 -4.26 -1.06
CA CYS A 14 -6.93 -3.76 -0.71
C CYS A 14 -5.95 -4.53 -1.59
N VAL A 15 -6.23 -5.79 -1.72
CA VAL A 15 -5.39 -6.69 -2.58
C VAL A 15 -5.06 -5.99 -3.91
N ARG A 16 -6.04 -5.33 -4.47
CA ARG A 16 -5.86 -4.61 -5.76
C ARG A 16 -4.54 -3.82 -5.81
N ALA A 17 -4.14 -3.31 -4.69
CA ALA A 17 -2.86 -2.54 -4.66
C ALA A 17 -1.71 -3.51 -4.92
N LYS A 18 -1.76 -4.66 -4.27
CA LYS A 18 -0.70 -5.68 -4.49
C LYS A 18 -0.61 -5.90 -5.98
N ASP A 19 -1.77 -6.12 -6.53
CA ASP A 19 -1.87 -6.36 -7.99
C ASP A 19 -1.25 -5.20 -8.75
N LEU A 20 -1.74 -4.01 -8.58
CA LEU A 20 -1.13 -2.88 -9.32
C LEU A 20 0.41 -2.99 -9.24
N ALA A 21 0.91 -2.93 -8.03
CA ALA A 21 2.40 -3.01 -7.83
C ALA A 21 2.99 -4.23 -8.52
N GLU A 22 2.32 -5.34 -8.38
CA GLU A 22 2.79 -6.61 -8.99
C GLU A 22 2.76 -6.52 -10.52
N LYS A 23 1.62 -6.22 -11.03
CA LYS A 23 1.43 -6.09 -12.50
C LYS A 23 2.53 -5.16 -13.02
N LEU A 24 2.76 -4.09 -12.30
CA LEU A 24 3.85 -3.12 -12.68
C LEU A 24 5.20 -3.85 -12.51
N SER A 25 5.33 -4.54 -11.41
CA SER A 25 6.58 -5.32 -11.13
C SER A 25 6.90 -6.17 -12.36
N ASN A 26 5.91 -6.87 -12.85
CA ASN A 26 6.11 -7.76 -14.05
C ASN A 26 5.99 -6.91 -15.31
N GLU A 27 6.52 -5.74 -15.20
CA GLU A 27 6.51 -4.78 -16.33
C GLU A 27 7.88 -4.09 -16.40
N ARG A 28 8.31 -3.59 -15.28
CA ARG A 28 9.64 -2.88 -15.21
C ARG A 28 10.70 -3.77 -14.54
N ASP A 29 10.26 -4.57 -13.59
CA ASP A 29 11.17 -5.49 -12.83
C ASP A 29 11.94 -4.73 -11.74
N ASP A 30 11.58 -3.48 -11.50
CA ASP A 30 12.31 -2.70 -10.45
C ASP A 30 11.40 -2.36 -9.24
N PHE A 31 10.20 -2.90 -9.22
CA PHE A 31 9.27 -2.59 -8.10
C PHE A 31 8.79 -3.89 -7.40
N GLN A 32 8.65 -3.85 -6.10
CA GLN A 32 8.18 -5.07 -5.34
C GLN A 32 6.95 -4.74 -4.45
N TYR A 33 6.33 -5.76 -3.87
CA TYR A 33 5.13 -5.49 -2.99
C TYR A 33 5.09 -6.45 -1.76
N GLN A 34 4.19 -6.09 -0.86
CA GLN A 34 3.92 -6.87 0.39
C GLN A 34 2.45 -6.70 0.75
N TYR A 35 1.77 -7.80 0.95
CA TYR A 35 0.33 -7.69 1.32
C TYR A 35 0.20 -8.21 2.76
N VAL A 36 -0.09 -7.33 3.68
CA VAL A 36 -0.20 -7.74 5.11
C VAL A 36 -1.59 -7.38 5.66
N ASP A 37 -1.97 -8.07 6.69
CA ASP A 37 -3.28 -7.81 7.36
C ASP A 37 -2.94 -7.14 8.68
N ILE A 38 -3.69 -6.16 9.05
CA ILE A 38 -3.36 -5.44 10.32
C ILE A 38 -3.15 -6.38 11.52
N ARG A 39 -3.85 -7.48 11.59
CA ARG A 39 -3.66 -8.36 12.79
C ARG A 39 -2.31 -9.08 12.69
N ALA A 40 -2.06 -9.69 11.58
CA ALA A 40 -0.77 -10.41 11.34
C ALA A 40 0.39 -9.78 12.12
N GLU A 41 0.55 -8.49 11.92
CA GLU A 41 1.65 -7.73 12.60
C GLU A 41 1.26 -7.35 14.03
N GLY A 42 0.04 -6.90 14.17
CA GLY A 42 -0.47 -6.46 15.51
C GLY A 42 -0.72 -4.97 15.44
N ILE A 43 -1.46 -4.59 14.44
CA ILE A 43 -1.79 -3.17 14.22
C ILE A 43 -3.27 -2.89 14.54
N THR A 44 -3.54 -1.76 15.13
CA THR A 44 -4.96 -1.40 15.44
C THR A 44 -5.32 -0.13 14.65
N LYS A 45 -5.05 0.99 15.24
CA LYS A 45 -5.32 2.30 14.58
C LYS A 45 -4.19 3.25 14.92
N GLU A 46 -3.85 3.32 16.17
CA GLU A 46 -2.74 4.23 16.62
C GLU A 46 -1.51 4.04 15.71
N ASP A 47 -1.06 2.83 15.61
CA ASP A 47 0.12 2.52 14.74
C ASP A 47 -0.14 3.06 13.33
N LEU A 48 -1.16 2.57 12.70
CA LEU A 48 -1.48 3.04 11.32
C LEU A 48 -1.56 4.58 11.30
N GLN A 49 -2.11 5.13 12.34
CA GLN A 49 -2.20 6.62 12.43
C GLN A 49 -0.80 7.16 12.30
N GLN A 50 0.06 6.63 13.14
CA GLN A 50 1.49 7.01 13.16
C GLN A 50 2.14 6.79 11.79
N LYS A 51 1.90 5.64 11.23
CA LYS A 51 2.45 5.30 9.89
C LYS A 51 2.01 6.34 8.85
N ALA A 52 0.73 6.59 8.84
CA ALA A 52 0.16 7.57 7.87
C ALA A 52 0.69 8.98 8.12
N GLY A 53 0.55 9.43 9.33
CA GLY A 53 1.02 10.81 9.68
C GLY A 53 -0.18 11.73 9.84
N LYS A 54 -1.31 11.28 9.35
CA LYS A 54 -2.54 12.10 9.45
C LYS A 54 -3.66 11.32 10.17
N PRO A 55 -4.83 11.92 10.31
CA PRO A 55 -6.04 11.15 10.68
C PRO A 55 -6.32 10.00 9.70
N VAL A 56 -6.78 8.92 10.26
CA VAL A 56 -7.12 7.70 9.48
C VAL A 56 -8.18 6.94 10.28
N GLU A 57 -9.42 7.03 9.85
CA GLU A 57 -10.50 6.32 10.57
C GLU A 57 -11.08 5.18 9.72
N THR A 58 -10.79 5.20 8.45
CA THR A 58 -11.34 4.12 7.55
C THR A 58 -10.17 3.38 6.84
N VAL A 59 -10.51 2.32 6.15
CA VAL A 59 -9.47 1.51 5.43
C VAL A 59 -9.56 1.79 3.92
N PRO A 60 -8.59 1.34 3.15
CA PRO A 60 -7.31 0.73 3.61
C PRO A 60 -6.18 1.76 3.55
N GLN A 61 -5.01 1.38 4.01
CA GLN A 61 -3.85 2.33 3.95
C GLN A 61 -2.70 1.65 3.22
N ILE A 62 -2.01 2.40 2.41
CA ILE A 62 -0.86 1.81 1.64
C ILE A 62 0.41 2.62 1.86
N PHE A 63 1.51 1.91 1.90
CA PHE A 63 2.84 2.57 2.11
C PHE A 63 3.84 2.02 1.10
N VAL A 64 4.93 2.74 0.93
CA VAL A 64 6.00 2.33 -0.04
C VAL A 64 7.37 2.64 0.57
N ASP A 65 8.23 1.68 0.79
CA ASP A 65 9.58 2.00 1.39
C ASP A 65 9.41 2.85 2.66
N GLN A 66 9.68 4.13 2.50
CA GLN A 66 9.58 5.09 3.63
C GLN A 66 8.61 6.23 3.25
N GLN A 67 7.63 5.89 2.46
CA GLN A 67 6.60 6.86 2.00
C GLN A 67 5.20 6.39 2.40
N HIS A 68 4.28 7.30 2.33
CA HIS A 68 2.86 6.99 2.66
C HIS A 68 2.00 7.32 1.44
N ILE A 69 1.23 6.36 0.99
CA ILE A 69 0.35 6.61 -0.20
C ILE A 69 -1.04 6.90 0.34
N GLY A 70 -1.52 6.00 1.13
CA GLY A 70 -2.87 6.17 1.72
C GLY A 70 -3.84 5.15 1.16
N GLY A 71 -4.62 5.56 0.20
CA GLY A 71 -5.61 4.60 -0.38
C GLY A 71 -5.18 4.15 -1.77
N TYR A 72 -5.78 3.08 -2.23
CA TYR A 72 -5.43 2.55 -3.58
C TYR A 72 -5.51 3.64 -4.67
N THR A 73 -6.65 4.29 -4.75
CA THR A 73 -6.81 5.35 -5.80
C THR A 73 -5.53 6.15 -6.08
N ASP A 74 -5.05 6.87 -5.09
CA ASP A 74 -3.81 7.68 -5.30
C ASP A 74 -2.63 6.82 -5.73
N PHE A 75 -2.52 5.64 -5.18
CA PHE A 75 -1.38 4.74 -5.55
C PHE A 75 -1.20 4.78 -7.07
N ALA A 76 -2.30 4.77 -7.78
CA ALA A 76 -2.23 4.82 -9.28
C ALA A 76 -1.42 6.04 -9.74
N ALA A 77 -1.79 7.19 -9.23
CA ALA A 77 -1.08 8.44 -9.63
C ALA A 77 0.34 8.41 -9.09
N TRP A 78 0.45 8.19 -7.81
CA TRP A 78 1.80 8.12 -7.18
C TRP A 78 2.71 7.32 -8.11
N VAL A 79 2.28 6.11 -8.41
CA VAL A 79 3.06 5.24 -9.33
C VAL A 79 3.52 6.04 -10.54
N LYS A 80 2.57 6.72 -11.16
CA LYS A 80 2.87 7.51 -12.38
C LYS A 80 4.17 8.30 -12.29
N GLU A 81 4.32 9.14 -11.32
CA GLU A 81 5.59 9.93 -11.25
C GLU A 81 6.52 9.44 -10.12
N ASN A 82 6.38 8.20 -9.75
CA ASN A 82 7.28 7.65 -8.68
C ASN A 82 8.06 6.49 -9.28
N LEU A 83 7.39 5.76 -10.15
CA LEU A 83 8.04 4.63 -10.85
C LEU A 83 8.08 5.01 -12.33
N ASP A 84 7.77 6.28 -12.56
CA ASP A 84 7.76 6.86 -13.93
C ASP A 84 7.35 5.85 -15.00
N ALA A 85 6.08 5.50 -14.95
CA ALA A 85 5.51 4.52 -15.91
C ALA A 85 4.12 5.00 -16.40
N MET A 1 11.77 -0.55 -4.37
CA MET A 1 10.94 -0.06 -3.25
C MET A 1 10.05 -1.21 -2.77
N GLN A 2 9.64 -1.16 -1.53
CA GLN A 2 8.78 -2.24 -1.01
C GLN A 2 7.34 -1.75 -1.03
N THR A 3 6.61 -2.21 -1.99
CA THR A 3 5.19 -1.79 -2.09
C THR A 3 4.41 -2.71 -1.17
N VAL A 4 4.11 -2.18 -0.02
CA VAL A 4 3.39 -2.99 0.99
C VAL A 4 1.94 -2.54 1.08
N ILE A 5 1.06 -3.50 0.95
CA ILE A 5 -0.38 -3.16 1.06
C ILE A 5 -0.73 -3.48 2.51
N PHE A 6 -1.16 -2.47 3.23
CA PHE A 6 -1.53 -2.69 4.66
C PHE A 6 -3.04 -2.69 4.74
N GLY A 7 -3.65 -3.82 5.00
CA GLY A 7 -5.13 -3.77 5.07
C GLY A 7 -5.77 -5.14 5.04
N ARG A 8 -6.45 -5.41 6.09
CA ARG A 8 -7.13 -6.72 6.24
C ARG A 8 -8.53 -6.71 5.59
N SER A 9 -8.64 -6.37 4.33
CA SER A 9 -9.99 -6.37 3.73
C SER A 9 -10.28 -7.75 3.14
N GLY A 10 -9.40 -8.20 2.29
CA GLY A 10 -9.62 -9.54 1.65
C GLY A 10 -10.54 -9.30 0.47
N CYS A 11 -11.63 -8.66 0.75
CA CYS A 11 -12.62 -8.32 -0.30
C CYS A 11 -12.07 -7.11 -1.06
N PRO A 12 -12.52 -6.95 -2.29
CA PRO A 12 -11.69 -6.36 -3.39
C PRO A 12 -11.25 -4.90 -3.17
N TYR A 13 -10.44 -4.69 -2.17
CA TYR A 13 -9.90 -3.31 -1.88
C TYR A 13 -8.39 -3.45 -1.94
N CYS A 14 -7.80 -4.10 -0.97
CA CYS A 14 -6.32 -4.26 -1.04
C CYS A 14 -6.03 -5.11 -2.27
N VAL A 15 -6.95 -6.01 -2.55
CA VAL A 15 -6.81 -6.89 -3.75
C VAL A 15 -6.35 -6.07 -4.96
N ARG A 16 -6.97 -4.93 -5.13
CA ARG A 16 -6.63 -4.07 -6.29
C ARG A 16 -5.23 -3.49 -6.11
N ALA A 17 -4.96 -2.97 -4.94
CA ALA A 17 -3.59 -2.41 -4.72
C ALA A 17 -2.59 -3.51 -5.07
N LYS A 18 -2.88 -4.68 -4.57
CA LYS A 18 -2.01 -5.85 -4.86
C LYS A 18 -1.86 -5.97 -6.37
N ASP A 19 -2.95 -6.17 -7.05
CA ASP A 19 -2.89 -6.30 -8.54
C ASP A 19 -2.06 -5.17 -9.14
N LEU A 20 -2.39 -3.95 -8.85
CA LEU A 20 -1.59 -2.81 -9.42
C LEU A 20 -0.11 -2.99 -9.07
N ALA A 21 0.15 -3.07 -7.80
CA ALA A 21 1.55 -3.23 -7.31
C ALA A 21 2.23 -4.37 -8.06
N GLU A 22 1.51 -5.44 -8.23
CA GLU A 22 2.07 -6.61 -8.96
C GLU A 22 2.30 -6.22 -10.42
N LYS A 23 1.28 -5.68 -11.04
CA LYS A 23 1.41 -5.23 -12.45
C LYS A 23 2.73 -4.50 -12.58
N LEU A 24 2.90 -3.52 -11.75
CA LEU A 24 4.16 -2.72 -11.76
C LEU A 24 5.34 -3.62 -11.48
N SER A 25 5.13 -4.57 -10.61
CA SER A 25 6.21 -5.53 -10.28
C SER A 25 6.66 -6.26 -11.56
N ASN A 26 5.75 -6.39 -12.48
CA ASN A 26 6.07 -7.11 -13.75
C ASN A 26 6.60 -6.09 -14.77
N GLU A 27 7.23 -5.06 -14.27
CA GLU A 27 7.78 -4.02 -15.19
C GLU A 27 9.21 -3.59 -14.82
N ARG A 28 9.31 -2.98 -13.67
CA ARG A 28 10.65 -2.51 -13.25
C ARG A 28 11.17 -3.45 -12.16
N ASP A 29 12.47 -3.58 -12.11
CA ASP A 29 13.13 -4.51 -11.14
C ASP A 29 12.91 -4.21 -9.66
N ASP A 30 13.19 -3.00 -9.21
CA ASP A 30 13.01 -2.74 -7.74
C ASP A 30 11.57 -2.37 -7.42
N PHE A 31 10.67 -3.11 -7.97
CA PHE A 31 9.26 -2.86 -7.66
C PHE A 31 8.69 -4.19 -7.20
N GLN A 32 8.88 -4.46 -5.95
CA GLN A 32 8.37 -5.72 -5.37
C GLN A 32 7.22 -5.36 -4.45
N TYR A 33 6.21 -6.20 -4.41
CA TYR A 33 5.07 -5.86 -3.51
C TYR A 33 4.81 -7.00 -2.54
N GLN A 34 4.19 -6.65 -1.45
CA GLN A 34 3.83 -7.67 -0.41
C GLN A 34 2.50 -7.29 0.21
N TYR A 35 1.77 -8.26 0.65
CA TYR A 35 0.44 -7.99 1.27
C TYR A 35 0.53 -8.31 2.75
N VAL A 36 0.15 -7.38 3.58
CA VAL A 36 0.22 -7.64 5.04
C VAL A 36 -1.11 -7.26 5.70
N ASP A 37 -1.41 -7.94 6.77
CA ASP A 37 -2.67 -7.67 7.51
C ASP A 37 -2.29 -7.09 8.88
N ILE A 38 -2.97 -6.05 9.28
CA ILE A 38 -2.63 -5.43 10.58
C ILE A 38 -2.81 -6.43 11.72
N ARG A 39 -3.70 -7.37 11.54
CA ARG A 39 -3.93 -8.36 12.63
C ARG A 39 -2.76 -9.37 12.71
N ALA A 40 -2.07 -9.57 11.62
CA ALA A 40 -0.93 -10.55 11.65
C ALA A 40 0.35 -9.85 12.14
N GLU A 41 0.52 -8.65 11.67
CA GLU A 41 1.72 -7.85 12.06
C GLU A 41 1.57 -7.27 13.47
N GLY A 42 0.40 -6.79 13.81
CA GLY A 42 0.21 -6.19 15.17
C GLY A 42 0.07 -4.68 15.07
N ILE A 43 -0.82 -4.26 14.22
CA ILE A 43 -1.04 -2.79 14.04
C ILE A 43 -2.43 -2.43 14.57
N THR A 44 -2.51 -1.36 15.31
CA THR A 44 -3.82 -0.92 15.87
C THR A 44 -4.31 0.32 15.14
N LYS A 45 -5.51 0.73 15.45
CA LYS A 45 -6.06 1.97 14.81
C LYS A 45 -5.03 3.08 15.01
N GLU A 46 -4.64 3.23 16.25
CA GLU A 46 -3.61 4.24 16.64
C GLU A 46 -2.33 4.02 15.82
N ASP A 47 -1.72 2.85 15.97
CA ASP A 47 -0.45 2.58 15.23
C ASP A 47 -0.60 2.88 13.74
N LEU A 48 -1.71 2.49 13.17
CA LEU A 48 -1.93 2.77 11.73
C LEU A 48 -1.88 4.28 11.50
N GLN A 49 -2.74 4.99 12.18
CA GLN A 49 -2.75 6.47 12.03
C GLN A 49 -1.30 6.96 12.05
N GLN A 50 -0.61 6.54 13.07
CA GLN A 50 0.82 6.93 13.25
C GLN A 50 1.66 6.50 12.03
N LYS A 51 1.44 5.28 11.61
CA LYS A 51 2.19 4.65 10.47
C LYS A 51 2.19 5.57 9.26
N ALA A 52 1.06 6.18 9.04
CA ALA A 52 0.94 7.11 7.89
C ALA A 52 1.30 8.53 8.32
N GLY A 53 0.72 8.93 9.41
CA GLY A 53 0.96 10.28 9.97
C GLY A 53 -0.39 10.85 10.37
N LYS A 54 -1.19 11.14 9.40
CA LYS A 54 -2.55 11.72 9.68
C LYS A 54 -3.59 11.46 8.55
N PRO A 55 -3.81 10.21 8.21
CA PRO A 55 -5.11 9.78 7.62
C PRO A 55 -5.99 9.15 8.71
N VAL A 56 -5.99 9.80 9.85
CA VAL A 56 -6.77 9.33 11.03
C VAL A 56 -6.77 7.79 11.10
N GLU A 57 -7.94 7.20 11.02
CA GLU A 57 -8.04 5.71 11.09
C GLU A 57 -8.67 5.14 9.81
N THR A 58 -8.30 5.70 8.69
CA THR A 58 -8.90 5.20 7.43
C THR A 58 -8.09 4.03 6.85
N VAL A 59 -8.79 3.15 6.17
CA VAL A 59 -8.14 1.96 5.54
C VAL A 59 -8.92 1.58 4.28
N PRO A 60 -8.33 0.75 3.44
CA PRO A 60 -6.92 0.29 3.59
C PRO A 60 -5.95 1.37 3.11
N GLN A 61 -4.68 1.16 3.34
CA GLN A 61 -3.68 2.19 2.89
C GLN A 61 -2.47 1.50 2.24
N ILE A 62 -1.75 2.23 1.41
CA ILE A 62 -0.56 1.63 0.71
C ILE A 62 0.74 2.30 1.19
N PHE A 63 1.77 1.51 1.37
CA PHE A 63 3.07 2.06 1.83
C PHE A 63 4.17 1.71 0.83
N VAL A 64 5.12 2.59 0.66
CA VAL A 64 6.22 2.32 -0.32
C VAL A 64 7.57 2.42 0.38
N ASP A 65 8.05 1.27 0.78
CA ASP A 65 9.35 1.14 1.47
C ASP A 65 9.34 1.84 2.81
N GLN A 66 9.38 3.13 2.75
CA GLN A 66 9.39 3.94 4.00
C GLN A 66 8.41 5.13 3.93
N GLN A 67 7.81 5.37 2.78
CA GLN A 67 6.87 6.51 2.66
C GLN A 67 5.42 6.00 2.63
N HIS A 68 4.51 6.90 2.82
CA HIS A 68 3.07 6.51 2.77
C HIS A 68 2.53 7.06 1.45
N ILE A 69 1.64 6.34 0.81
CA ILE A 69 1.09 6.86 -0.49
C ILE A 69 -0.32 7.36 -0.28
N GLY A 70 -1.05 6.67 0.54
CA GLY A 70 -2.46 7.04 0.81
C GLY A 70 -3.34 5.84 0.54
N GLY A 71 -4.41 6.05 -0.17
CA GLY A 71 -5.34 4.93 -0.50
C GLY A 71 -5.16 4.50 -1.95
N TYR A 72 -6.10 3.77 -2.49
CA TYR A 72 -5.94 3.31 -3.92
C TYR A 72 -5.86 4.49 -4.88
N THR A 73 -6.77 5.42 -4.77
CA THR A 73 -6.75 6.60 -5.67
C THR A 73 -5.32 7.17 -5.75
N ASP A 74 -4.80 7.41 -4.60
CA ASP A 74 -3.43 7.96 -4.46
C ASP A 74 -2.44 6.99 -5.09
N PHE A 75 -2.49 5.77 -4.66
CA PHE A 75 -1.57 4.72 -5.20
C PHE A 75 -1.56 4.76 -6.73
N ALA A 76 -2.74 4.78 -7.32
CA ALA A 76 -2.79 4.81 -8.81
C ALA A 76 -2.01 6.02 -9.30
N ALA A 77 -2.32 7.16 -8.75
CA ALA A 77 -1.58 8.39 -9.16
C ALA A 77 -0.08 8.24 -8.89
N TRP A 78 0.25 8.07 -7.63
CA TRP A 78 1.70 7.92 -7.24
C TRP A 78 2.37 6.99 -8.22
N VAL A 79 1.75 5.85 -8.41
CA VAL A 79 2.28 4.85 -9.36
C VAL A 79 2.49 5.50 -10.71
N LYS A 80 1.44 6.01 -11.25
CA LYS A 80 1.52 6.63 -12.60
C LYS A 80 2.58 7.72 -12.70
N GLU A 81 3.06 8.22 -11.58
CA GLU A 81 4.11 9.30 -11.65
C GLU A 81 5.51 8.81 -11.24
N ASN A 82 5.59 8.07 -10.17
CA ASN A 82 6.93 7.58 -9.71
C ASN A 82 7.33 6.34 -10.49
N LEU A 83 6.36 5.63 -10.99
CA LEU A 83 6.64 4.39 -11.78
C LEU A 83 6.32 4.65 -13.24
N ASP A 84 5.22 5.34 -13.44
CA ASP A 84 4.74 5.67 -14.81
C ASP A 84 4.63 4.38 -15.63
N ALA A 85 3.54 3.73 -15.37
CA ALA A 85 3.20 2.43 -16.03
C ALA A 85 1.77 2.48 -16.61
N MET A 1 12.79 -1.24 -5.11
CA MET A 1 11.70 -0.53 -4.39
C MET A 1 10.80 -1.59 -3.75
N GLN A 2 10.47 -1.42 -2.50
CA GLN A 2 9.61 -2.40 -1.81
C GLN A 2 8.29 -1.75 -1.39
N THR A 3 7.23 -2.15 -2.04
CA THR A 3 5.90 -1.56 -1.71
C THR A 3 5.14 -2.46 -0.74
N VAL A 4 4.31 -1.85 0.07
CA VAL A 4 3.51 -2.62 1.07
C VAL A 4 2.04 -2.17 1.06
N ILE A 5 1.15 -3.12 1.16
CA ILE A 5 -0.31 -2.83 1.20
C ILE A 5 -0.79 -3.24 2.61
N PHE A 6 -1.43 -2.36 3.32
CA PHE A 6 -1.93 -2.73 4.69
C PHE A 6 -3.46 -2.83 4.61
N GLY A 7 -4.00 -4.02 4.70
CA GLY A 7 -5.49 -4.14 4.61
C GLY A 7 -6.05 -5.05 5.68
N ARG A 8 -7.32 -5.37 5.52
CA ARG A 8 -8.05 -6.26 6.47
C ARG A 8 -8.12 -7.65 5.81
N SER A 9 -6.97 -8.23 5.62
CA SER A 9 -6.86 -9.57 4.98
C SER A 9 -7.49 -9.56 3.56
N GLY A 10 -8.80 -9.60 3.49
CA GLY A 10 -9.49 -9.61 2.16
C GLY A 10 -10.47 -8.44 2.06
N CYS A 11 -9.97 -7.31 1.68
CA CYS A 11 -10.83 -6.10 1.53
C CYS A 11 -10.60 -5.47 0.15
N PRO A 12 -11.58 -5.56 -0.72
CA PRO A 12 -11.40 -5.54 -2.21
C PRO A 12 -10.36 -4.54 -2.75
N TYR A 13 -10.13 -3.47 -2.05
CA TYR A 13 -9.14 -2.46 -2.55
C TYR A 13 -7.72 -2.99 -2.40
N CYS A 14 -7.47 -3.70 -1.34
CA CYS A 14 -6.09 -4.23 -1.15
C CYS A 14 -5.83 -5.15 -2.33
N VAL A 15 -6.84 -5.91 -2.70
CA VAL A 15 -6.67 -6.83 -3.87
C VAL A 15 -6.12 -6.01 -5.08
N ARG A 16 -6.61 -4.80 -5.21
CA ARG A 16 -6.15 -3.92 -6.33
C ARG A 16 -4.76 -3.35 -6.05
N ALA A 17 -4.58 -2.75 -4.90
CA ALA A 17 -3.23 -2.21 -4.55
C ALA A 17 -2.23 -3.35 -4.75
N LYS A 18 -2.64 -4.50 -4.31
CA LYS A 18 -1.83 -5.73 -4.46
C LYS A 18 -1.58 -5.94 -5.94
N ASP A 19 -2.62 -6.05 -6.72
CA ASP A 19 -2.40 -6.24 -8.18
C ASP A 19 -1.44 -5.16 -8.72
N LEU A 20 -1.80 -3.92 -8.53
CA LEU A 20 -0.92 -2.81 -9.02
C LEU A 20 0.52 -3.09 -8.62
N ALA A 21 0.70 -3.37 -7.36
CA ALA A 21 2.08 -3.65 -6.87
C ALA A 21 2.66 -4.87 -7.60
N GLU A 22 1.89 -5.90 -7.73
CA GLU A 22 2.39 -7.14 -8.42
C GLU A 22 2.68 -6.85 -9.91
N LYS A 23 1.73 -6.26 -10.57
CA LYS A 23 1.90 -5.93 -12.01
C LYS A 23 3.15 -5.07 -12.12
N LEU A 24 3.21 -4.02 -11.33
CA LEU A 24 4.44 -3.17 -11.38
C LEU A 24 5.62 -4.11 -11.20
N SER A 25 5.55 -4.91 -10.17
CA SER A 25 6.64 -5.91 -9.90
C SER A 25 7.09 -6.63 -11.20
N ASN A 26 6.23 -6.69 -12.18
CA ASN A 26 6.57 -7.36 -13.48
C ASN A 26 6.96 -6.34 -14.55
N GLU A 27 6.27 -5.23 -14.58
CA GLU A 27 6.58 -4.17 -15.60
C GLU A 27 7.89 -3.45 -15.27
N ARG A 28 8.21 -3.44 -14.01
CA ARG A 28 9.45 -2.76 -13.54
C ARG A 28 10.56 -3.80 -13.26
N ASP A 29 11.73 -3.29 -12.95
CA ASP A 29 12.91 -4.17 -12.66
C ASP A 29 13.24 -4.17 -11.15
N ASP A 30 13.16 -3.01 -10.53
CA ASP A 30 13.44 -2.93 -9.06
C ASP A 30 12.13 -2.66 -8.30
N PHE A 31 11.16 -3.47 -8.55
CA PHE A 31 9.85 -3.28 -7.87
C PHE A 31 9.36 -4.60 -7.29
N GLN A 32 9.38 -4.67 -5.98
CA GLN A 32 8.91 -5.89 -5.26
C GLN A 32 7.81 -5.42 -4.30
N TYR A 33 6.87 -6.26 -3.96
CA TYR A 33 5.82 -5.78 -3.01
C TYR A 33 5.45 -6.86 -2.01
N GLN A 34 4.97 -6.42 -0.88
CA GLN A 34 4.52 -7.36 0.19
C GLN A 34 3.13 -6.93 0.64
N TYR A 35 2.38 -7.86 1.16
CA TYR A 35 1.02 -7.51 1.63
C TYR A 35 1.00 -7.70 3.13
N VAL A 36 0.36 -6.79 3.81
CA VAL A 36 0.28 -6.86 5.28
C VAL A 36 -1.19 -6.87 5.73
N ASP A 37 -1.46 -7.69 6.70
CA ASP A 37 -2.84 -7.81 7.24
C ASP A 37 -2.83 -7.10 8.59
N ILE A 38 -3.60 -6.06 8.70
CA ILE A 38 -3.61 -5.31 10.00
C ILE A 38 -3.93 -6.23 11.17
N ARG A 39 -4.52 -7.36 10.89
CA ARG A 39 -4.87 -8.30 11.99
C ARG A 39 -3.67 -9.20 12.28
N ALA A 40 -3.27 -9.96 11.29
CA ALA A 40 -2.10 -10.89 11.44
C ALA A 40 -1.02 -10.28 12.33
N GLU A 41 -0.76 -9.02 12.12
CA GLU A 41 0.29 -8.34 12.93
C GLU A 41 -0.31 -7.62 14.15
N GLY A 42 -1.39 -6.92 13.96
CA GLY A 42 -2.00 -6.19 15.12
C GLY A 42 -1.76 -4.69 14.96
N ILE A 43 -2.14 -4.18 13.82
CA ILE A 43 -1.94 -2.74 13.53
C ILE A 43 -3.32 -2.08 13.53
N THR A 44 -3.48 -1.02 14.27
CA THR A 44 -4.82 -0.36 14.30
C THR A 44 -4.72 1.09 13.82
N LYS A 45 -5.86 1.67 13.55
CA LYS A 45 -5.92 3.10 13.06
C LYS A 45 -4.94 3.97 13.84
N GLU A 46 -4.93 3.84 15.14
CA GLU A 46 -4.00 4.65 15.98
C GLU A 46 -2.55 4.36 15.60
N ASP A 47 -2.18 3.10 15.64
CA ASP A 47 -0.77 2.73 15.30
C ASP A 47 -0.44 3.14 13.85
N LEU A 48 -1.39 2.96 12.99
CA LEU A 48 -1.22 3.33 11.56
C LEU A 48 -1.00 4.84 11.46
N GLN A 49 -1.86 5.57 12.13
CA GLN A 49 -1.76 7.06 12.12
C GLN A 49 -0.30 7.45 12.33
N GLN A 50 0.24 7.03 13.44
CA GLN A 50 1.66 7.32 13.79
C GLN A 50 2.62 7.05 12.61
N LYS A 51 2.35 5.97 11.94
CA LYS A 51 3.22 5.53 10.81
C LYS A 51 2.74 6.00 9.44
N ALA A 52 1.62 6.65 9.40
CA ALA A 52 1.07 7.10 8.08
C ALA A 52 1.04 8.62 7.96
N GLY A 53 0.73 9.28 9.04
CA GLY A 53 0.68 10.76 9.08
C GLY A 53 -0.20 11.36 7.99
N LYS A 54 -1.37 10.80 7.76
CA LYS A 54 -2.28 11.38 6.71
C LYS A 54 -3.73 11.39 7.21
N PRO A 55 -4.61 11.89 6.36
CA PRO A 55 -5.83 11.16 5.96
C PRO A 55 -5.62 9.63 5.91
N VAL A 56 -5.71 9.00 7.04
CA VAL A 56 -5.52 7.52 7.10
C VAL A 56 -6.85 6.77 7.20
N GLU A 57 -7.75 7.26 8.02
CA GLU A 57 -9.07 6.60 8.19
C GLU A 57 -8.84 5.18 8.75
N THR A 58 -9.04 4.14 7.97
CA THR A 58 -8.78 2.77 8.51
C THR A 58 -7.88 1.95 7.56
N VAL A 59 -8.50 1.32 6.62
CA VAL A 59 -7.74 0.49 5.63
C VAL A 59 -8.32 0.71 4.23
N PRO A 60 -7.58 0.30 3.22
CA PRO A 60 -6.18 -0.17 3.33
C PRO A 60 -5.22 0.98 3.07
N GLN A 61 -4.09 0.96 3.69
CA GLN A 61 -3.10 2.07 3.46
C GLN A 61 -1.90 1.48 2.71
N ILE A 62 -1.36 2.23 1.81
CA ILE A 62 -0.19 1.74 1.04
C ILE A 62 1.04 2.53 1.38
N PHE A 63 2.10 1.83 1.43
CA PHE A 63 3.43 2.41 1.73
C PHE A 63 4.30 2.08 0.53
N VAL A 64 5.05 3.04 0.07
CA VAL A 64 5.92 2.78 -1.11
C VAL A 64 7.37 2.89 -0.68
N ASP A 65 8.01 1.77 -0.59
CA ASP A 65 9.46 1.73 -0.22
C ASP A 65 9.68 2.18 1.22
N GLN A 66 9.55 3.45 1.41
CA GLN A 66 9.75 4.02 2.78
C GLN A 66 8.70 5.05 3.18
N GLN A 67 7.87 5.51 2.28
CA GLN A 67 6.86 6.54 2.67
C GLN A 67 5.41 6.08 2.55
N HIS A 68 4.54 6.79 3.23
CA HIS A 68 3.09 6.43 3.18
C HIS A 68 2.47 7.21 2.01
N ILE A 69 1.70 6.53 1.22
CA ILE A 69 1.06 7.21 0.05
C ILE A 69 -0.39 7.55 0.36
N GLY A 70 -1.06 6.64 1.01
CA GLY A 70 -2.50 6.88 1.34
C GLY A 70 -3.31 5.63 1.03
N GLY A 71 -4.48 5.82 0.53
CA GLY A 71 -5.34 4.64 0.20
C GLY A 71 -5.05 4.18 -1.23
N TYR A 72 -5.63 3.08 -1.61
CA TYR A 72 -5.40 2.57 -3.00
C TYR A 72 -5.45 3.72 -4.03
N THR A 73 -6.44 4.55 -3.90
CA THR A 73 -6.60 5.72 -4.81
C THR A 73 -5.26 6.44 -4.98
N ASP A 74 -4.75 6.86 -3.86
CA ASP A 74 -3.46 7.58 -3.84
C ASP A 74 -2.38 6.71 -4.45
N PHE A 75 -2.42 5.44 -4.14
CA PHE A 75 -1.40 4.51 -4.72
C PHE A 75 -1.47 4.57 -6.25
N ALA A 76 -2.62 4.29 -6.80
CA ALA A 76 -2.76 4.31 -8.30
C ALA A 76 -2.28 5.65 -8.85
N ALA A 77 -2.85 6.71 -8.36
CA ALA A 77 -2.46 8.06 -8.83
C ALA A 77 -0.95 8.24 -8.65
N TRP A 78 -0.49 8.03 -7.44
CA TRP A 78 0.96 8.19 -7.17
C TRP A 78 1.78 7.48 -8.23
N VAL A 79 1.50 6.21 -8.39
CA VAL A 79 2.24 5.39 -9.39
C VAL A 79 2.31 6.11 -10.74
N LYS A 80 1.16 6.47 -11.26
CA LYS A 80 1.13 7.14 -12.60
C LYS A 80 2.22 8.21 -12.78
N GLU A 81 2.39 9.09 -11.83
CA GLU A 81 3.44 10.16 -12.00
C GLU A 81 4.70 9.88 -11.18
N ASN A 82 5.03 8.64 -11.04
CA ASN A 82 6.27 8.28 -10.29
C ASN A 82 6.96 7.12 -10.99
N LEU A 83 6.18 6.13 -11.29
CA LEU A 83 6.73 4.92 -11.98
C LEU A 83 6.16 4.84 -13.38
N ASP A 84 6.18 5.94 -14.04
CA ASP A 84 5.67 5.96 -15.44
C ASP A 84 6.82 5.48 -16.36
N ALA A 85 7.36 4.36 -15.94
CA ALA A 85 8.51 3.68 -16.63
C ALA A 85 8.83 2.41 -15.83
#